data_2DNS
#
_entry.id   2DNS
#
_cell.length_a   77.067
_cell.length_b   123.702
_cell.length_c   116.046
_cell.angle_alpha   90.00
_cell.angle_beta   104.44
_cell.angle_gamma   90.00
#
_symmetry.space_group_name_H-M   'P 1 21 1'
#
loop_
_entity.id
_entity.type
_entity.pdbx_description
1 polymer 'D-amino acid amidase'
2 non-polymer 'BARIUM ION'
3 non-polymer D-PHENYLALANINE
4 water water
#
_entity_poly.entity_id   1
_entity_poly.type   'polypeptide(L)'
_entity_poly.pdbx_seq_one_letter_code
;MSDLNNAIQGILDDHVARGVVGVSLALCLPGEETSLYQSGYADKFNKMPMTGDHLFRIASCTKSFIATGLHLLVQDGTVD
LDEPITRWFPDLPKAAQMPVRILLNHRSGLPDFETSMPMISDKSWTAQEIVDFSFRHGVQKEPWHGMEYSNTGYVLAGMI
IAHETGKPYSDHLRSRIFAPLGMKDTWVGTHETFPIEREARGYMHAAADDENPQWDVSGAGDPVDGVWDSTEWFPLSGAN
AAGDMVSTPRDIVKFLNALFDGRILDQKRLWEMKDNIKPAFFPGSNTVANGHGLLLMRYGSSELKGHLGQIPGHTSIMGR
DEETGAALMLIQNSGAGDFESFYLKGVNEPVDRVLEAIKNSRS
;
_entity_poly.pdbx_strand_id   A,B,C,D,E,F
#
# COMPACT_ATOMS: atom_id res chain seq x y z
N SER A 2 -26.85 -17.94 13.47
CA SER A 2 -27.07 -16.47 13.29
C SER A 2 -26.13 -15.92 12.22
N ASP A 3 -26.36 -14.67 11.82
CA ASP A 3 -25.46 -13.96 10.91
C ASP A 3 -24.06 -13.81 11.53
N LEU A 4 -24.02 -13.60 12.84
CA LEU A 4 -22.76 -13.49 13.58
C LEU A 4 -21.94 -14.77 13.50
N ASN A 5 -22.58 -15.90 13.75
CA ASN A 5 -21.95 -17.21 13.59
C ASN A 5 -21.27 -17.40 12.25
N ASN A 6 -21.94 -17.01 11.18
CA ASN A 6 -21.40 -17.15 9.83
C ASN A 6 -20.32 -16.11 9.49
N ALA A 7 -20.42 -14.93 10.07
CA ALA A 7 -19.41 -13.90 9.89
C ALA A 7 -18.08 -14.29 10.56
N ILE A 8 -18.17 -14.89 11.75
CA ILE A 8 -17.01 -15.31 12.54
C ILE A 8 -16.29 -16.53 11.92
N GLN A 9 -17.06 -17.51 11.47
CA GLN A 9 -16.48 -18.69 10.81
C GLN A 9 -15.78 -18.30 9.51
N GLY A 10 -16.29 -17.26 8.84
CA GLY A 10 -15.66 -16.72 7.64
C GLY A 10 -14.33 -16.04 7.92
N ILE A 11 -14.25 -15.32 9.05
CA ILE A 11 -13.03 -14.65 9.49
C ILE A 11 -11.92 -15.69 9.74
N LEU A 12 -12.28 -16.77 10.43
CA LEU A 12 -11.36 -17.86 10.69
C LEU A 12 -10.94 -18.56 9.41
N ASP A 13 -11.90 -18.80 8.50
CA ASP A 13 -11.61 -19.43 7.21
C ASP A 13 -10.67 -18.60 6.35
N ASP A 14 -10.89 -17.29 6.34
CA ASP A 14 -10.04 -16.39 5.56
C ASP A 14 -8.64 -16.30 6.17
N HIS A 15 -8.55 -16.51 7.48
CA HIS A 15 -7.27 -16.41 8.16
C HIS A 15 -6.42 -17.64 7.88
N VAL A 16 -7.03 -18.83 7.92
CA VAL A 16 -6.31 -20.05 7.55
C VAL A 16 -5.96 -20.11 6.06
N ALA A 17 -6.80 -19.52 5.22
CA ALA A 17 -6.51 -19.34 3.80
C ALA A 17 -5.33 -18.40 3.53
N ARG A 18 -4.91 -17.65 4.55
CA ARG A 18 -3.75 -16.74 4.41
C ARG A 18 -2.43 -17.50 4.52
N GLY A 19 -2.51 -18.76 4.94
CA GLY A 19 -1.31 -19.57 5.20
C GLY A 19 -1.29 -20.17 6.61
N VAL A 20 -2.14 -19.68 7.49
CA VAL A 20 -2.25 -20.18 8.87
C VAL A 20 -2.80 -21.61 8.91
N VAL A 21 -2.06 -22.54 9.54
CA VAL A 21 -2.41 -23.97 9.51
C VAL A 21 -3.79 -24.24 10.10
N GLY A 22 -4.05 -23.66 11.27
CA GLY A 22 -5.33 -23.84 11.92
C GLY A 22 -5.54 -22.85 13.03
N VAL A 23 -6.80 -22.73 13.44
CA VAL A 23 -7.19 -21.81 14.49
C VAL A 23 -8.36 -22.38 15.29
N SER A 24 -8.30 -22.16 16.60
CA SER A 24 -9.34 -22.56 17.54
C SER A 24 -9.74 -21.33 18.33
N LEU A 25 -11.05 -21.05 18.39
CA LEU A 25 -11.60 -19.88 19.08
C LEU A 25 -12.72 -20.27 20.05
N ALA A 26 -12.78 -19.56 21.18
CA ALA A 26 -13.89 -19.66 22.10
C ALA A 26 -14.36 -18.23 22.36
N LEU A 27 -15.67 -18.02 22.34
CA LEU A 27 -16.24 -16.69 22.51
C LEU A 27 -17.52 -16.71 23.32
N CYS A 28 -17.46 -16.05 24.47
CA CYS A 28 -18.65 -15.87 25.27
C CYS A 28 -19.12 -14.41 25.23
N LEU A 29 -20.37 -14.26 24.83
CA LEU A 29 -21.04 -12.98 24.77
C LEU A 29 -22.00 -12.93 25.95
N PRO A 30 -22.29 -11.72 26.45
CA PRO A 30 -23.22 -11.60 27.60
C PRO A 30 -24.62 -12.19 27.35
N GLY A 31 -25.12 -12.95 28.32
CA GLY A 31 -26.44 -13.59 28.24
C GLY A 31 -26.50 -14.76 27.30
N GLU A 32 -25.35 -15.40 27.07
CA GLU A 32 -25.19 -16.51 26.14
C GLU A 32 -24.21 -17.53 26.66
N GLU A 33 -24.28 -18.74 26.09
CA GLU A 33 -23.31 -19.81 26.33
C GLU A 33 -22.05 -19.55 25.49
N THR A 34 -20.92 -20.14 25.89
CA THR A 34 -19.69 -20.06 25.12
C THR A 34 -19.88 -20.80 23.82
N SER A 35 -19.64 -20.12 22.70
CA SER A 35 -19.71 -20.77 21.39
C SER A 35 -18.31 -20.89 20.79
N LEU A 36 -17.96 -22.11 20.36
CA LEU A 36 -16.63 -22.45 19.83
C LEU A 36 -16.62 -22.54 18.31
N TYR A 37 -15.53 -22.04 17.72
CA TYR A 37 -15.33 -22.06 16.27
C TYR A 37 -13.90 -22.47 16.00
N GLN A 38 -13.72 -23.42 15.09
CA GLN A 38 -12.39 -23.77 14.58
C GLN A 38 -12.36 -23.72 13.08
N SER A 39 -11.18 -23.49 12.53
CA SER A 39 -10.93 -23.65 11.11
C SER A 39 -9.54 -24.21 10.91
N GLY A 40 -9.34 -24.91 9.79
CA GLY A 40 -8.05 -25.46 9.44
C GLY A 40 -7.72 -26.73 10.18
N TYR A 41 -6.43 -26.98 10.37
CA TYR A 41 -5.95 -28.28 10.85
C TYR A 41 -5.20 -28.21 12.18
N ALA A 42 -5.39 -29.23 13.01
CA ALA A 42 -4.56 -29.40 14.20
C ALA A 42 -3.25 -30.10 13.83
N ASP A 43 -3.35 -30.98 12.83
CA ASP A 43 -2.23 -31.78 12.34
C ASP A 43 -2.11 -31.57 10.84
N LYS A 44 -1.10 -30.80 10.43
CA LYS A 44 -0.92 -30.40 9.04
C LYS A 44 -0.76 -31.61 8.12
N PHE A 45 0.12 -32.53 8.52
CA PHE A 45 0.49 -33.67 7.68
C PHE A 45 -0.47 -34.87 7.73
N ASN A 46 -1.24 -35.00 8.82
CA ASN A 46 -2.29 -36.03 8.90
C ASN A 46 -3.66 -35.52 8.46
N LYS A 47 -3.74 -34.21 8.19
CA LYS A 47 -4.98 -33.55 7.80
C LYS A 47 -6.11 -33.73 8.84
N MET A 48 -5.74 -33.90 10.11
CA MET A 48 -6.72 -33.92 11.19
C MET A 48 -7.36 -32.53 11.32
N PRO A 49 -8.71 -32.47 11.23
CA PRO A 49 -9.40 -31.19 11.48
C PRO A 49 -9.25 -30.73 12.92
N MET A 50 -9.12 -29.41 13.10
CA MET A 50 -9.04 -28.76 14.41
C MET A 50 -10.41 -28.81 15.10
N THR A 51 -10.42 -29.28 16.35
CA THR A 51 -11.62 -29.22 17.20
C THR A 51 -11.40 -28.32 18.42
N GLY A 52 -12.46 -28.17 19.22
CA GLY A 52 -12.43 -27.40 20.45
C GLY A 52 -11.85 -28.19 21.61
N ASP A 53 -11.49 -29.45 21.32
CA ASP A 53 -10.87 -30.33 22.30
C ASP A 53 -9.36 -30.44 22.11
N HIS A 54 -8.87 -29.82 21.04
CA HIS A 54 -7.43 -29.71 20.81
C HIS A 54 -6.80 -28.77 21.85
N LEU A 55 -5.76 -29.29 22.50
CA LEU A 55 -5.04 -28.57 23.55
C LEU A 55 -4.00 -27.69 22.88
N PHE A 56 -3.71 -26.54 23.51
CA PHE A 56 -2.64 -25.65 23.07
C PHE A 56 -1.76 -25.24 24.26
N ARG A 57 -0.51 -24.90 23.95
CA ARG A 57 0.35 -24.21 24.89
C ARG A 57 -0.06 -22.74 24.84
N ILE A 58 -0.52 -22.21 25.99
CA ILE A 58 -1.04 -20.82 26.04
C ILE A 58 0.06 -19.78 26.27
N ALA A 59 1.29 -20.27 26.45
CA ALA A 59 2.50 -19.43 26.53
C ALA A 59 2.34 -18.34 27.57
N SER A 60 2.50 -17.02 27.51
CA SER A 60 2.45 -15.91 28.45
C SER A 60 1.02 -15.67 28.87
N CYS A 61 -0.12 -16.14 28.39
CA CYS A 61 -1.46 -16.26 29.00
C CYS A 61 -1.40 -16.95 30.35
N THR A 62 -0.45 -17.88 30.51
CA THR A 62 -0.06 -18.48 31.80
C THR A 62 0.12 -17.42 32.88
N LYS A 63 0.66 -16.26 32.47
CA LYS A 63 0.99 -15.13 33.35
C LYS A 63 -0.21 -14.53 34.08
N SER A 64 -1.40 -14.61 33.48
CA SER A 64 -2.63 -14.08 34.06
C SER A 64 -3.17 -14.98 35.19
N PHE A 65 -2.83 -16.26 35.13
CA PHE A 65 -3.11 -17.24 36.19
C PHE A 65 -2.12 -17.13 37.37
N ILE A 66 -0.84 -16.92 37.07
CA ILE A 66 0.19 -16.73 38.10
C ILE A 66 -0.06 -15.46 38.93
N ALA A 67 -0.46 -14.38 38.28
CA ALA A 67 -0.91 -13.16 38.95
C ALA A 67 -2.14 -13.40 39.86
N THR A 68 -3.14 -14.08 39.32
CA THR A 68 -4.34 -14.48 40.07
C THR A 68 -3.94 -15.28 41.31
N GLY A 69 -3.18 -16.34 41.12
CA GLY A 69 -2.66 -17.12 42.23
C GLY A 69 -1.96 -16.25 43.27
N LEU A 70 -1.18 -15.28 42.79
CA LEU A 70 -0.47 -14.37 43.68
C LEU A 70 -1.43 -13.48 44.45
N HIS A 71 -2.35 -12.87 43.70
CA HIS A 71 -3.44 -12.06 44.25
C HIS A 71 -4.32 -12.83 45.22
N LEU A 72 -4.51 -14.13 44.98
CA LEU A 72 -5.25 -14.98 45.93
C LEU A 72 -4.56 -15.03 47.29
N LEU A 73 -3.21 -15.12 47.29
CA LEU A 73 -2.39 -15.12 48.51
C LEU A 73 -2.30 -13.74 49.19
N VAL A 74 -2.74 -12.70 48.50
CA VAL A 74 -2.87 -11.37 49.09
C VAL A 74 -4.19 -11.33 49.87
N GLN A 75 -5.21 -11.96 49.31
CA GLN A 75 -6.49 -12.13 49.98
C GLN A 75 -6.33 -13.06 51.17
N ASP A 76 -5.46 -14.06 51.03
CA ASP A 76 -5.17 -14.98 52.14
C ASP A 76 -4.45 -14.28 53.32
N GLY A 77 -3.94 -13.06 53.09
CA GLY A 77 -3.30 -12.24 54.12
C GLY A 77 -1.81 -12.46 54.29
N THR A 78 -1.29 -13.48 53.60
CA THR A 78 0.11 -13.89 53.74
C THR A 78 1.11 -13.04 52.92
N VAL A 79 0.62 -12.40 51.86
CA VAL A 79 1.46 -11.62 50.94
C VAL A 79 0.93 -10.19 50.79
N ASP A 80 1.86 -9.24 50.73
CA ASP A 80 1.53 -7.81 50.59
C ASP A 80 2.11 -7.31 49.28
N LEU A 81 1.26 -6.73 48.42
CA LEU A 81 1.71 -6.24 47.10
C LEU A 81 2.80 -5.16 47.17
N ASP A 82 2.89 -4.48 48.31
CA ASP A 82 3.81 -3.35 48.43
C ASP A 82 5.09 -3.65 49.21
N GLU A 83 5.17 -4.84 49.80
CA GLU A 83 6.35 -5.25 50.58
C GLU A 83 7.50 -5.71 49.69
N PRO A 84 8.76 -5.46 50.11
CA PRO A 84 9.93 -5.88 49.32
C PRO A 84 10.06 -7.40 49.19
N ILE A 85 10.60 -7.85 48.05
CA ILE A 85 10.77 -9.29 47.78
C ILE A 85 12.02 -9.90 48.46
N THR A 86 12.85 -9.05 49.07
CA THR A 86 13.99 -9.51 49.88
C THR A 86 13.60 -10.59 50.92
N ARG A 87 12.36 -10.49 51.40
CA ARG A 87 11.74 -11.51 52.24
C ARG A 87 11.89 -12.93 51.69
N TRP A 88 11.90 -13.05 50.35
CA TRP A 88 11.98 -14.33 49.65
C TRP A 88 13.27 -14.46 48.86
N PHE A 89 13.80 -13.33 48.39
CA PHE A 89 15.02 -13.32 47.57
C PHE A 89 15.99 -12.24 48.11
N PRO A 90 16.65 -12.54 49.25
CA PRO A 90 17.47 -11.52 49.91
C PRO A 90 18.77 -11.23 49.16
N ASP A 91 19.27 -12.23 48.43
CA ASP A 91 20.52 -12.09 47.70
C ASP A 91 20.36 -11.62 46.25
N LEU A 92 19.12 -11.40 45.83
CA LEU A 92 18.83 -10.93 44.47
C LEU A 92 19.21 -9.45 44.31
N PRO A 93 20.11 -9.15 43.36
CA PRO A 93 20.53 -7.77 43.17
C PRO A 93 19.34 -6.84 43.04
N LYS A 94 19.42 -5.69 43.71
CA LYS A 94 18.39 -4.63 43.69
C LYS A 94 17.03 -5.03 44.27
N ALA A 95 16.97 -6.16 44.96
CA ALA A 95 15.70 -6.68 45.47
C ALA A 95 14.98 -5.72 46.42
N ALA A 96 15.73 -4.93 47.19
CA ALA A 96 15.15 -4.00 48.16
C ALA A 96 14.29 -2.89 47.52
N GLN A 97 14.57 -2.61 46.25
CA GLN A 97 13.81 -1.62 45.47
C GLN A 97 12.58 -2.25 44.78
N MET A 98 12.30 -3.51 45.10
CA MET A 98 11.30 -4.28 44.37
C MET A 98 10.16 -4.77 45.27
N PRO A 99 9.03 -4.02 45.31
CA PRO A 99 7.81 -4.56 45.93
C PRO A 99 7.24 -5.75 45.17
N VAL A 100 6.38 -6.54 45.81
CA VAL A 100 5.77 -7.71 45.17
C VAL A 100 5.08 -7.37 43.83
N ARG A 101 4.47 -6.19 43.74
CA ARG A 101 3.79 -5.75 42.51
C ARG A 101 4.67 -5.61 41.26
N ILE A 102 5.95 -5.25 41.42
CA ILE A 102 6.82 -5.08 40.22
C ILE A 102 7.20 -6.36 39.52
N LEU A 103 6.95 -7.48 40.19
CA LEU A 103 7.07 -8.78 39.58
C LEU A 103 5.99 -8.94 38.49
N LEU A 104 4.83 -8.32 38.71
CA LEU A 104 3.65 -8.53 37.85
C LEU A 104 3.43 -7.47 36.78
N ASN A 105 3.97 -6.28 37.00
CA ASN A 105 3.65 -5.11 36.20
C ASN A 105 4.68 -4.73 35.12
N HIS A 106 5.68 -5.58 34.92
CA HIS A 106 6.69 -5.37 33.86
C HIS A 106 7.50 -4.08 33.99
N ARG A 107 7.63 -3.55 35.21
CA ARG A 107 8.47 -2.38 35.50
C ARG A 107 9.67 -2.64 36.44
N SER A 108 10.02 -3.90 36.62
CA SER A 108 10.98 -4.32 37.64
C SER A 108 12.44 -4.07 37.25
N GLY A 109 12.73 -4.07 35.96
CA GLY A 109 14.09 -3.91 35.45
C GLY A 109 14.87 -5.20 35.45
N LEU A 110 14.23 -6.29 35.87
CA LEU A 110 14.88 -7.59 35.96
C LEU A 110 15.47 -8.01 34.61
N PRO A 111 16.63 -8.72 34.63
CA PRO A 111 17.19 -9.24 33.37
C PRO A 111 16.40 -10.44 32.88
N ASP A 112 16.24 -10.59 31.57
CA ASP A 112 15.39 -11.64 31.03
C ASP A 112 16.16 -12.83 30.47
N PHE A 113 15.46 -13.97 30.38
CA PHE A 113 16.06 -15.22 29.95
C PHE A 113 15.59 -15.75 28.59
N GLU A 114 14.47 -15.27 28.06
CA GLU A 114 13.80 -15.92 26.95
C GLU A 114 14.57 -15.87 25.61
N THR A 115 15.21 -14.75 25.36
CA THR A 115 15.94 -14.56 24.11
C THR A 115 17.28 -15.32 24.04
N SER A 116 17.77 -15.76 25.20
CA SER A 116 19.05 -16.48 25.31
C SER A 116 18.86 -17.98 25.48
N MET A 117 17.66 -18.37 25.89
CA MET A 117 17.32 -19.76 26.20
C MET A 117 17.07 -20.58 24.94
N PRO A 118 17.86 -21.67 24.74
CA PRO A 118 17.67 -22.54 23.59
C PRO A 118 16.24 -23.06 23.53
N MET A 119 15.57 -22.86 22.39
CA MET A 119 14.18 -23.31 22.25
C MET A 119 14.08 -24.78 21.92
N ILE A 120 15.19 -25.35 21.45
CA ILE A 120 15.26 -26.79 21.16
C ILE A 120 16.24 -27.50 22.11
N SER A 121 15.67 -28.32 23.00
CA SER A 121 16.43 -29.11 23.97
C SER A 121 15.49 -30.08 24.68
N ASP A 122 16.07 -30.95 25.49
CA ASP A 122 15.31 -31.85 26.36
C ASP A 122 15.66 -31.57 27.82
N LYS A 123 16.17 -30.36 28.05
CA LYS A 123 16.62 -29.94 29.37
C LYS A 123 15.46 -29.48 30.27
N SER A 124 15.35 -30.07 31.46
CA SER A 124 14.38 -29.63 32.45
C SER A 124 14.95 -28.50 33.30
N TRP A 125 14.11 -27.54 33.62
CA TRP A 125 14.57 -26.37 34.36
C TRP A 125 13.98 -26.31 35.76
N THR A 126 14.79 -25.74 36.64
CA THR A 126 14.38 -25.35 37.98
C THR A 126 14.01 -23.87 37.87
N ALA A 127 13.12 -23.43 38.75
CA ALA A 127 12.79 -22.02 38.87
C ALA A 127 14.06 -21.20 39.12
N GLN A 128 14.87 -21.63 40.09
CA GLN A 128 16.12 -20.96 40.45
C GLN A 128 17.16 -20.99 39.33
N GLU A 129 17.16 -22.08 38.57
CA GLU A 129 18.06 -22.29 37.44
C GLU A 129 17.80 -21.27 36.32
N ILE A 130 16.52 -20.93 36.15
CA ILE A 130 16.08 -19.92 35.18
C ILE A 130 16.48 -18.53 35.65
N VAL A 131 16.40 -18.31 36.97
CA VAL A 131 16.77 -17.01 37.56
C VAL A 131 18.28 -16.77 37.48
N ASP A 132 19.08 -17.80 37.79
CA ASP A 132 20.53 -17.67 37.65
C ASP A 132 20.90 -17.43 36.18
N PHE A 133 20.26 -18.18 35.28
CA PHE A 133 20.37 -18.00 33.82
C PHE A 133 20.05 -16.56 33.36
N SER A 134 18.97 -15.97 33.90
CA SER A 134 18.55 -14.58 33.59
C SER A 134 19.63 -13.55 33.89
N PHE A 135 20.24 -13.66 35.07
CA PHE A 135 21.25 -12.72 35.51
C PHE A 135 22.58 -12.88 34.78
N ARG A 136 22.84 -14.11 34.34
CA ARG A 136 24.06 -14.46 33.63
C ARG A 136 24.05 -13.93 32.19
N HIS A 137 22.87 -13.88 31.58
CA HIS A 137 22.77 -13.58 30.15
C HIS A 137 21.99 -12.30 29.81
N GLY A 138 21.13 -11.88 30.73
CA GLY A 138 20.29 -10.71 30.51
C GLY A 138 20.92 -9.44 31.05
N VAL A 139 20.19 -8.34 30.90
CA VAL A 139 20.64 -7.01 31.28
C VAL A 139 19.70 -6.50 32.35
N GLN A 140 20.23 -6.16 33.52
CA GLN A 140 19.40 -5.60 34.60
C GLN A 140 19.33 -4.09 34.55
N LYS A 141 18.11 -3.56 34.51
CA LYS A 141 17.85 -2.14 34.63
C LYS A 141 17.38 -1.86 36.06
N GLU A 142 17.16 -0.59 36.40
CA GLU A 142 16.67 -0.20 37.73
C GLU A 142 15.16 -0.39 37.79
N PRO A 143 14.64 -0.79 38.96
CA PRO A 143 13.20 -0.85 39.17
C PRO A 143 12.50 0.46 38.82
N TRP A 144 11.33 0.35 38.20
CA TRP A 144 10.51 1.52 37.82
C TRP A 144 11.08 2.38 36.68
N HIS A 145 12.08 1.87 35.97
CA HIS A 145 12.73 2.59 34.86
C HIS A 145 11.74 2.97 33.75
N GLY A 146 10.71 2.16 33.59
CA GLY A 146 9.78 2.26 32.48
C GLY A 146 9.24 0.86 32.29
N MET A 147 8.37 0.67 31.32
CA MET A 147 7.86 -0.66 31.08
C MET A 147 8.81 -1.44 30.17
N GLU A 148 9.18 -2.63 30.59
CA GLU A 148 9.83 -3.55 29.70
C GLU A 148 9.42 -4.95 30.08
N TYR A 149 8.75 -5.62 29.14
CA TYR A 149 8.17 -6.93 29.40
C TYR A 149 9.17 -7.86 30.09
N SER A 150 8.76 -8.40 31.24
CA SER A 150 9.59 -9.32 32.03
C SER A 150 8.93 -10.68 32.26
N ASN A 151 9.60 -11.73 31.79
CA ASN A 151 9.30 -13.12 32.13
C ASN A 151 9.83 -13.50 33.52
N THR A 152 11.08 -13.10 33.78
CA THR A 152 11.76 -13.34 35.07
C THR A 152 10.90 -12.97 36.29
N GLY A 153 10.22 -11.83 36.21
CA GLY A 153 9.33 -11.36 37.25
C GLY A 153 8.22 -12.32 37.58
N TYR A 154 7.70 -13.00 36.55
CA TYR A 154 6.66 -14.02 36.73
C TYR A 154 7.20 -15.37 37.21
N VAL A 155 8.45 -15.67 36.90
CA VAL A 155 9.11 -16.85 37.43
C VAL A 155 9.35 -16.68 38.93
N LEU A 156 9.78 -15.48 39.32
CA LEU A 156 9.93 -15.13 40.74
C LEU A 156 8.57 -15.15 41.45
N ALA A 157 7.55 -14.57 40.80
CA ALA A 157 6.17 -14.63 41.29
C ALA A 157 5.76 -16.08 41.63
N GLY A 158 6.12 -17.02 40.75
CA GLY A 158 5.81 -18.43 40.98
C GLY A 158 6.48 -19.00 42.22
N MET A 159 7.72 -18.60 42.44
CA MET A 159 8.53 -19.07 43.59
C MET A 159 7.98 -18.57 44.91
N ILE A 160 7.43 -17.36 44.90
CA ILE A 160 6.73 -16.82 46.06
C ILE A 160 5.54 -17.73 46.37
N ILE A 161 4.76 -18.05 45.34
CA ILE A 161 3.59 -18.93 45.49
C ILE A 161 3.97 -20.27 46.12
N ALA A 162 5.00 -20.90 45.58
CA ALA A 162 5.54 -22.14 46.12
C ALA A 162 5.95 -22.02 47.61
N HIS A 163 6.66 -20.94 47.96
CA HIS A 163 7.15 -20.76 49.33
C HIS A 163 6.00 -20.50 50.31
N GLU A 164 5.00 -19.76 49.85
CA GLU A 164 3.89 -19.34 50.70
C GLU A 164 2.83 -20.42 50.91
N THR A 165 2.84 -21.43 50.05
CA THR A 165 1.86 -22.51 50.09
C THR A 165 2.50 -23.87 50.35
N GLY A 166 3.84 -23.91 50.38
CA GLY A 166 4.59 -25.14 50.65
C GLY A 166 4.60 -26.20 49.54
N LYS A 167 3.76 -26.01 48.52
CA LYS A 167 3.69 -26.93 47.38
C LYS A 167 4.05 -26.19 46.07
N PRO A 168 4.39 -26.93 45.00
CA PRO A 168 4.59 -26.30 43.68
C PRO A 168 3.41 -25.41 43.28
N TYR A 169 3.67 -24.36 42.49
CA TYR A 169 2.60 -23.37 42.16
C TYR A 169 1.41 -23.96 41.42
N SER A 170 1.62 -25.08 40.72
CA SER A 170 0.55 -25.85 40.07
C SER A 170 -0.57 -26.32 41.03
N ASP A 171 -0.17 -26.77 42.22
CA ASP A 171 -1.11 -27.19 43.26
C ASP A 171 -2.08 -26.08 43.66
N HIS A 172 -1.55 -24.85 43.78
CA HIS A 172 -2.32 -23.69 44.19
C HIS A 172 -3.28 -23.24 43.08
N LEU A 173 -2.78 -23.19 41.85
CA LEU A 173 -3.59 -22.82 40.69
C LEU A 173 -4.69 -23.85 40.40
N ARG A 174 -4.41 -25.13 40.63
CA ARG A 174 -5.41 -26.19 40.43
C ARG A 174 -6.54 -26.15 41.48
N SER A 175 -6.16 -26.14 42.76
CA SER A 175 -7.11 -26.15 43.88
C SER A 175 -7.95 -24.87 44.01
N ARG A 176 -7.38 -23.74 43.58
CA ARG A 176 -8.03 -22.43 43.73
C ARG A 176 -8.68 -21.90 42.44
N ILE A 177 -8.19 -22.34 41.28
CA ILE A 177 -8.74 -21.90 39.98
C ILE A 177 -9.33 -23.03 39.10
N PHE A 178 -8.50 -23.97 38.66
CA PHE A 178 -8.95 -24.99 37.69
C PHE A 178 -10.12 -25.84 38.21
N ALA A 179 -9.97 -26.35 39.43
CA ALA A 179 -10.96 -27.23 40.04
C ALA A 179 -12.33 -26.58 40.30
N PRO A 180 -12.38 -25.43 41.03
CA PRO A 180 -13.69 -24.82 41.28
C PRO A 180 -14.39 -24.25 40.05
N LEU A 181 -13.67 -24.14 38.93
CA LEU A 181 -14.26 -23.59 37.71
C LEU A 181 -14.68 -24.67 36.73
N GLY A 182 -14.26 -25.91 36.99
CA GLY A 182 -14.54 -27.04 36.12
C GLY A 182 -13.60 -27.15 34.95
N MET A 183 -12.40 -26.57 35.08
CA MET A 183 -11.39 -26.61 34.02
C MET A 183 -10.66 -27.95 34.01
N LYS A 184 -11.16 -28.86 33.18
CA LYS A 184 -10.69 -30.24 33.17
C LYS A 184 -9.68 -30.52 32.06
N ASP A 185 -9.50 -29.56 31.16
CA ASP A 185 -8.53 -29.68 30.06
C ASP A 185 -7.42 -28.63 30.18
N THR A 186 -6.91 -28.44 31.38
CA THR A 186 -5.91 -27.42 31.66
C THR A 186 -4.82 -27.98 32.57
N TRP A 187 -3.56 -27.83 32.15
CA TRP A 187 -2.41 -28.30 32.92
C TRP A 187 -1.35 -27.21 33.02
N VAL A 188 -0.55 -27.31 34.08
CA VAL A 188 0.62 -26.49 34.29
C VAL A 188 1.84 -27.32 33.90
N GLY A 189 2.46 -26.97 32.78
CA GLY A 189 3.51 -27.77 32.15
C GLY A 189 4.70 -28.20 32.99
N THR A 190 5.27 -27.28 33.77
CA THR A 190 6.45 -27.54 34.61
C THR A 190 6.27 -28.65 35.64
N HIS A 191 5.08 -28.74 36.23
CA HIS A 191 4.85 -29.62 37.37
C HIS A 191 3.79 -30.70 37.10
N GLU A 192 3.18 -30.68 35.93
CA GLU A 192 2.12 -31.65 35.63
C GLU A 192 2.31 -32.27 34.25
N THR A 193 1.97 -33.55 34.13
CA THR A 193 1.96 -34.20 32.82
C THR A 193 0.63 -33.91 32.14
N PHE A 194 0.66 -33.80 30.82
CA PHE A 194 -0.54 -33.49 30.06
C PHE A 194 -0.57 -34.44 28.86
N PRO A 195 -1.78 -34.75 28.36
CA PRO A 195 -1.89 -35.69 27.24
C PRO A 195 -1.41 -35.11 25.91
N ILE A 196 -0.12 -35.31 25.62
CA ILE A 196 0.52 -34.84 24.37
C ILE A 196 -0.30 -35.19 23.14
N GLU A 197 -0.92 -36.37 23.15
CA GLU A 197 -1.67 -36.89 22.00
C GLU A 197 -2.85 -36.01 21.66
N ARG A 198 -3.34 -35.28 22.65
CA ARG A 198 -4.50 -34.41 22.51
C ARG A 198 -4.19 -32.98 22.04
N GLU A 199 -2.90 -32.65 21.95
CA GLU A 199 -2.49 -31.29 21.63
C GLU A 199 -2.47 -31.04 20.12
N ALA A 200 -3.01 -29.90 19.71
CA ALA A 200 -2.80 -29.41 18.35
C ALA A 200 -1.30 -29.25 18.10
N ARG A 201 -0.85 -29.66 16.92
CA ARG A 201 0.56 -29.59 16.58
C ARG A 201 0.93 -28.13 16.35
N GLY A 202 2.19 -27.81 16.59
CA GLY A 202 2.66 -26.44 16.49
C GLY A 202 3.62 -26.26 15.34
N TYR A 203 3.37 -25.22 14.55
CA TYR A 203 4.11 -24.98 13.32
C TYR A 203 4.85 -23.66 13.31
N MET A 204 6.18 -23.76 13.15
CA MET A 204 7.00 -22.60 12.87
C MET A 204 7.10 -22.52 11.36
N HIS A 205 6.82 -21.35 10.80
CA HIS A 205 6.86 -21.17 9.35
C HIS A 205 8.21 -20.57 8.99
N ALA A 206 8.80 -21.12 7.92
CA ALA A 206 9.94 -20.51 7.28
C ALA A 206 9.33 -19.44 6.40
N ALA A 207 9.26 -18.23 6.95
CA ALA A 207 8.63 -17.12 6.29
C ALA A 207 9.68 -16.06 5.97
N ALA A 208 9.44 -15.30 4.90
CA ALA A 208 10.33 -14.24 4.48
C ALA A 208 10.44 -13.09 5.49
N ASP A 209 9.36 -12.87 6.27
CA ASP A 209 9.34 -11.77 7.26
C ASP A 209 9.82 -12.17 8.65
N ASP A 210 10.26 -13.42 8.80
CA ASP A 210 10.95 -13.87 9.99
C ASP A 210 12.41 -13.42 9.87
N GLU A 211 12.59 -12.10 9.79
CA GLU A 211 13.88 -11.48 9.61
C GLU A 211 14.69 -11.37 10.88
N ASN A 212 14.02 -11.16 12.01
CA ASN A 212 14.69 -11.02 13.30
C ASN A 212 14.10 -11.95 14.37
N PRO A 213 14.50 -13.23 14.35
CA PRO A 213 13.96 -14.22 15.28
C PRO A 213 14.15 -13.82 16.75
N GLN A 214 13.11 -14.01 17.55
CA GLN A 214 13.17 -13.64 18.96
C GLN A 214 13.76 -14.75 19.82
N TRP A 215 13.95 -15.94 19.22
CA TRP A 215 14.40 -17.14 19.91
C TRP A 215 15.63 -17.77 19.27
N ASP A 216 16.46 -18.38 20.11
CA ASP A 216 17.51 -19.27 19.68
C ASP A 216 16.89 -20.60 19.18
N VAL A 217 16.63 -20.70 17.88
CA VAL A 217 16.01 -21.92 17.30
C VAL A 217 17.01 -22.82 16.52
N SER A 218 18.29 -22.77 16.89
CA SER A 218 19.29 -23.65 16.30
C SER A 218 19.01 -25.09 16.73
N GLY A 219 19.18 -26.02 15.79
CA GLY A 219 18.86 -27.42 16.01
C GLY A 219 17.55 -27.84 15.37
N ALA A 220 16.91 -26.93 14.63
CA ALA A 220 15.59 -27.17 14.03
C ALA A 220 15.61 -28.16 12.88
N GLY A 221 16.77 -28.28 12.24
CA GLY A 221 16.93 -29.14 11.08
C GLY A 221 16.27 -28.52 9.86
N ASP A 222 15.90 -29.38 8.93
CA ASP A 222 15.32 -28.90 7.70
C ASP A 222 13.80 -28.87 7.79
N PRO A 223 13.17 -27.84 7.18
CA PRO A 223 11.71 -27.78 7.15
C PRO A 223 11.12 -28.84 6.20
N VAL A 224 9.81 -29.05 6.30
CA VAL A 224 9.08 -29.92 5.39
C VAL A 224 7.80 -29.19 5.01
N ASP A 225 7.64 -28.94 3.71
CA ASP A 225 6.47 -28.24 3.19
C ASP A 225 6.30 -26.86 3.88
N GLY A 226 7.42 -26.13 3.97
CA GLY A 226 7.45 -24.77 4.50
C GLY A 226 7.33 -24.57 6.01
N VAL A 227 7.39 -25.67 6.78
CA VAL A 227 7.23 -25.60 8.24
C VAL A 227 8.12 -26.57 9.00
N TRP A 228 8.32 -26.28 10.28
CA TRP A 228 8.85 -27.23 11.23
C TRP A 228 7.72 -27.60 12.19
N ASP A 229 7.70 -28.84 12.65
CA ASP A 229 6.81 -29.23 13.72
C ASP A 229 7.51 -28.90 15.07
N SER A 230 7.18 -27.72 15.61
CA SER A 230 7.80 -27.21 16.83
C SER A 230 7.06 -27.56 18.13
N THR A 231 6.03 -28.40 18.04
CA THR A 231 5.21 -28.77 19.21
C THR A 231 6.06 -29.17 20.40
N GLU A 232 7.03 -30.06 20.17
CA GLU A 232 7.83 -30.63 21.25
C GLU A 232 9.29 -30.19 21.22
N TRP A 233 9.54 -29.01 20.64
CA TRP A 233 10.87 -28.37 20.64
C TRP A 233 11.32 -28.01 22.06
N PHE A 234 10.48 -27.24 22.75
CA PHE A 234 10.86 -26.59 24.01
C PHE A 234 10.22 -27.27 25.20
N PRO A 235 11.02 -27.65 26.22
CA PRO A 235 10.40 -28.12 27.46
C PRO A 235 9.71 -26.97 28.18
N LEU A 236 8.47 -27.19 28.61
CA LEU A 236 7.68 -26.13 29.27
C LEU A 236 8.29 -25.67 30.60
N SER A 237 9.14 -26.50 31.20
CA SER A 237 9.82 -26.13 32.42
C SER A 237 10.74 -24.91 32.21
N GLY A 238 11.15 -24.68 30.96
CA GLY A 238 11.97 -23.51 30.62
C GLY A 238 11.21 -22.20 30.69
N ALA A 239 9.91 -22.24 30.40
CA ALA A 239 9.02 -21.07 30.51
C ALA A 239 8.57 -20.87 31.94
N ASN A 240 8.37 -21.98 32.65
CA ASN A 240 7.94 -21.92 34.05
C ASN A 240 6.65 -21.06 34.19
N ALA A 241 6.59 -20.20 35.21
CA ALA A 241 5.42 -19.35 35.47
C ALA A 241 5.27 -18.19 34.46
N ALA A 242 6.24 -18.10 33.56
CA ALA A 242 6.20 -17.13 32.47
C ALA A 242 5.41 -17.65 31.25
N GLY A 243 5.17 -18.96 31.18
CA GLY A 243 4.41 -19.52 30.06
C GLY A 243 4.33 -21.02 29.87
N ASP A 244 4.13 -21.78 30.95
CA ASP A 244 4.13 -23.26 30.91
C ASP A 244 2.77 -23.96 30.83
N MET A 245 1.68 -23.22 30.83
CA MET A 245 0.36 -23.84 30.83
C MET A 245 -0.15 -24.36 29.49
N VAL A 246 -0.90 -25.46 29.56
CA VAL A 246 -1.60 -26.04 28.40
C VAL A 246 -3.11 -26.03 28.68
N SER A 247 -3.90 -25.72 27.67
CA SER A 247 -5.33 -25.52 27.85
C SER A 247 -6.06 -25.53 26.51
N THR A 248 -7.37 -25.38 26.57
CA THR A 248 -8.23 -25.19 25.40
C THR A 248 -8.82 -23.79 25.47
N PRO A 249 -9.18 -23.18 24.32
CA PRO A 249 -9.87 -21.90 24.34
C PRO A 249 -11.18 -21.92 25.14
N ARG A 250 -11.85 -23.08 25.20
CA ARG A 250 -13.08 -23.24 26.00
C ARG A 250 -12.81 -23.10 27.49
N ASP A 251 -11.83 -23.84 27.99
CA ASP A 251 -11.37 -23.71 29.37
C ASP A 251 -10.91 -22.30 29.74
N ILE A 252 -10.16 -21.61 28.86
CA ILE A 252 -9.68 -20.24 29.13
C ILE A 252 -10.84 -19.24 29.30
N VAL A 253 -11.85 -19.38 28.45
CA VAL A 253 -13.04 -18.54 28.54
C VAL A 253 -13.79 -18.82 29.85
N LYS A 254 -13.75 -20.06 30.31
CA LYS A 254 -14.25 -20.40 31.66
C LYS A 254 -13.59 -19.52 32.72
N PHE A 255 -12.26 -19.51 32.73
CA PHE A 255 -11.45 -18.67 33.62
C PHE A 255 -11.80 -17.19 33.49
N LEU A 256 -11.80 -16.67 32.26
CA LEU A 256 -11.98 -15.23 32.04
C LEU A 256 -13.33 -14.75 32.53
N ASN A 257 -14.42 -15.42 32.13
CA ASN A 257 -15.78 -15.02 32.58
C ASN A 257 -15.86 -14.89 34.09
N ALA A 258 -15.29 -15.86 34.78
CA ALA A 258 -15.35 -15.97 36.23
C ALA A 258 -14.46 -14.96 36.95
N LEU A 259 -13.33 -14.60 36.33
CA LEU A 259 -12.46 -13.54 36.85
C LEU A 259 -13.15 -12.19 36.81
N PHE A 260 -13.65 -11.83 35.63
CA PHE A 260 -14.30 -10.55 35.40
C PHE A 260 -15.69 -10.49 36.02
N ASP A 261 -16.06 -11.58 36.70
CA ASP A 261 -17.38 -11.75 37.31
C ASP A 261 -17.27 -11.89 38.82
N GLY A 262 -16.08 -11.63 39.37
CA GLY A 262 -15.88 -11.52 40.81
C GLY A 262 -15.81 -12.83 41.56
N ARG A 263 -15.81 -13.92 40.80
CA ARG A 263 -15.97 -15.25 41.35
C ARG A 263 -14.64 -15.93 41.68
N ILE A 264 -13.52 -15.29 41.35
CA ILE A 264 -12.21 -15.80 41.76
C ILE A 264 -11.54 -14.86 42.74
N LEU A 265 -11.29 -13.63 42.28
CA LEU A 265 -10.62 -12.59 43.05
C LEU A 265 -11.62 -11.57 43.56
N ASP A 266 -11.42 -11.14 44.80
CA ASP A 266 -12.23 -10.08 45.40
C ASP A 266 -12.01 -8.76 44.66
N GLN A 267 -12.87 -7.80 44.95
CA GLN A 267 -12.98 -6.59 44.15
C GLN A 267 -11.71 -5.74 44.16
N LYS A 268 -10.90 -5.85 45.21
CA LYS A 268 -9.65 -5.08 45.30
C LYS A 268 -8.49 -5.71 44.52
N ARG A 269 -8.31 -7.02 44.67
CA ARG A 269 -7.35 -7.79 43.87
C ARG A 269 -7.64 -7.77 42.35
N LEU A 270 -8.92 -7.72 41.98
CA LEU A 270 -9.33 -7.60 40.59
C LEU A 270 -8.97 -6.22 40.04
N TRP A 271 -9.10 -5.20 40.87
CA TRP A 271 -8.85 -3.82 40.47
C TRP A 271 -7.35 -3.58 40.23
N GLU A 272 -6.52 -4.19 41.08
CA GLU A 272 -5.08 -4.22 40.91
C GLU A 272 -4.74 -4.82 39.56
N MET A 273 -5.39 -5.93 39.26
CA MET A 273 -5.08 -6.72 38.09
C MET A 273 -5.41 -6.00 36.79
N LYS A 274 -6.59 -5.36 36.73
CA LYS A 274 -7.14 -4.79 35.51
C LYS A 274 -7.22 -3.27 35.45
N ASP A 275 -7.33 -2.61 36.61
CA ASP A 275 -7.58 -1.18 36.57
C ASP A 275 -6.42 -0.29 37.03
N ASN A 276 -5.54 -0.84 37.87
CA ASN A 276 -4.34 -0.15 38.34
C ASN A 276 -3.19 -0.28 37.33
N ILE A 277 -3.29 0.51 36.27
CA ILE A 277 -2.47 0.31 35.08
C ILE A 277 -1.47 1.45 34.81
N LYS A 278 -0.46 1.10 34.00
CA LYS A 278 0.46 2.06 33.39
C LYS A 278 0.67 1.66 31.93
N PRO A 279 1.20 2.58 31.09
CA PRO A 279 1.50 2.22 29.69
C PRO A 279 2.40 1.00 29.52
N ALA A 280 2.14 0.24 28.46
CA ALA A 280 2.86 -1.00 28.18
C ALA A 280 3.10 -1.17 26.69
N PHE A 281 4.20 -1.83 26.37
CA PHE A 281 4.57 -2.14 24.98
C PHE A 281 4.96 -3.62 24.85
N PHE A 282 4.43 -4.27 23.80
CA PHE A 282 4.97 -5.57 23.37
C PHE A 282 5.12 -5.57 21.86
N PRO A 283 6.36 -5.83 21.36
CA PRO A 283 6.68 -5.72 19.95
C PRO A 283 5.72 -6.49 19.06
N GLY A 284 5.21 -5.80 18.04
CA GLY A 284 4.20 -6.35 17.13
C GLY A 284 2.83 -6.70 17.70
N SER A 285 2.52 -6.27 18.92
CA SER A 285 1.19 -6.55 19.49
C SER A 285 0.31 -5.30 19.48
N ASN A 286 -0.89 -5.40 20.05
CA ASN A 286 -1.77 -4.22 20.19
C ASN A 286 -1.75 -3.66 21.61
N THR A 287 -0.83 -4.16 22.43
CA THR A 287 -0.70 -3.75 23.83
C THR A 287 -0.48 -2.25 23.92
N VAL A 288 -1.17 -1.62 24.88
CA VAL A 288 -1.05 -0.18 25.14
C VAL A 288 -0.80 0.09 26.63
N ALA A 289 -1.23 -0.84 27.47
CA ALA A 289 -1.16 -0.69 28.92
C ALA A 289 -1.06 -2.07 29.59
N ASN A 290 -0.74 -2.09 30.89
CA ASN A 290 -0.85 -3.31 31.69
C ASN A 290 -1.10 -3.02 33.17
N GLY A 291 -1.78 -3.96 33.82
CA GLY A 291 -1.96 -3.92 35.26
C GLY A 291 -0.98 -4.84 35.92
N HIS A 292 -1.50 -5.67 36.82
CA HIS A 292 -0.70 -6.65 37.57
C HIS A 292 -1.21 -8.04 37.21
N GLY A 293 -1.04 -8.41 35.93
CA GLY A 293 -1.49 -9.70 35.42
C GLY A 293 -2.25 -9.63 34.11
N LEU A 294 -2.57 -8.41 33.67
CA LEU A 294 -3.37 -8.24 32.46
C LEU A 294 -2.84 -7.11 31.58
N LEU A 295 -2.64 -7.45 30.31
CA LEU A 295 -2.29 -6.49 29.27
C LEU A 295 -3.57 -5.88 28.72
N LEU A 296 -3.54 -4.58 28.46
CA LEU A 296 -4.64 -3.93 27.79
C LEU A 296 -4.27 -3.81 26.31
N MET A 297 -5.00 -4.52 25.45
CA MET A 297 -4.68 -4.58 24.01
C MET A 297 -5.82 -3.96 23.21
N ARG A 298 -5.48 -2.95 22.42
CA ARG A 298 -6.43 -2.12 21.69
C ARG A 298 -6.64 -2.58 20.25
N TYR A 299 -7.89 -2.80 19.91
CA TYR A 299 -8.28 -3.22 18.59
C TYR A 299 -9.28 -2.22 18.00
N GLY A 300 -8.73 -1.14 17.45
CA GLY A 300 -9.54 -0.04 16.95
C GLY A 300 -10.33 0.57 18.09
N SER A 301 -11.64 0.35 18.06
CA SER A 301 -12.56 0.97 18.99
C SER A 301 -12.97 0.03 20.12
N SER A 302 -12.42 -1.18 20.11
CA SER A 302 -12.59 -2.14 21.21
C SER A 302 -11.26 -2.40 21.87
N GLU A 303 -11.30 -2.82 23.13
CA GLU A 303 -10.11 -3.17 23.87
C GLU A 303 -10.33 -4.48 24.60
N LEU A 304 -9.29 -5.29 24.65
CA LEU A 304 -9.32 -6.51 25.45
C LEU A 304 -8.36 -6.39 26.62
N LYS A 305 -8.80 -6.84 27.79
CA LYS A 305 -7.89 -6.98 28.92
C LYS A 305 -7.63 -8.47 29.08
N GLY A 306 -6.37 -8.85 28.96
CA GLY A 306 -6.01 -10.26 28.98
C GLY A 306 -4.54 -10.43 28.76
N HIS A 307 -4.18 -11.16 27.70
CA HIS A 307 -2.77 -11.45 27.42
C HIS A 307 -2.54 -11.99 26.01
N LEU A 308 -1.32 -11.79 25.51
CA LEU A 308 -0.85 -12.47 24.30
C LEU A 308 0.04 -13.61 24.75
N GLY A 309 0.16 -14.63 23.90
CA GLY A 309 1.04 -15.76 24.15
C GLY A 309 1.78 -16.16 22.88
N GLN A 310 3.10 -16.18 22.96
CA GLN A 310 3.95 -16.72 21.91
C GLN A 310 4.90 -17.78 22.46
N ILE A 311 4.72 -19.01 22.00
CA ILE A 311 5.63 -20.13 22.25
C ILE A 311 5.70 -20.90 20.92
N PRO A 312 6.91 -21.35 20.53
CA PRO A 312 7.10 -21.79 19.15
C PRO A 312 5.94 -22.65 18.58
N GLY A 313 5.25 -22.13 17.58
CA GLY A 313 4.19 -22.89 16.92
C GLY A 313 2.77 -22.65 17.39
N HIS A 314 2.58 -22.15 18.61
CA HIS A 314 1.24 -21.79 19.10
C HIS A 314 1.15 -20.28 19.39
N THR A 315 0.08 -19.65 18.91
CA THR A 315 -0.03 -18.19 18.99
C THR A 315 -1.43 -17.77 19.44
N SER A 316 -1.48 -17.20 20.64
CA SER A 316 -2.73 -16.97 21.36
C SER A 316 -2.98 -15.52 21.79
N ILE A 317 -4.25 -15.15 21.78
CA ILE A 317 -4.74 -13.89 22.30
C ILE A 317 -6.00 -14.19 23.12
N MET A 318 -5.97 -13.83 24.40
CA MET A 318 -7.17 -13.90 25.23
C MET A 318 -7.48 -12.53 25.84
N GLY A 319 -8.75 -12.31 26.11
CA GLY A 319 -9.17 -11.19 26.93
C GLY A 319 -10.67 -11.04 27.09
N ARG A 320 -11.02 -10.04 27.89
CA ARG A 320 -12.39 -9.58 28.02
C ARG A 320 -12.50 -8.16 27.47
N ASP A 321 -13.53 -7.92 26.67
CA ASP A 321 -13.95 -6.58 26.29
C ASP A 321 -14.91 -6.08 27.37
N GLU A 322 -14.53 -5.01 28.06
CA GLU A 322 -15.30 -4.51 29.21
C GLU A 322 -16.54 -3.70 28.83
N GLU A 323 -16.48 -3.09 27.65
CA GLU A 323 -17.59 -2.30 27.13
C GLU A 323 -18.73 -3.16 26.60
N THR A 324 -18.39 -4.39 26.20
CA THR A 324 -19.35 -5.27 25.56
C THR A 324 -19.60 -6.56 26.33
N GLY A 325 -18.76 -6.85 27.31
CA GLY A 325 -18.91 -8.04 28.14
C GLY A 325 -18.37 -9.33 27.54
N ALA A 326 -17.89 -9.27 26.30
CA ALA A 326 -17.43 -10.45 25.57
C ALA A 326 -16.07 -10.97 26.05
N ALA A 327 -15.97 -12.29 26.21
CA ALA A 327 -14.71 -12.97 26.51
C ALA A 327 -14.29 -13.85 25.33
N LEU A 328 -12.99 -13.91 25.04
CA LEU A 328 -12.51 -14.66 23.88
C LEU A 328 -11.10 -15.23 24.06
N MET A 329 -10.89 -16.44 23.55
CA MET A 329 -9.55 -17.00 23.41
C MET A 329 -9.37 -17.55 22.00
N LEU A 330 -8.50 -16.90 21.23
CA LEU A 330 -8.18 -17.40 19.91
C LEU A 330 -6.71 -17.85 19.92
N ILE A 331 -6.49 -19.10 19.47
CA ILE A 331 -5.16 -19.64 19.32
C ILE A 331 -4.99 -20.24 17.91
N GLN A 332 -3.92 -19.81 17.24
CA GLN A 332 -3.49 -20.45 15.99
C GLN A 332 -2.25 -21.33 16.24
N ASN A 333 -2.15 -22.42 15.48
CA ASN A 333 -0.99 -23.30 15.56
C ASN A 333 0.00 -23.04 14.44
N SER A 334 0.02 -21.77 14.03
CA SER A 334 1.05 -21.21 13.16
C SER A 334 1.84 -20.19 13.97
N GLY A 335 3.15 -20.20 13.79
CA GLY A 335 4.02 -19.23 14.41
C GLY A 335 5.26 -18.99 13.58
N ALA A 336 6.08 -18.05 14.02
CA ALA A 336 7.40 -17.79 13.46
C ALA A 336 8.17 -17.17 14.61
N GLY A 337 9.34 -16.62 14.36
CA GLY A 337 10.17 -16.06 15.44
C GLY A 337 10.04 -14.54 15.58
N ASP A 338 10.13 -13.84 14.46
CA ASP A 338 10.10 -12.37 14.43
C ASP A 338 8.74 -11.84 14.93
N PHE A 339 8.82 -10.90 15.87
CA PHE A 339 7.63 -10.24 16.42
C PHE A 339 6.72 -9.66 15.35
N GLU A 340 7.31 -9.05 14.33
CA GLU A 340 6.57 -8.43 13.23
C GLU A 340 6.15 -9.40 12.12
N SER A 341 6.59 -10.67 12.19
CA SER A 341 6.10 -11.66 11.21
C SER A 341 4.58 -11.75 11.17
N PHE A 342 4.01 -11.93 9.98
CA PHE A 342 2.58 -12.17 9.88
C PHE A 342 2.12 -13.31 10.77
N TYR A 343 3.00 -14.29 10.98
CA TYR A 343 2.64 -15.51 11.71
C TYR A 343 2.57 -15.33 13.23
N LEU A 344 3.09 -14.21 13.71
CA LEU A 344 2.97 -13.80 15.12
C LEU A 344 2.01 -12.61 15.24
N LYS A 345 2.42 -11.47 14.71
CA LYS A 345 1.63 -10.24 14.77
C LYS A 345 0.25 -10.34 14.10
N GLY A 346 0.15 -11.22 13.10
CA GLY A 346 -1.06 -11.37 12.29
C GLY A 346 -2.20 -12.08 12.98
N VAL A 347 -1.95 -12.71 14.13
CA VAL A 347 -3.02 -13.31 14.94
C VAL A 347 -3.97 -12.20 15.42
N ASN A 348 -3.47 -10.97 15.49
CA ASN A 348 -4.25 -9.84 15.98
C ASN A 348 -5.36 -9.39 15.01
N GLU A 349 -5.19 -9.71 13.73
CA GLU A 349 -6.14 -9.40 12.66
C GLU A 349 -7.50 -10.13 12.78
N PRO A 350 -7.51 -11.48 12.84
CA PRO A 350 -8.81 -12.10 13.09
C PRO A 350 -9.47 -11.69 14.41
N VAL A 351 -8.67 -11.51 15.47
CA VAL A 351 -9.19 -10.97 16.74
C VAL A 351 -9.89 -9.62 16.54
N ASP A 352 -9.22 -8.69 15.86
CA ASP A 352 -9.80 -7.39 15.52
C ASP A 352 -11.15 -7.53 14.78
N ARG A 353 -11.18 -8.42 13.79
CA ARG A 353 -12.34 -8.62 12.92
C ARG A 353 -13.52 -9.21 13.64
N VAL A 354 -13.24 -10.10 14.58
CA VAL A 354 -14.26 -10.72 15.41
C VAL A 354 -14.95 -9.68 16.30
N LEU A 355 -14.15 -8.81 16.92
CA LEU A 355 -14.66 -7.73 17.76
C LEU A 355 -15.46 -6.69 16.95
N GLU A 356 -15.03 -6.45 15.71
CA GLU A 356 -15.84 -5.67 14.75
C GLU A 356 -17.19 -6.33 14.41
N ALA A 357 -17.19 -7.64 14.18
CA ALA A 357 -18.41 -8.38 13.89
C ALA A 357 -19.36 -8.42 15.09
N ILE A 358 -18.79 -8.62 16.29
CA ILE A 358 -19.56 -8.50 17.54
C ILE A 358 -20.21 -7.11 17.65
N LYS A 359 -19.41 -6.06 17.41
CA LYS A 359 -19.90 -4.69 17.52
C LYS A 359 -21.00 -4.38 16.51
N ASN A 360 -20.79 -4.78 15.26
CA ASN A 360 -21.77 -4.57 14.20
C ASN A 360 -23.09 -5.31 14.43
N SER A 361 -23.02 -6.53 14.98
CA SER A 361 -24.23 -7.30 15.28
C SER A 361 -25.00 -6.72 16.48
N ARG A 362 -24.31 -5.87 17.24
CA ARG A 362 -24.88 -5.21 18.41
C ARG A 362 -25.55 -3.87 18.11
N SER A 363 -25.30 -3.33 16.92
CA SER A 363 -25.89 -2.05 16.51
C SER A 363 -27.29 -2.23 15.91
N SER B 2 -21.37 11.39 0.86
CA SER B 2 -22.62 11.94 0.25
C SER B 2 -23.45 12.66 1.30
N ASP B 3 -24.06 11.87 2.19
CA ASP B 3 -24.80 12.37 3.36
C ASP B 3 -23.87 13.19 4.23
N LEU B 4 -22.66 12.66 4.40
CA LEU B 4 -21.64 13.25 5.28
C LEU B 4 -21.07 14.53 4.67
N ASN B 5 -20.93 14.54 3.35
N ASN B 5 -20.94 14.54 3.35
CA ASN B 5 -20.40 15.68 2.58
CA ASN B 5 -20.39 15.68 2.60
C ASN B 5 -21.14 16.98 2.86
C ASN B 5 -21.14 16.98 2.84
N ASN B 6 -22.46 16.89 2.92
CA ASN B 6 -23.33 18.06 3.13
C ASN B 6 -23.32 18.50 4.59
N ALA B 7 -23.37 17.52 5.50
CA ALA B 7 -23.26 17.76 6.94
C ALA B 7 -21.97 18.52 7.26
N ILE B 8 -20.85 18.00 6.76
CA ILE B 8 -19.51 18.59 6.96
C ILE B 8 -19.41 20.01 6.43
N GLN B 9 -19.80 20.20 5.16
CA GLN B 9 -19.81 21.54 4.55
C GLN B 9 -20.60 22.48 5.42
N GLY B 10 -21.79 22.04 5.84
CA GLY B 10 -22.65 22.84 6.72
C GLY B 10 -21.94 23.23 8.00
N ILE B 11 -21.15 22.29 8.52
CA ILE B 11 -20.41 22.49 9.77
C ILE B 11 -19.36 23.61 9.65
N LEU B 12 -18.65 23.63 8.53
CA LEU B 12 -17.65 24.67 8.26
C LEU B 12 -18.30 26.00 7.96
N ASP B 13 -19.43 25.94 7.26
CA ASP B 13 -20.25 27.11 6.95
C ASP B 13 -20.78 27.79 8.20
N ASP B 14 -21.39 27.01 9.09
CA ASP B 14 -21.92 27.53 10.34
C ASP B 14 -20.83 28.20 11.17
N HIS B 15 -19.63 27.62 11.16
CA HIS B 15 -18.46 28.19 11.84
C HIS B 15 -18.07 29.55 11.27
N VAL B 16 -18.08 29.65 9.94
CA VAL B 16 -17.79 30.89 9.24
C VAL B 16 -18.82 31.96 9.57
N ALA B 17 -20.08 31.55 9.69
CA ALA B 17 -21.16 32.46 10.07
C ALA B 17 -21.03 32.93 11.52
N ARG B 18 -20.26 32.21 12.33
CA ARG B 18 -19.96 32.65 13.72
C ARG B 18 -18.97 33.83 13.78
N GLY B 19 -18.29 34.11 12.67
CA GLY B 19 -17.32 35.21 12.61
C GLY B 19 -15.96 34.80 12.07
N VAL B 20 -15.74 33.50 11.95
CA VAL B 20 -14.47 32.96 11.42
C VAL B 20 -14.35 33.23 9.92
N VAL B 21 -13.19 33.76 9.50
CA VAL B 21 -13.00 34.27 8.13
C VAL B 21 -13.03 33.16 7.05
N GLY B 22 -12.28 32.10 7.29
CA GLY B 22 -12.28 30.93 6.41
C GLY B 22 -11.79 29.71 7.15
N VAL B 23 -12.08 28.53 6.60
CA VAL B 23 -11.66 27.25 7.16
C VAL B 23 -11.19 26.31 6.02
N SER B 24 -10.15 25.54 6.30
CA SER B 24 -9.72 24.50 5.37
C SER B 24 -9.61 23.16 6.09
N LEU B 25 -10.38 22.18 5.63
CA LEU B 25 -10.38 20.85 6.24
C LEU B 25 -9.92 19.78 5.24
N ALA B 26 -9.03 18.89 5.69
CA ALA B 26 -8.73 17.65 5.00
C ALA B 26 -9.11 16.50 5.91
N LEU B 27 -9.77 15.50 5.37
CA LEU B 27 -10.23 14.39 6.17
C LEU B 27 -10.08 13.07 5.43
N CYS B 28 -9.71 12.03 6.16
CA CYS B 28 -9.50 10.72 5.57
C CYS B 28 -10.11 9.68 6.48
N LEU B 29 -11.19 9.07 6.02
CA LEU B 29 -11.73 7.89 6.69
C LEU B 29 -11.07 6.68 6.04
N PRO B 30 -10.78 5.63 6.83
CA PRO B 30 -10.17 4.43 6.24
C PRO B 30 -11.12 3.80 5.22
N GLY B 31 -10.57 3.28 4.13
CA GLY B 31 -11.40 2.74 3.04
C GLY B 31 -11.77 3.76 1.98
N GLU B 32 -11.24 4.97 2.11
CA GLU B 32 -11.55 6.07 1.19
C GLU B 32 -10.34 6.96 1.00
N GLU B 33 -10.46 7.89 0.05
CA GLU B 33 -9.42 8.88 -0.22
C GLU B 33 -9.82 10.24 0.36
N THR B 34 -8.82 11.04 0.68
CA THR B 34 -8.97 12.30 1.40
C THR B 34 -10.07 13.17 0.82
N SER B 35 -10.97 13.62 1.70
CA SER B 35 -12.03 14.57 1.36
C SER B 35 -11.64 15.97 1.85
N LEU B 36 -11.42 16.89 0.91
CA LEU B 36 -11.10 18.28 1.24
C LEU B 36 -12.36 19.15 1.31
N TYR B 37 -12.44 20.03 2.32
CA TYR B 37 -13.55 20.99 2.45
C TYR B 37 -13.04 22.41 2.76
N GLN B 38 -13.72 23.42 2.21
CA GLN B 38 -13.43 24.81 2.58
C GLN B 38 -14.71 25.61 2.72
N SER B 39 -14.62 26.71 3.46
CA SER B 39 -15.67 27.71 3.55
C SER B 39 -15.00 29.04 3.81
N GLY B 40 -15.63 30.12 3.35
CA GLY B 40 -15.11 31.47 3.57
C GLY B 40 -13.94 31.86 2.68
N TYR B 41 -13.09 32.73 3.20
CA TYR B 41 -12.05 33.42 2.42
C TYR B 41 -10.63 33.17 2.91
N ALA B 42 -9.70 33.14 1.97
CA ALA B 42 -8.28 33.18 2.27
C ALA B 42 -7.85 34.64 2.50
N ASP B 43 -8.42 35.55 1.73
CA ASP B 43 -8.15 36.97 1.82
C ASP B 43 -9.46 37.72 2.01
N LYS B 44 -9.67 38.21 3.23
CA LYS B 44 -10.89 38.93 3.59
C LYS B 44 -11.12 40.18 2.72
N PHE B 45 -10.04 40.93 2.46
CA PHE B 45 -10.14 42.21 1.79
C PHE B 45 -10.03 42.17 0.26
N ASN B 46 -9.27 41.23 -0.29
CA ASN B 46 -9.27 41.02 -1.73
C ASN B 46 -10.36 40.05 -2.18
N LYS B 47 -11.21 39.65 -1.24
CA LYS B 47 -12.31 38.72 -1.48
C LYS B 47 -11.85 37.50 -2.29
N MET B 48 -10.81 36.83 -1.79
CA MET B 48 -10.30 35.61 -2.40
C MET B 48 -10.77 34.43 -1.59
N PRO B 49 -11.45 33.45 -2.24
CA PRO B 49 -11.98 32.30 -1.51
C PRO B 49 -10.93 31.30 -1.04
N MET B 50 -11.16 30.73 0.14
CA MET B 50 -10.36 29.60 0.61
C MET B 50 -10.47 28.41 -0.34
N THR B 51 -9.31 27.84 -0.72
CA THR B 51 -9.24 26.59 -1.49
C THR B 51 -8.36 25.54 -0.75
N GLY B 52 -8.31 24.32 -1.28
CA GLY B 52 -7.49 23.26 -0.68
C GLY B 52 -6.00 23.41 -0.96
N ASP B 53 -5.64 24.50 -1.62
CA ASP B 53 -4.28 24.80 -2.03
C ASP B 53 -3.63 25.90 -1.19
N HIS B 54 -4.42 26.62 -0.41
CA HIS B 54 -3.88 27.69 0.42
C HIS B 54 -3.00 27.12 1.52
N LEU B 55 -1.82 27.72 1.67
CA LEU B 55 -0.89 27.32 2.71
C LEU B 55 -1.26 28.01 4.00
N PHE B 56 -0.92 27.38 5.13
CA PHE B 56 -1.11 27.94 6.47
C PHE B 56 0.14 27.68 7.27
N ARG B 57 0.35 28.52 8.28
CA ARG B 57 1.35 28.30 9.32
C ARG B 57 0.76 27.33 10.36
N ILE B 58 1.29 26.11 10.39
CA ILE B 58 0.70 25.07 11.24
C ILE B 58 1.10 25.20 12.72
N ALA B 59 2.05 26.09 13.00
CA ALA B 59 2.42 26.43 14.37
C ALA B 59 2.94 25.20 15.14
N SER B 60 2.65 24.78 16.37
CA SER B 60 2.99 23.72 17.31
C SER B 60 2.59 22.36 16.78
N CYS B 61 1.81 22.23 15.69
CA CYS B 61 1.73 21.02 14.88
C CYS B 61 3.11 20.58 14.39
N THR B 62 4.00 21.55 14.21
CA THR B 62 5.40 21.37 13.83
C THR B 62 6.10 20.41 14.78
N LYS B 63 5.72 20.48 16.06
CA LYS B 63 6.32 19.69 17.13
C LYS B 63 6.19 18.19 16.86
N SER B 64 5.06 17.78 16.28
CA SER B 64 4.88 16.37 15.93
C SER B 64 5.88 15.88 14.89
N PHE B 65 6.22 16.72 13.92
CA PHE B 65 7.26 16.42 12.93
C PHE B 65 8.68 16.36 13.52
N ILE B 66 8.98 17.28 14.45
CA ILE B 66 10.27 17.33 15.14
C ILE B 66 10.43 16.14 16.10
N ALA B 67 9.35 15.76 16.78
CA ALA B 67 9.33 14.57 17.63
C ALA B 67 9.63 13.35 16.77
N THR B 68 8.96 13.27 15.62
CA THR B 68 9.14 12.20 14.65
C THR B 68 10.60 12.15 14.20
N GLY B 69 11.12 13.28 13.73
CA GLY B 69 12.52 13.40 13.30
C GLY B 69 13.51 12.96 14.36
N LEU B 70 13.21 13.25 15.63
CA LEU B 70 14.03 12.75 16.75
C LEU B 70 13.89 11.25 16.99
N HIS B 71 12.65 10.76 17.01
CA HIS B 71 12.40 9.31 17.12
C HIS B 71 13.08 8.51 16.00
N LEU B 72 13.29 9.16 14.86
CA LEU B 72 14.04 8.54 13.76
C LEU B 72 15.54 8.35 14.07
N LEU B 73 16.16 9.32 14.75
CA LEU B 73 17.56 9.19 15.16
C LEU B 73 17.68 8.12 16.24
N VAL B 74 16.64 8.02 17.05
CA VAL B 74 16.53 7.00 18.09
C VAL B 74 16.48 5.59 17.51
N GLN B 75 15.62 5.36 16.51
CA GLN B 75 15.56 4.01 15.90
C GLN B 75 16.81 3.70 15.04
N ASP B 76 17.39 4.73 14.44
CA ASP B 76 18.76 4.68 13.91
C ASP B 76 19.83 4.23 14.92
N GLY B 77 19.54 4.36 16.21
CA GLY B 77 20.50 4.03 17.26
C GLY B 77 21.53 5.13 17.57
N THR B 78 21.19 6.37 17.21
CA THR B 78 22.09 7.51 17.36
C THR B 78 21.77 8.25 18.65
N VAL B 79 20.53 8.10 19.09
CA VAL B 79 19.98 8.81 20.23
C VAL B 79 19.23 7.82 21.12
N ASP B 80 19.37 7.98 22.44
CA ASP B 80 18.64 7.14 23.39
C ASP B 80 17.68 8.02 24.18
N LEU B 81 16.38 7.75 24.06
CA LEU B 81 15.37 8.61 24.68
C LEU B 81 15.63 8.86 26.18
N ASP B 82 16.48 8.04 26.77
CA ASP B 82 16.71 8.09 28.22
C ASP B 82 18.09 8.61 28.61
N GLU B 83 18.95 8.86 27.63
CA GLU B 83 20.27 9.47 27.91
C GLU B 83 20.17 10.97 28.27
N PRO B 84 21.01 11.45 29.22
CA PRO B 84 20.98 12.87 29.58
C PRO B 84 21.35 13.78 28.41
N ILE B 85 20.76 14.98 28.39
CA ILE B 85 20.96 15.90 27.26
C ILE B 85 22.28 16.69 27.33
N THR B 86 23.09 16.43 28.36
CA THR B 86 24.42 17.03 28.55
C THR B 86 25.38 16.72 27.41
N ARG B 87 25.10 15.65 26.67
CA ARG B 87 25.86 15.25 25.48
C ARG B 87 25.84 16.37 24.42
N TRP B 88 24.79 17.17 24.43
CA TRP B 88 24.62 18.26 23.47
C TRP B 88 24.64 19.63 24.14
N PHE B 89 24.12 19.68 25.37
CA PHE B 89 24.01 20.92 26.13
C PHE B 89 24.60 20.72 27.54
N PRO B 90 25.94 20.55 27.64
CA PRO B 90 26.59 20.32 28.94
C PRO B 90 26.47 21.48 29.94
N ASP B 91 26.33 22.71 29.44
CA ASP B 91 26.26 23.90 30.29
C ASP B 91 24.86 24.33 30.65
N LEU B 92 23.85 23.76 29.99
CA LEU B 92 22.48 24.16 30.25
C LEU B 92 22.04 23.71 31.65
N PRO B 93 21.64 24.67 32.49
CA PRO B 93 21.25 24.35 33.86
C PRO B 93 20.32 23.14 33.97
N LYS B 94 20.72 22.20 34.82
CA LYS B 94 19.97 20.98 35.16
C LYS B 94 19.94 19.94 34.04
N ALA B 95 20.76 20.13 33.01
CA ALA B 95 20.79 19.25 31.84
C ALA B 95 21.08 17.78 32.18
N ALA B 96 21.81 17.57 33.28
CA ALA B 96 22.11 16.22 33.75
C ALA B 96 20.88 15.47 34.26
N GLN B 97 19.85 16.21 34.69
CA GLN B 97 18.61 15.62 35.22
C GLN B 97 17.56 15.52 34.10
N MET B 98 17.98 15.75 32.85
CA MET B 98 17.07 15.78 31.71
C MET B 98 17.39 14.72 30.66
N PRO B 99 16.64 13.60 30.67
CA PRO B 99 16.76 12.62 29.61
C PRO B 99 16.18 13.18 28.31
N VAL B 100 16.71 12.74 27.19
CA VAL B 100 16.19 13.15 25.87
C VAL B 100 14.64 13.22 25.82
N ARG B 101 13.95 12.21 26.35
CA ARG B 101 12.48 12.17 26.36
C ARG B 101 11.80 13.39 26.99
N ILE B 102 12.47 14.00 27.96
CA ILE B 102 11.90 15.11 28.72
C ILE B 102 11.72 16.40 27.84
N LEU B 103 12.29 16.39 26.64
CA LEU B 103 12.19 17.53 25.73
C LEU B 103 10.87 17.51 24.93
N LEU B 104 10.31 16.30 24.78
CA LEU B 104 9.14 16.07 23.95
C LEU B 104 7.88 15.97 24.76
N ASN B 105 8.02 15.77 26.07
CA ASN B 105 6.88 15.41 26.94
C ASN B 105 6.31 16.49 27.85
N HIS B 106 6.85 17.71 27.76
CA HIS B 106 6.33 18.87 28.51
C HIS B 106 6.50 18.77 30.03
N ARG B 107 7.48 17.97 30.45
CA ARG B 107 7.74 17.81 31.89
C ARG B 107 9.18 18.18 32.27
N SER B 108 9.87 18.87 31.37
CA SER B 108 11.27 19.31 31.57
C SER B 108 11.44 20.41 32.61
N GLY B 109 10.43 21.27 32.75
CA GLY B 109 10.53 22.48 33.56
C GLY B 109 11.42 23.57 32.97
N LEU B 110 11.75 23.44 31.69
CA LEU B 110 12.54 24.42 30.97
C LEU B 110 11.84 25.76 30.90
N PRO B 111 12.61 26.87 30.93
CA PRO B 111 12.00 28.19 30.89
C PRO B 111 11.53 28.50 29.47
N ASP B 112 10.31 29.03 29.34
CA ASP B 112 9.78 29.26 27.99
C ASP B 112 9.99 30.68 27.43
N PHE B 113 10.00 30.77 26.11
CA PHE B 113 10.21 32.04 25.40
C PHE B 113 8.95 32.70 24.83
N GLU B 114 7.88 31.93 24.63
CA GLU B 114 6.77 32.42 23.80
C GLU B 114 6.09 33.69 24.31
N THR B 115 5.94 33.80 25.63
CA THR B 115 5.17 34.91 26.17
C THR B 115 5.91 36.25 26.23
N SER B 116 7.24 36.24 26.10
CA SER B 116 8.05 37.47 26.13
C SER B 116 8.54 37.84 24.75
N MET B 117 8.51 36.86 23.84
CA MET B 117 8.97 36.98 22.46
C MET B 117 8.13 38.01 21.68
N PRO B 118 8.79 39.00 21.07
CA PRO B 118 8.03 39.98 20.27
C PRO B 118 7.35 39.36 19.04
N MET B 119 6.02 39.35 19.03
CA MET B 119 5.25 38.77 17.93
C MET B 119 5.26 39.61 16.66
N ILE B 120 5.40 40.92 16.81
CA ILE B 120 5.54 41.81 15.66
C ILE B 120 6.98 42.26 15.59
N SER B 121 7.71 41.68 14.63
CA SER B 121 9.16 41.80 14.59
C SER B 121 9.66 41.43 13.21
N ASP B 122 10.82 41.95 12.85
CA ASP B 122 11.46 41.58 11.59
C ASP B 122 12.75 40.83 11.83
N LYS B 123 13.00 40.45 13.09
CA LYS B 123 14.22 39.77 13.46
C LYS B 123 14.33 38.32 12.94
N SER B 124 15.54 37.99 12.52
CA SER B 124 15.93 36.66 12.16
C SER B 124 16.55 36.00 13.40
N TRP B 125 15.91 34.93 13.88
CA TRP B 125 16.36 34.24 15.07
C TRP B 125 17.17 32.97 14.78
N THR B 126 18.06 32.69 15.72
CA THR B 126 18.91 31.52 15.73
C THR B 126 18.37 30.60 16.84
N ALA B 127 18.50 29.29 16.69
CA ALA B 127 18.10 28.36 17.76
C ALA B 127 18.74 28.70 19.10
N GLN B 128 20.04 28.98 19.08
CA GLN B 128 20.79 29.33 20.29
C GLN B 128 20.36 30.69 20.89
N GLU B 129 20.07 31.67 20.03
CA GLU B 129 19.48 32.93 20.49
C GLU B 129 18.14 32.73 21.19
N ILE B 130 17.36 31.78 20.69
CA ILE B 130 16.08 31.42 21.30
C ILE B 130 16.27 30.76 22.66
N VAL B 131 17.29 29.89 22.78
CA VAL B 131 17.57 29.25 24.06
C VAL B 131 17.99 30.29 25.11
N ASP B 132 18.91 31.18 24.73
CA ASP B 132 19.35 32.27 25.60
C ASP B 132 18.21 33.15 26.07
N PHE B 133 17.29 33.47 25.14
CA PHE B 133 16.06 34.24 25.40
C PHE B 133 15.15 33.60 26.44
N SER B 134 14.95 32.29 26.33
CA SER B 134 14.14 31.53 27.27
C SER B 134 14.69 31.62 28.68
N PHE B 135 16.01 31.51 28.82
CA PHE B 135 16.66 31.58 30.13
C PHE B 135 16.85 33.00 30.61
N ARG B 136 16.81 33.96 29.68
CA ARG B 136 16.83 35.37 30.05
C ARG B 136 15.48 35.80 30.64
N HIS B 137 14.38 35.40 29.99
CA HIS B 137 13.03 35.94 30.28
C HIS B 137 12.06 34.94 30.90
N GLY B 138 12.37 33.66 30.80
CA GLY B 138 11.49 32.60 31.31
C GLY B 138 11.89 32.12 32.69
N VAL B 139 11.17 31.12 33.18
CA VAL B 139 11.28 30.63 34.54
C VAL B 139 11.55 29.13 34.51
N GLN B 140 12.69 28.70 35.05
CA GLN B 140 13.03 27.28 35.10
C GLN B 140 12.52 26.59 36.36
N LYS B 141 11.94 25.41 36.18
CA LYS B 141 11.47 24.59 37.28
C LYS B 141 12.25 23.28 37.31
N GLU B 142 11.93 22.44 38.27
CA GLU B 142 12.55 21.14 38.39
C GLU B 142 12.08 20.21 37.28
N PRO B 143 13.05 19.52 36.62
CA PRO B 143 12.65 18.45 35.73
C PRO B 143 11.69 17.50 36.43
N TRP B 144 10.64 17.09 35.72
CA TRP B 144 9.59 16.21 36.24
C TRP B 144 8.65 16.86 37.25
N HIS B 145 8.69 18.18 37.36
CA HIS B 145 7.83 18.94 38.30
C HIS B 145 6.35 18.60 38.12
N GLY B 146 6.00 18.29 36.88
CA GLY B 146 4.62 18.19 36.45
C GLY B 146 4.59 18.63 35.01
N MET B 147 3.40 18.69 34.44
CA MET B 147 3.28 19.09 33.06
C MET B 147 3.10 20.60 32.95
N GLU B 148 3.89 21.18 32.06
CA GLU B 148 3.72 22.55 31.62
C GLU B 148 4.30 22.64 30.21
N TYR B 149 3.44 23.03 29.28
CA TYR B 149 3.80 23.08 27.87
C TYR B 149 5.14 23.79 27.64
N SER B 150 5.99 23.16 26.84
CA SER B 150 7.32 23.66 26.66
C SER B 150 7.64 23.78 25.18
N ASN B 151 7.90 25.01 24.73
CA ASN B 151 8.42 25.29 23.40
C ASN B 151 9.94 25.02 23.31
N THR B 152 10.66 25.43 24.35
CA THR B 152 12.12 25.29 24.44
C THR B 152 12.62 23.85 24.29
N GLY B 153 11.90 22.88 24.85
CA GLY B 153 12.25 21.48 24.65
C GLY B 153 12.30 21.09 23.18
N TYR B 154 11.34 21.57 22.39
CA TYR B 154 11.35 21.28 20.96
C TYR B 154 12.42 22.04 20.18
N VAL B 155 12.80 23.21 20.67
CA VAL B 155 13.95 23.91 20.12
C VAL B 155 15.25 23.11 20.36
N LEU B 156 15.47 22.66 21.61
CA LEU B 156 16.63 21.83 21.93
C LEU B 156 16.63 20.52 21.15
N ALA B 157 15.46 19.90 20.98
CA ALA B 157 15.33 18.69 20.15
C ALA B 157 15.79 18.90 18.70
N GLY B 158 15.39 20.02 18.09
CA GLY B 158 15.84 20.39 16.75
C GLY B 158 17.35 20.60 16.68
N MET B 159 17.93 21.07 17.79
CA MET B 159 19.37 21.26 17.89
C MET B 159 20.13 19.93 17.92
N ILE B 160 19.57 18.95 18.64
CA ILE B 160 20.04 17.55 18.59
C ILE B 160 19.97 17.01 17.17
N ILE B 161 18.82 17.13 16.51
CA ILE B 161 18.71 16.71 15.10
C ILE B 161 19.81 17.32 14.23
N ALA B 162 19.97 18.65 14.31
CA ALA B 162 20.95 19.36 13.47
C ALA B 162 22.39 18.94 13.75
N HIS B 163 22.74 18.77 15.03
CA HIS B 163 24.06 18.31 15.39
C HIS B 163 24.29 16.88 14.88
N GLU B 164 23.34 16.00 15.17
CA GLU B 164 23.50 14.59 14.81
C GLU B 164 23.54 14.36 13.32
N THR B 165 22.93 15.26 12.55
CA THR B 165 22.88 15.13 11.10
C THR B 165 23.89 16.00 10.36
N GLY B 166 24.36 17.08 11.00
CA GLY B 166 25.32 18.00 10.36
C GLY B 166 24.74 18.97 9.33
N LYS B 167 23.41 18.91 9.16
CA LYS B 167 22.66 19.87 8.35
C LYS B 167 21.52 20.43 9.20
N PRO B 168 20.89 21.56 8.79
CA PRO B 168 19.75 22.05 9.56
C PRO B 168 18.58 21.04 9.61
N TYR B 169 17.79 21.07 10.68
CA TYR B 169 16.74 20.05 10.90
C TYR B 169 15.72 19.92 9.77
N SER B 170 15.64 20.95 8.95
CA SER B 170 14.77 21.01 7.78
C SER B 170 15.08 19.92 6.77
N ASP B 171 16.37 19.63 6.58
CA ASP B 171 16.85 18.58 5.68
C ASP B 171 16.46 17.18 6.15
N HIS B 172 16.50 16.98 7.47
CA HIS B 172 16.13 15.73 8.12
C HIS B 172 14.62 15.47 7.94
N LEU B 173 13.80 16.47 8.25
CA LEU B 173 12.35 16.37 8.06
C LEU B 173 11.94 16.21 6.59
N ARG B 174 12.67 16.84 5.69
CA ARG B 174 12.35 16.77 4.26
C ARG B 174 12.74 15.44 3.64
N SER B 175 14.00 15.05 3.79
CA SER B 175 14.51 13.83 3.19
C SER B 175 13.84 12.56 3.74
N ARG B 176 13.48 12.61 5.01
CA ARG B 176 12.93 11.45 5.72
C ARG B 176 11.44 11.51 6.06
N ILE B 177 10.81 12.67 5.89
CA ILE B 177 9.34 12.72 5.94
C ILE B 177 8.68 13.24 4.65
N PHE B 178 8.87 14.53 4.35
CA PHE B 178 8.12 15.19 3.26
C PHE B 178 8.27 14.52 1.92
N ALA B 179 9.52 14.33 1.47
CA ALA B 179 9.82 13.80 0.15
C ALA B 179 9.34 12.35 -0.10
N PRO B 180 9.65 11.40 0.81
CA PRO B 180 9.08 10.06 0.54
C PRO B 180 7.53 10.03 0.51
N LEU B 181 6.89 10.89 1.31
CA LEU B 181 5.41 10.94 1.40
C LEU B 181 4.73 11.73 0.28
N GLY B 182 5.51 12.43 -0.53
CA GLY B 182 4.96 13.26 -1.62
C GLY B 182 4.31 14.53 -1.08
N MET B 183 4.83 15.02 0.03
CA MET B 183 4.38 16.28 0.61
C MET B 183 5.06 17.43 -0.10
N LYS B 184 4.38 17.96 -1.11
CA LYS B 184 4.94 18.97 -2.02
C LYS B 184 4.54 20.39 -1.67
N ASP B 185 3.65 20.52 -0.69
CA ASP B 185 3.20 21.85 -0.26
C ASP B 185 3.49 22.11 1.22
N THR B 186 4.66 21.67 1.65
CA THR B 186 5.07 21.71 3.06
C THR B 186 6.51 22.20 3.17
N TRP B 187 6.74 23.14 4.11
CA TRP B 187 8.05 23.79 4.31
C TRP B 187 8.38 24.03 5.77
N VAL B 188 9.69 24.13 6.04
CA VAL B 188 10.24 24.43 7.37
C VAL B 188 10.75 25.89 7.41
N GLY B 189 10.06 26.74 8.17
CA GLY B 189 10.18 28.20 8.05
C GLY B 189 11.44 28.89 8.55
N THR B 190 12.20 28.23 9.40
CA THR B 190 13.46 28.77 9.87
C THR B 190 14.52 28.69 8.76
N HIS B 191 14.48 27.59 7.99
CA HIS B 191 15.54 27.26 7.05
C HIS B 191 15.11 27.22 5.58
N GLU B 192 13.83 27.47 5.31
CA GLU B 192 13.32 27.35 3.95
C GLU B 192 12.37 28.47 3.61
N THR B 193 12.50 29.00 2.40
CA THR B 193 11.54 29.97 1.90
C THR B 193 10.35 29.21 1.34
N PHE B 194 9.15 29.71 1.64
CA PHE B 194 7.92 29.18 1.07
C PHE B 194 7.24 30.26 0.21
N PRO B 195 6.34 29.85 -0.72
CA PRO B 195 5.71 30.86 -1.56
C PRO B 195 4.60 31.59 -0.80
N ILE B 196 4.96 32.73 -0.21
CA ILE B 196 4.04 33.53 0.61
C ILE B 196 2.74 33.93 -0.13
N GLU B 197 2.76 33.90 -1.46
CA GLU B 197 1.59 34.25 -2.27
C GLU B 197 0.54 33.14 -2.31
N ARG B 198 0.93 31.96 -1.82
CA ARG B 198 0.06 30.79 -1.78
C ARG B 198 -0.56 30.60 -0.41
N GLU B 199 -0.12 31.43 0.55
CA GLU B 199 -0.59 31.34 1.91
C GLU B 199 -1.91 32.10 2.13
N ALA B 200 -2.84 31.45 2.81
CA ALA B 200 -4.05 32.13 3.28
C ALA B 200 -3.61 33.20 4.26
N ARG B 201 -4.20 34.39 4.16
CA ARG B 201 -3.95 35.43 5.13
C ARG B 201 -4.49 35.00 6.49
N GLY B 202 -3.81 35.40 7.56
CA GLY B 202 -4.25 35.10 8.92
C GLY B 202 -4.77 36.38 9.53
N TYR B 203 -5.84 36.25 10.31
CA TYR B 203 -6.50 37.42 10.88
C TYR B 203 -6.61 37.30 12.39
N MET B 204 -6.16 38.34 13.09
CA MET B 204 -6.35 38.49 14.53
C MET B 204 -7.58 39.34 14.73
N HIS B 205 -8.50 38.88 15.57
CA HIS B 205 -9.76 39.57 15.75
C HIS B 205 -9.77 40.46 16.98
N ALA B 206 -10.31 41.65 16.77
CA ALA B 206 -10.46 42.66 17.82
C ALA B 206 -11.63 42.33 18.74
N ALA B 207 -11.71 41.08 19.18
CA ALA B 207 -12.85 40.60 19.97
C ALA B 207 -12.87 41.14 21.40
N ALA B 208 -14.05 41.05 22.03
CA ALA B 208 -14.27 41.54 23.39
C ALA B 208 -13.82 40.50 24.43
N ASP B 209 -13.91 39.22 24.05
CA ASP B 209 -13.45 38.08 24.86
C ASP B 209 -11.94 37.83 24.78
N ASP B 210 -11.23 38.62 23.97
CA ASP B 210 -9.77 38.65 23.95
C ASP B 210 -9.23 39.34 25.22
N GLU B 211 -9.60 38.80 26.38
CA GLU B 211 -9.38 39.45 27.67
C GLU B 211 -7.91 39.44 28.11
N ASN B 212 -7.29 38.26 28.13
CA ASN B 212 -5.87 38.10 28.49
C ASN B 212 -5.02 37.60 27.31
N PRO B 213 -4.39 38.52 26.57
CA PRO B 213 -3.56 38.12 25.43
C PRO B 213 -2.40 37.26 25.88
N GLN B 214 -2.12 36.20 25.14
CA GLN B 214 -0.98 35.32 25.45
C GLN B 214 0.33 35.87 24.88
N TRP B 215 0.20 36.79 23.93
CA TRP B 215 1.32 37.37 23.20
C TRP B 215 1.47 38.87 23.39
N ASP B 216 2.71 39.34 23.30
CA ASP B 216 3.02 40.75 23.14
C ASP B 216 2.71 41.17 21.69
N VAL B 217 1.49 41.71 21.47
CA VAL B 217 1.00 42.03 20.13
C VAL B 217 0.91 43.52 19.74
N SER B 218 1.60 44.38 20.49
CA SER B 218 1.78 45.78 20.08
C SER B 218 3.04 45.87 19.20
N GLY B 219 3.09 46.81 18.25
CA GLY B 219 1.98 47.71 17.92
C GLY B 219 1.43 47.33 16.56
N ALA B 220 0.24 46.73 16.58
CA ALA B 220 -0.41 46.20 15.39
C ALA B 220 -0.98 47.30 14.48
N GLY B 221 -1.20 48.47 15.06
CA GLY B 221 -1.94 49.54 14.41
C GLY B 221 -3.36 49.43 14.94
N ASP B 222 -4.33 49.76 14.08
CA ASP B 222 -5.73 49.56 14.39
C ASP B 222 -6.31 48.56 13.39
N PRO B 223 -7.40 47.85 13.77
CA PRO B 223 -8.24 47.13 12.80
C PRO B 223 -8.62 48.25 11.84
N VAL B 224 -8.85 48.03 10.54
CA VAL B 224 -9.93 47.31 9.87
C VAL B 224 -9.96 45.77 9.75
N ASP B 225 -11.11 45.12 9.99
CA ASP B 225 -12.33 45.65 10.63
C ASP B 225 -13.24 44.52 11.14
N GLY B 226 -13.32 44.28 12.46
CA GLY B 226 -12.26 44.59 13.39
C GLY B 226 -11.29 43.41 13.38
N VAL B 227 -10.39 43.42 12.41
CA VAL B 227 -9.34 42.42 12.28
C VAL B 227 -8.00 43.07 11.92
N TRP B 228 -6.92 42.38 12.24
CA TRP B 228 -5.60 42.70 11.67
C TRP B 228 -5.20 41.57 10.75
N ASP B 229 -4.58 41.92 9.63
CA ASP B 229 -3.85 40.91 8.86
C ASP B 229 -2.53 40.66 9.59
N SER B 230 -2.43 39.50 10.24
CA SER B 230 -1.26 39.17 11.05
C SER B 230 -0.31 38.15 10.40
N THR B 231 -0.53 37.86 9.12
CA THR B 231 0.16 36.79 8.37
C THR B 231 1.67 36.86 8.51
N GLU B 232 2.21 38.07 8.44
CA GLU B 232 3.64 38.28 8.55
C GLU B 232 3.98 39.26 9.66
N TRP B 233 3.27 39.19 10.79
CA TRP B 233 3.73 39.86 11.98
C TRP B 233 5.01 39.21 12.41
N PHE B 234 4.96 37.88 12.55
CA PHE B 234 5.93 37.07 13.26
C PHE B 234 6.84 36.25 12.35
N PRO B 235 8.17 36.44 12.48
CA PRO B 235 9.10 35.61 11.71
C PRO B 235 9.14 34.19 12.26
N LEU B 236 8.99 33.21 11.37
CA LEU B 236 8.88 31.81 11.75
C LEU B 236 10.13 31.28 12.45
N SER B 237 11.30 31.82 12.09
CA SER B 237 12.56 31.54 12.80
C SER B 237 12.43 31.86 14.28
N GLY B 238 11.46 32.71 14.62
CA GLY B 238 11.15 33.04 15.99
C GLY B 238 10.43 31.94 16.74
N ALA B 239 9.90 30.97 15.99
CA ALA B 239 9.20 29.82 16.56
C ALA B 239 10.12 28.64 16.51
N ASN B 240 10.89 28.54 15.42
CA ASN B 240 11.89 27.52 15.27
C ASN B 240 11.18 26.14 15.30
N ALA B 241 11.85 25.11 15.83
CA ALA B 241 11.32 23.73 15.91
C ALA B 241 10.07 23.60 16.76
N ALA B 242 9.70 24.68 17.41
CA ALA B 242 8.49 24.69 18.21
C ALA B 242 7.26 25.12 17.42
N GLY B 243 7.45 25.63 16.20
CA GLY B 243 6.30 26.12 15.42
C GLY B 243 6.53 26.75 14.06
N ASP B 244 7.60 26.39 13.36
CA ASP B 244 7.97 27.10 12.11
C ASP B 244 7.42 26.54 10.76
N MET B 245 6.57 25.51 10.79
CA MET B 245 6.17 24.87 9.53
C MET B 245 4.99 25.51 8.80
N VAL B 246 5.04 25.46 7.47
CA VAL B 246 3.96 25.93 6.60
C VAL B 246 3.51 24.72 5.79
N SER B 247 2.20 24.55 5.62
CA SER B 247 1.63 23.35 4.99
C SER B 247 0.18 23.53 4.52
N THR B 248 -0.38 22.45 3.96
CA THR B 248 -1.79 22.39 3.60
C THR B 248 -2.40 21.31 4.47
N PRO B 249 -3.70 21.42 4.80
CA PRO B 249 -4.37 20.30 5.48
C PRO B 249 -4.17 18.93 4.83
N ARG B 250 -4.14 18.90 3.50
N ARG B 250 -4.15 18.91 3.50
CA ARG B 250 -3.96 17.69 2.70
CA ARG B 250 -3.95 17.70 2.69
C ARG B 250 -2.60 17.02 2.94
C ARG B 250 -2.61 17.02 2.93
N ASP B 251 -1.54 17.82 3.01
CA ASP B 251 -0.19 17.27 3.26
C ASP B 251 -0.10 16.75 4.66
N ILE B 252 -0.73 17.46 5.60
CA ILE B 252 -0.77 17.02 7.00
C ILE B 252 -1.41 15.64 7.18
N VAL B 253 -2.59 15.42 6.59
CA VAL B 253 -3.30 14.12 6.65
C VAL B 253 -2.41 13.01 6.03
N LYS B 254 -1.65 13.40 5.01
CA LYS B 254 -0.66 12.57 4.36
C LYS B 254 0.39 12.09 5.37
N PHE B 255 0.95 13.03 6.14
CA PHE B 255 1.85 12.66 7.23
C PHE B 255 1.17 11.78 8.27
N LEU B 256 -0.02 12.19 8.72
CA LEU B 256 -0.73 11.43 9.75
C LEU B 256 -1.04 9.98 9.36
N ASN B 257 -1.45 9.78 8.11
CA ASN B 257 -1.76 8.44 7.63
C ASN B 257 -0.55 7.53 7.70
N ALA B 258 0.58 8.01 7.17
CA ALA B 258 1.83 7.27 7.19
C ALA B 258 2.31 6.97 8.61
N LEU B 259 2.25 7.97 9.48
CA LEU B 259 2.62 7.83 10.90
C LEU B 259 1.82 6.73 11.60
N PHE B 260 0.51 6.87 11.62
CA PHE B 260 -0.31 5.92 12.34
C PHE B 260 -0.44 4.55 11.67
N ASP B 261 -0.15 4.50 10.37
CA ASP B 261 -0.11 3.23 9.60
C ASP B 261 1.24 2.53 9.72
N GLY B 262 2.13 3.05 10.56
CA GLY B 262 3.44 2.46 10.79
C GLY B 262 4.42 2.53 9.62
N ARG B 263 4.31 3.58 8.80
CA ARG B 263 5.20 3.76 7.63
C ARG B 263 6.35 4.76 7.85
N ILE B 264 6.37 5.46 8.99
CA ILE B 264 7.49 6.38 9.29
C ILE B 264 8.33 5.89 10.47
N LEU B 265 7.66 5.72 11.61
CA LEU B 265 8.29 5.23 12.81
C LEU B 265 7.99 3.74 12.98
N ASP B 266 8.93 3.01 13.57
CA ASP B 266 8.66 1.64 13.94
C ASP B 266 7.77 1.68 15.19
N GLN B 267 7.20 0.52 15.52
CA GLN B 267 6.20 0.41 16.58
C GLN B 267 6.59 0.92 17.95
N LYS B 268 7.85 0.75 18.32
CA LYS B 268 8.35 1.21 19.62
C LYS B 268 8.33 2.74 19.72
N ARG B 269 8.72 3.41 18.64
CA ARG B 269 8.71 4.90 18.59
C ARG B 269 7.34 5.50 18.33
N LEU B 270 6.50 4.78 17.59
CA LEU B 270 5.13 5.17 17.45
C LEU B 270 4.44 5.03 18.80
N TRP B 271 4.80 3.99 19.55
CA TRP B 271 4.31 3.78 20.92
C TRP B 271 4.73 4.92 21.87
N GLU B 272 5.97 5.38 21.74
CA GLU B 272 6.51 6.48 22.55
C GLU B 272 5.79 7.79 22.27
N MET B 273 5.61 8.06 20.98
CA MET B 273 4.93 9.24 20.52
C MET B 273 3.46 9.29 20.92
N LYS B 274 2.76 8.16 20.87
CA LYS B 274 1.31 8.18 21.09
C LYS B 274 0.76 7.43 22.32
N ASP B 275 1.52 6.51 22.90
CA ASP B 275 0.97 5.62 23.90
C ASP B 275 1.69 5.68 25.26
N ASN B 276 2.93 6.12 25.24
CA ASN B 276 3.63 6.40 26.48
C ASN B 276 3.16 7.78 27.00
N ILE B 277 1.98 7.80 27.60
CA ILE B 277 1.29 9.05 27.93
C ILE B 277 1.21 9.36 29.42
N LYS B 278 1.06 10.65 29.70
CA LYS B 278 0.76 11.15 31.03
C LYS B 278 -0.24 12.28 30.89
N PRO B 279 -0.93 12.65 32.00
CA PRO B 279 -1.91 13.74 31.91
C PRO B 279 -1.25 15.04 31.44
N ALA B 280 -2.02 15.86 30.71
CA ALA B 280 -1.52 17.09 30.10
C ALA B 280 -2.60 18.17 30.04
N PHE B 281 -2.15 19.42 30.14
CA PHE B 281 -2.98 20.60 30.13
C PHE B 281 -2.51 21.56 29.05
N PHE B 282 -3.46 22.09 28.30
CA PHE B 282 -3.19 23.27 27.45
C PHE B 282 -4.43 24.17 27.51
N PRO B 283 -4.23 25.45 27.88
CA PRO B 283 -5.39 26.28 28.20
C PRO B 283 -6.31 26.58 27.01
N GLY B 284 -7.61 26.51 27.28
CA GLY B 284 -8.64 26.73 26.27
C GLY B 284 -8.91 25.50 25.44
N SER B 285 -8.03 24.49 25.54
CA SER B 285 -8.05 23.36 24.63
C SER B 285 -8.81 22.12 25.16
N ASN B 286 -8.80 21.04 24.38
CA ASN B 286 -9.46 19.79 24.74
C ASN B 286 -8.43 18.72 25.15
N THR B 287 -7.21 19.18 25.43
CA THR B 287 -6.08 18.33 25.76
C THR B 287 -6.29 17.70 27.13
N VAL B 288 -5.99 16.41 27.20
CA VAL B 288 -6.07 15.66 28.47
C VAL B 288 -4.75 14.96 28.78
N ALA B 289 -3.93 14.74 27.75
CA ALA B 289 -2.72 13.94 27.88
C ALA B 289 -1.71 14.19 26.76
N ASN B 290 -0.48 13.73 26.96
CA ASN B 290 0.54 13.82 25.92
C ASN B 290 1.53 12.68 25.96
N GLY B 291 2.03 12.30 24.80
CA GLY B 291 3.11 11.34 24.70
C GLY B 291 4.42 12.08 24.49
N HIS B 292 5.08 11.78 23.38
CA HIS B 292 6.37 12.34 23.08
C HIS B 292 6.32 12.85 21.65
N GLY B 293 5.49 13.88 21.48
CA GLY B 293 5.24 14.48 20.17
C GLY B 293 3.77 14.53 19.80
N LEU B 294 2.91 13.88 20.58
CA LEU B 294 1.46 13.92 20.33
C LEU B 294 0.64 14.28 21.54
N LEU B 295 -0.30 15.19 21.32
CA LEU B 295 -1.33 15.52 22.31
C LEU B 295 -2.54 14.62 22.12
N LEU B 296 -3.20 14.30 23.23
CA LEU B 296 -4.47 13.57 23.22
C LEU B 296 -5.58 14.55 23.52
N MET B 297 -6.47 14.76 22.56
CA MET B 297 -7.51 15.78 22.68
C MET B 297 -8.90 15.17 22.54
N ARG B 298 -9.74 15.34 23.58
CA ARG B 298 -11.07 14.70 23.60
C ARG B 298 -12.21 15.50 22.95
N TYR B 299 -12.95 14.82 22.09
CA TYR B 299 -14.14 15.37 21.43
C TYR B 299 -15.31 14.44 21.68
N GLY B 300 -15.99 14.66 22.82
CA GLY B 300 -17.05 13.80 23.28
C GLY B 300 -16.59 12.35 23.36
N SER B 301 -17.25 11.50 22.58
CA SER B 301 -16.94 10.07 22.50
C SER B 301 -15.72 9.76 21.62
N SER B 302 -15.23 10.77 20.92
CA SER B 302 -14.05 10.61 20.08
C SER B 302 -12.84 11.27 20.74
N GLU B 303 -11.65 10.90 20.27
CA GLU B 303 -10.40 11.41 20.80
C GLU B 303 -9.37 11.47 19.69
N LEU B 304 -8.77 12.65 19.50
CA LEU B 304 -7.69 12.79 18.55
C LEU B 304 -6.34 12.64 19.23
N LYS B 305 -5.45 11.89 18.58
CA LYS B 305 -4.03 11.97 18.90
C LYS B 305 -3.38 12.81 17.82
N GLY B 306 -2.87 13.98 18.20
CA GLY B 306 -2.31 14.90 17.23
C GLY B 306 -1.64 16.08 17.86
N HIS B 307 -2.08 17.27 17.47
CA HIS B 307 -1.58 18.52 18.02
C HIS B 307 -2.51 19.69 17.69
N LEU B 308 -2.42 20.74 18.49
CA LEU B 308 -3.09 22.00 18.21
C LEU B 308 -2.03 23.01 17.76
N GLY B 309 -2.45 24.04 17.03
CA GLY B 309 -1.50 25.08 16.60
C GLY B 309 -2.05 26.49 16.79
N GLN B 310 -1.25 27.37 17.40
CA GLN B 310 -1.64 28.77 17.58
C GLN B 310 -0.50 29.72 17.26
N ILE B 311 -0.64 30.40 16.14
CA ILE B 311 0.32 31.41 15.71
C ILE B 311 -0.57 32.53 15.18
N PRO B 312 -0.22 33.79 15.45
CA PRO B 312 -1.19 34.86 15.23
C PRO B 312 -2.02 34.76 13.94
N GLY B 313 -3.31 34.46 14.10
CA GLY B 313 -4.24 34.43 12.97
C GLY B 313 -4.47 33.10 12.27
N HIS B 314 -3.59 32.10 12.45
CA HIS B 314 -3.83 30.73 11.96
C HIS B 314 -4.00 29.74 13.12
N THR B 315 -5.17 29.09 13.18
CA THR B 315 -5.51 28.19 14.27
C THR B 315 -5.84 26.78 13.74
N SER B 316 -5.04 25.80 14.18
CA SER B 316 -5.08 24.46 13.60
C SER B 316 -5.30 23.36 14.62
N ILE B 317 -6.05 22.33 14.21
CA ILE B 317 -6.17 21.09 14.96
C ILE B 317 -5.88 19.93 14.01
N MET B 318 -4.90 19.09 14.37
CA MET B 318 -4.62 17.88 13.58
C MET B 318 -4.70 16.64 14.45
N GLY B 319 -5.00 15.50 13.81
CA GLY B 319 -4.91 14.23 14.51
C GLY B 319 -5.55 13.01 13.87
N ARG B 320 -5.30 11.85 14.48
CA ARG B 320 -6.03 10.65 14.15
C ARG B 320 -6.90 10.19 15.30
N ASP B 321 -8.18 9.94 15.00
CA ASP B 321 -9.05 9.16 15.89
C ASP B 321 -8.73 7.69 15.64
N GLU B 322 -7.91 7.13 16.53
CA GLU B 322 -7.36 5.76 16.40
C GLU B 322 -8.44 4.68 16.40
N GLU B 323 -9.59 5.03 16.94
CA GLU B 323 -10.76 4.16 16.92
C GLU B 323 -11.37 4.07 15.53
N THR B 324 -11.84 5.21 15.01
CA THR B 324 -12.52 5.23 13.69
C THR B 324 -11.53 5.17 12.53
N GLY B 325 -10.23 5.26 12.85
CA GLY B 325 -9.16 5.27 11.85
C GLY B 325 -9.04 6.59 11.10
N ALA B 326 -9.84 7.57 11.54
CA ALA B 326 -9.98 8.85 10.84
C ALA B 326 -8.85 9.83 11.19
N ALA B 327 -8.39 10.53 10.16
CA ALA B 327 -7.28 11.47 10.26
C ALA B 327 -7.68 12.75 9.56
N LEU B 328 -7.41 13.88 10.23
CA LEU B 328 -7.85 15.20 9.80
C LEU B 328 -6.89 16.32 10.18
N MET B 329 -6.89 17.37 9.37
CA MET B 329 -6.30 18.66 9.71
C MET B 329 -7.33 19.73 9.35
N LEU B 330 -7.70 20.54 10.33
CA LEU B 330 -8.64 21.61 10.15
C LEU B 330 -7.91 22.87 10.51
N ILE B 331 -7.81 23.80 9.56
CA ILE B 331 -7.18 25.09 9.86
C ILE B 331 -8.13 26.24 9.49
N GLN B 332 -8.27 27.18 10.41
CA GLN B 332 -8.96 28.43 10.14
C GLN B 332 -7.95 29.59 10.14
N ASN B 333 -8.18 30.56 9.28
CA ASN B 333 -7.36 31.77 9.30
C ASN B 333 -7.99 32.88 10.17
N SER B 334 -8.64 32.45 11.25
CA SER B 334 -9.05 33.32 12.35
C SER B 334 -8.38 32.88 13.63
N GLY B 335 -7.82 33.85 14.36
CA GLY B 335 -7.33 33.62 15.70
C GLY B 335 -7.57 34.85 16.55
N ALA B 336 -7.05 34.81 17.78
CA ALA B 336 -7.00 35.95 18.69
C ALA B 336 -5.83 35.73 19.67
N GLY B 337 -5.77 36.52 20.75
CA GLY B 337 -4.70 36.39 21.74
C GLY B 337 -5.04 35.53 22.95
N ASP B 338 -6.28 35.64 23.42
CA ASP B 338 -6.74 34.97 24.64
C ASP B 338 -6.96 33.49 24.34
N PHE B 339 -6.48 32.62 25.22
CA PHE B 339 -6.67 31.18 25.10
C PHE B 339 -8.13 30.78 25.10
N GLU B 340 -8.93 31.54 25.83
CA GLU B 340 -10.36 31.27 25.99
C GLU B 340 -11.26 32.05 25.02
N SER B 341 -10.68 32.79 24.10
CA SER B 341 -11.47 33.44 23.04
C SER B 341 -12.06 32.41 22.09
N PHE B 342 -13.28 32.68 21.60
CA PHE B 342 -13.89 31.87 20.53
C PHE B 342 -12.93 31.68 19.36
N TYR B 343 -12.16 32.72 19.04
CA TYR B 343 -11.27 32.71 17.85
C TYR B 343 -10.05 31.79 17.96
N LEU B 344 -9.74 31.38 19.18
CA LEU B 344 -8.73 30.35 19.46
C LEU B 344 -9.41 29.07 19.88
N LYS B 345 -10.11 29.14 21.02
CA LYS B 345 -10.74 28.02 21.69
C LYS B 345 -11.82 27.35 20.82
N GLY B 346 -12.52 28.15 20.02
CA GLY B 346 -13.65 27.66 19.22
C GLY B 346 -13.32 26.81 18.02
N VAL B 347 -12.03 26.75 17.64
CA VAL B 347 -11.59 25.87 16.55
C VAL B 347 -11.96 24.40 16.83
N ASN B 348 -12.11 24.08 18.11
CA ASN B 348 -12.44 22.74 18.58
C ASN B 348 -13.89 22.32 18.35
N GLU B 349 -14.76 23.32 18.20
CA GLU B 349 -16.20 23.13 17.98
C GLU B 349 -16.53 22.42 16.66
N PRO B 350 -16.05 22.98 15.51
CA PRO B 350 -16.26 22.27 14.24
C PRO B 350 -15.63 20.87 14.21
N VAL B 351 -14.47 20.69 14.85
CA VAL B 351 -13.80 19.38 14.90
C VAL B 351 -14.70 18.37 15.63
N ASP B 352 -15.18 18.78 16.80
CA ASP B 352 -16.19 18.03 17.56
C ASP B 352 -17.38 17.65 16.68
N ARG B 353 -17.95 18.65 16.01
N ARG B 353 -17.95 18.65 16.00
CA ARG B 353 -19.06 18.45 15.08
CA ARG B 353 -19.07 18.43 15.09
C ARG B 353 -18.75 17.47 13.97
C ARG B 353 -18.75 17.47 13.97
N VAL B 354 -17.62 17.69 13.29
CA VAL B 354 -17.14 16.83 12.20
C VAL B 354 -17.00 15.36 12.63
N LEU B 355 -16.34 15.13 13.76
CA LEU B 355 -16.14 13.79 14.31
C LEU B 355 -17.45 13.12 14.75
N GLU B 356 -18.38 13.91 15.26
CA GLU B 356 -19.70 13.39 15.65
C GLU B 356 -20.53 12.99 14.42
N ALA B 357 -20.32 13.69 13.31
CA ALA B 357 -21.00 13.40 12.07
C ALA B 357 -20.48 12.11 11.43
N ILE B 358 -19.18 11.87 11.59
CA ILE B 358 -18.52 10.62 11.15
C ILE B 358 -19.09 9.44 11.94
N LYS B 359 -19.19 9.59 13.26
CA LYS B 359 -19.78 8.57 14.12
C LYS B 359 -21.24 8.25 13.74
N ASN B 360 -22.03 9.29 13.46
CA ASN B 360 -23.45 9.11 13.11
C ASN B 360 -23.72 8.57 11.70
N SER B 361 -22.76 8.75 10.79
CA SER B 361 -22.90 8.24 9.42
C SER B 361 -22.82 6.71 9.40
N ARG B 362 -21.96 6.16 10.26
CA ARG B 362 -21.83 4.71 10.41
C ARG B 362 -22.48 4.20 11.72
N SER B 363 -23.42 4.99 12.24
CA SER B 363 -24.30 4.56 13.34
C SER B 363 -25.57 3.91 12.80
N ASP C 3 -22.07 -21.41 -14.69
CA ASP C 3 -22.82 -20.40 -15.51
C ASP C 3 -22.16 -19.02 -15.41
N LEU C 4 -21.71 -18.53 -16.57
CA LEU C 4 -21.02 -17.25 -16.70
C LEU C 4 -21.96 -16.06 -16.47
N ASN C 5 -23.23 -16.23 -16.85
CA ASN C 5 -24.24 -15.18 -16.71
C ASN C 5 -24.40 -14.68 -15.28
N ASN C 6 -24.45 -15.62 -14.33
CA ASN C 6 -24.55 -15.29 -12.91
C ASN C 6 -23.30 -14.61 -12.35
N ALA C 7 -22.14 -15.12 -12.76
CA ALA C 7 -20.84 -14.57 -12.41
C ALA C 7 -20.67 -13.12 -12.89
N ILE C 8 -21.20 -12.81 -14.08
CA ILE C 8 -21.13 -11.46 -14.62
C ILE C 8 -22.09 -10.50 -13.90
N GLN C 9 -23.30 -10.99 -13.61
CA GLN C 9 -24.30 -10.24 -12.86
C GLN C 9 -23.79 -9.86 -11.47
N GLY C 10 -23.11 -10.80 -10.82
CA GLY C 10 -22.48 -10.56 -9.52
C GLY C 10 -21.32 -9.59 -9.58
N ILE C 11 -20.61 -9.57 -10.70
CA ILE C 11 -19.53 -8.60 -10.91
C ILE C 11 -20.12 -7.18 -10.96
N LEU C 12 -21.17 -7.02 -11.77
CA LEU C 12 -21.88 -5.75 -11.91
C LEU C 12 -22.55 -5.30 -10.62
N ASP C 13 -23.28 -6.21 -9.96
CA ASP C 13 -23.97 -5.92 -8.71
C ASP C 13 -23.01 -5.46 -7.61
N ASP C 14 -21.84 -6.10 -7.51
CA ASP C 14 -20.79 -5.68 -6.57
C ASP C 14 -20.24 -4.29 -6.90
N HIS C 15 -20.12 -3.99 -8.20
CA HIS C 15 -19.60 -2.70 -8.62
C HIS C 15 -20.53 -1.56 -8.21
N VAL C 16 -21.84 -1.72 -8.40
CA VAL C 16 -22.78 -0.68 -8.01
C VAL C 16 -22.85 -0.55 -6.49
N ALA C 17 -22.72 -1.68 -5.78
CA ALA C 17 -22.69 -1.68 -4.32
C ALA C 17 -21.53 -0.84 -3.75
N ARG C 18 -20.51 -0.61 -4.58
CA ARG C 18 -19.36 0.19 -4.21
C ARG C 18 -19.55 1.70 -4.42
N GLY C 19 -20.72 2.12 -4.84
CA GLY C 19 -21.02 3.56 -4.98
C GLY C 19 -21.43 4.05 -6.35
N VAL C 20 -21.31 3.18 -7.35
CA VAL C 20 -21.66 3.48 -8.73
C VAL C 20 -23.17 3.35 -8.93
N VAL C 21 -23.79 4.41 -9.46
CA VAL C 21 -25.25 4.49 -9.64
C VAL C 21 -25.80 3.36 -10.53
N GLY C 22 -25.16 3.12 -11.67
CA GLY C 22 -25.58 2.05 -12.56
C GLY C 22 -24.55 1.65 -13.60
N VAL C 23 -24.69 0.42 -14.11
CA VAL C 23 -23.84 -0.10 -15.17
C VAL C 23 -24.68 -0.86 -16.18
N SER C 24 -24.27 -0.78 -17.44
CA SER C 24 -24.87 -1.57 -18.49
C SER C 24 -23.76 -2.23 -19.32
N LEU C 25 -23.83 -3.56 -19.45
CA LEU C 25 -22.88 -4.31 -20.26
C LEU C 25 -23.54 -4.99 -21.46
N ALA C 26 -22.81 -5.02 -22.57
CA ALA C 26 -23.10 -5.91 -23.69
C ALA C 26 -21.87 -6.80 -23.90
N LEU C 27 -22.07 -8.10 -23.89
CA LEU C 27 -20.99 -9.06 -24.13
C LEU C 27 -21.39 -10.06 -25.19
N CYS C 28 -20.49 -10.28 -26.15
CA CYS C 28 -20.70 -11.27 -27.18
C CYS C 28 -19.49 -12.19 -27.32
N LEU C 29 -19.74 -13.50 -27.25
CA LEU C 29 -18.70 -14.50 -27.47
C LEU C 29 -18.82 -15.08 -28.88
N PRO C 30 -17.70 -15.61 -29.44
CA PRO C 30 -17.75 -16.15 -30.81
C PRO C 30 -18.73 -17.33 -30.94
N GLY C 31 -19.40 -17.43 -32.08
CA GLY C 31 -20.45 -18.44 -32.28
C GLY C 31 -21.74 -18.14 -31.51
N GLU C 32 -21.65 -17.32 -30.47
CA GLU C 32 -22.81 -16.91 -29.68
C GLU C 32 -23.39 -15.57 -30.13
N GLU C 33 -24.51 -15.19 -29.53
CA GLU C 33 -25.13 -13.90 -29.74
C GLU C 33 -24.93 -13.02 -28.51
N THR C 34 -24.99 -11.71 -28.73
CA THR C 34 -24.79 -10.73 -27.67
C THR C 34 -25.81 -10.90 -26.53
N SER C 35 -25.28 -11.08 -25.33
CA SER C 35 -26.07 -11.08 -24.10
C SER C 35 -25.88 -9.75 -23.37
N LEU C 36 -26.96 -9.26 -22.77
CA LEU C 36 -26.98 -7.95 -22.11
C LEU C 36 -27.16 -8.07 -20.59
N TYR C 37 -26.46 -7.22 -19.85
CA TYR C 37 -26.58 -7.19 -18.39
C TYR C 37 -26.69 -5.76 -17.87
N GLN C 38 -27.49 -5.56 -16.84
CA GLN C 38 -27.53 -4.27 -16.14
C GLN C 38 -27.59 -4.49 -14.65
N SER C 39 -27.39 -3.38 -13.92
CA SER C 39 -27.45 -3.35 -12.48
C SER C 39 -27.64 -1.88 -12.14
N GLY C 40 -28.25 -1.62 -10.98
CA GLY C 40 -28.43 -0.25 -10.50
C GLY C 40 -29.44 0.55 -11.30
N TYR C 41 -29.27 1.88 -11.29
CA TYR C 41 -30.26 2.80 -11.86
C TYR C 41 -29.79 3.60 -13.08
N ALA C 42 -30.72 3.83 -14.00
CA ALA C 42 -30.52 4.79 -15.09
C ALA C 42 -30.74 6.21 -14.56
N ASP C 43 -31.70 6.34 -13.63
CA ASP C 43 -32.02 7.59 -12.97
C ASP C 43 -31.95 7.39 -11.46
N LYS C 44 -30.98 8.04 -10.83
CA LYS C 44 -30.71 7.86 -9.41
C LYS C 44 -31.85 8.36 -8.51
N PHE C 45 -32.49 9.45 -8.91
CA PHE C 45 -33.46 10.11 -8.06
C PHE C 45 -34.89 9.58 -8.26
N ASN C 46 -35.32 9.47 -9.52
CA ASN C 46 -36.62 8.86 -9.84
C ASN C 46 -36.60 7.34 -9.75
N LYS C 47 -35.59 6.80 -9.05
CA LYS C 47 -35.37 5.36 -8.90
C LYS C 47 -35.70 4.48 -10.12
N MET C 48 -35.37 4.96 -11.32
CA MET C 48 -35.60 4.26 -12.58
C MET C 48 -34.46 3.26 -12.84
N PRO C 49 -34.80 1.98 -13.10
CA PRO C 49 -33.79 0.93 -13.26
C PRO C 49 -33.01 0.99 -14.58
N MET C 50 -31.79 0.47 -14.58
CA MET C 50 -30.94 0.45 -15.78
C MET C 50 -31.39 -0.69 -16.71
N THR C 51 -31.54 -0.37 -18.00
CA THR C 51 -31.84 -1.39 -19.03
C THR C 51 -30.83 -1.36 -20.17
N GLY C 52 -30.90 -2.37 -21.05
CA GLY C 52 -30.03 -2.44 -22.22
C GLY C 52 -30.51 -1.57 -23.37
N ASP C 53 -31.58 -0.83 -23.13
CA ASP C 53 -32.10 0.12 -24.11
C ASP C 53 -31.67 1.56 -23.85
N HIS C 54 -31.16 1.82 -22.64
CA HIS C 54 -30.68 3.15 -22.26
C HIS C 54 -29.46 3.57 -23.05
N LEU C 55 -29.49 4.83 -23.47
CA LEU C 55 -28.38 5.42 -24.21
C LEU C 55 -27.37 6.07 -23.27
N PHE C 56 -26.11 6.06 -23.70
CA PHE C 56 -25.02 6.69 -23.00
C PHE C 56 -24.23 7.52 -24.00
N ARG C 57 -23.68 8.65 -23.52
CA ARG C 57 -22.65 9.36 -24.25
C ARG C 57 -21.36 8.51 -24.18
N ILE C 58 -20.88 8.08 -25.35
CA ILE C 58 -19.76 7.12 -25.38
C ILE C 58 -18.39 7.83 -25.38
N ALA C 59 -18.43 9.17 -25.48
CA ALA C 59 -17.22 10.01 -25.39
C ALA C 59 -16.12 9.54 -26.35
N SER C 60 -14.89 9.17 -26.04
CA SER C 60 -13.72 9.01 -26.89
C SER C 60 -13.76 7.66 -27.56
N CYS C 61 -14.73 6.77 -27.32
CA CYS C 61 -15.13 5.63 -28.17
C CYS C 61 -15.56 6.10 -29.56
N THR C 62 -15.94 7.37 -29.66
CA THR C 62 -16.24 8.04 -30.93
C THR C 62 -15.03 7.98 -31.85
N LYS C 63 -13.83 8.08 -31.26
CA LYS C 63 -12.56 8.09 -32.02
C LYS C 63 -12.41 6.89 -32.94
N SER C 64 -12.88 5.72 -32.48
CA SER C 64 -12.82 4.49 -33.29
C SER C 64 -13.72 4.52 -34.53
N PHE C 65 -14.90 5.13 -34.42
CA PHE C 65 -15.80 5.32 -35.57
C PHE C 65 -15.22 6.35 -36.55
N ILE C 66 -14.71 7.45 -36.00
CA ILE C 66 -14.02 8.50 -36.77
C ILE C 66 -12.81 7.94 -37.50
N ALA C 67 -11.95 7.21 -36.79
CA ALA C 67 -10.81 6.54 -37.42
C ALA C 67 -11.27 5.54 -38.49
N THR C 68 -12.32 4.76 -38.20
CA THR C 68 -12.91 3.85 -39.20
C THR C 68 -13.39 4.66 -40.41
N GLY C 69 -14.14 5.73 -40.16
CA GLY C 69 -14.65 6.56 -41.24
C GLY C 69 -13.56 7.07 -42.14
N LEU C 70 -12.42 7.45 -41.56
CA LEU C 70 -11.27 7.94 -42.33
C LEU C 70 -10.62 6.82 -43.14
N HIS C 71 -10.40 5.66 -42.50
CA HIS C 71 -9.88 4.46 -43.18
C HIS C 71 -10.72 4.03 -44.38
N LEU C 72 -12.02 4.30 -44.35
CA LEU C 72 -12.88 4.05 -45.52
C LEU C 72 -12.52 4.90 -46.73
N LEU C 73 -12.32 6.20 -46.49
CA LEU C 73 -11.83 7.13 -47.50
C LEU C 73 -10.46 6.74 -48.05
N VAL C 74 -9.63 6.12 -47.21
CA VAL C 74 -8.33 5.61 -47.66
C VAL C 74 -8.55 4.44 -48.62
N GLN C 75 -9.36 3.46 -48.21
CA GLN C 75 -9.76 2.38 -49.12
C GLN C 75 -10.36 2.92 -50.42
N ASP C 76 -11.16 3.98 -50.30
CA ASP C 76 -11.82 4.60 -51.46
C ASP C 76 -10.83 5.27 -52.39
N GLY C 77 -9.62 5.52 -51.90
CA GLY C 77 -8.51 6.00 -52.73
C GLY C 77 -8.32 7.50 -52.69
N THR C 78 -9.17 8.19 -51.93
CA THR C 78 -9.19 9.65 -51.91
C THR C 78 -8.22 10.24 -50.88
N VAL C 79 -7.84 9.42 -49.90
CA VAL C 79 -6.97 9.82 -48.80
C VAL C 79 -5.87 8.79 -48.61
N ASP C 80 -4.66 9.28 -48.34
CA ASP C 80 -3.49 8.44 -48.14
C ASP C 80 -2.96 8.69 -46.73
N LEU C 81 -2.88 7.64 -45.91
CA LEU C 81 -2.41 7.75 -44.49
C LEU C 81 -1.03 8.41 -44.28
N ASP C 82 -0.22 8.46 -45.35
CA ASP C 82 1.12 9.06 -45.27
C ASP C 82 1.30 10.43 -45.96
N GLU C 83 0.26 10.92 -46.64
CA GLU C 83 0.32 12.24 -47.23
C GLU C 83 0.18 13.35 -46.16
N PRO C 84 0.87 14.49 -46.37
CA PRO C 84 0.80 15.58 -45.40
C PRO C 84 -0.60 16.21 -45.34
N ILE C 85 -0.99 16.68 -44.16
CA ILE C 85 -2.33 17.25 -43.98
C ILE C 85 -2.41 18.70 -44.47
N THR C 86 -1.31 19.24 -44.98
CA THR C 86 -1.31 20.57 -45.61
C THR C 86 -2.34 20.70 -46.73
N ARG C 87 -2.76 19.55 -47.28
CA ARG C 87 -3.77 19.50 -48.33
C ARG C 87 -5.09 20.12 -47.85
N TRP C 88 -5.42 19.89 -46.58
CA TRP C 88 -6.69 20.33 -45.98
C TRP C 88 -6.47 21.51 -45.07
N PHE C 89 -5.30 21.59 -44.46
CA PHE C 89 -4.99 22.63 -43.49
C PHE C 89 -3.65 23.29 -43.78
N PRO C 90 -3.54 24.03 -44.92
CA PRO C 90 -2.29 24.73 -45.30
C PRO C 90 -1.85 25.82 -44.31
N ASP C 91 -2.82 26.33 -43.54
CA ASP C 91 -2.62 27.41 -42.57
C ASP C 91 -2.31 26.93 -41.16
N LEU C 92 -2.30 25.61 -40.95
CA LEU C 92 -2.03 25.02 -39.64
C LEU C 92 -0.52 24.81 -39.44
N PRO C 93 0.04 25.30 -38.33
CA PRO C 93 1.48 25.14 -38.06
C PRO C 93 1.96 23.68 -37.97
N LYS C 94 3.04 23.41 -38.70
CA LYS C 94 3.73 22.11 -38.69
C LYS C 94 2.97 21.05 -39.48
N ALA C 95 1.92 21.48 -40.18
CA ALA C 95 1.06 20.57 -40.93
C ALA C 95 1.84 19.79 -41.99
N ALA C 96 2.92 20.37 -42.49
CA ALA C 96 3.78 19.72 -43.47
C ALA C 96 4.49 18.50 -42.91
N GLN C 97 4.64 18.48 -41.59
CA GLN C 97 5.32 17.40 -40.90
C GLN C 97 4.29 16.47 -40.25
N MET C 98 3.04 16.61 -40.67
CA MET C 98 1.96 15.82 -40.13
C MET C 98 1.29 15.06 -41.25
N PRO C 99 1.61 13.76 -41.37
CA PRO C 99 0.90 12.83 -42.25
C PRO C 99 -0.47 12.52 -41.65
N VAL C 100 -1.41 12.08 -42.48
CA VAL C 100 -2.81 11.87 -42.07
C VAL C 100 -2.88 10.96 -40.85
N ARG C 101 -2.09 9.90 -40.87
CA ARG C 101 -2.00 8.93 -39.76
C ARG C 101 -1.70 9.55 -38.39
N ILE C 102 -0.91 10.64 -38.36
CA ILE C 102 -0.55 11.29 -37.09
C ILE C 102 -1.75 11.92 -36.36
N LEU C 103 -2.83 12.10 -37.12
CA LEU C 103 -4.07 12.62 -36.55
C LEU C 103 -4.72 11.59 -35.64
N LEU C 104 -4.38 10.33 -35.88
CA LEU C 104 -5.09 9.18 -35.34
C LEU C 104 -4.34 8.45 -34.25
N ASN C 105 -3.02 8.64 -34.20
CA ASN C 105 -2.14 7.81 -33.40
C ASN C 105 -1.60 8.50 -32.16
N HIS C 106 -2.17 9.67 -31.85
CA HIS C 106 -1.84 10.48 -30.67
C HIS C 106 -0.35 10.87 -30.54
N ARG C 107 0.28 11.12 -31.69
CA ARG C 107 1.68 11.54 -31.74
C ARG C 107 1.85 12.85 -32.52
N SER C 108 0.75 13.56 -32.77
CA SER C 108 0.79 14.74 -33.62
C SER C 108 1.43 15.91 -32.91
N GLY C 109 1.30 15.94 -31.57
CA GLY C 109 1.77 17.05 -30.77
C GLY C 109 0.86 18.25 -30.86
N LEU C 110 -0.34 18.06 -31.44
CA LEU C 110 -1.31 19.15 -31.56
C LEU C 110 -1.70 19.69 -30.19
N PRO C 111 -1.89 21.02 -30.08
CA PRO C 111 -2.31 21.56 -28.79
C PRO C 111 -3.72 21.08 -28.48
N ASP C 112 -4.04 20.87 -27.21
CA ASP C 112 -5.32 20.27 -26.88
C ASP C 112 -6.28 21.25 -26.23
N PHE C 113 -7.56 20.88 -26.23
CA PHE C 113 -8.63 21.78 -25.84
C PHE C 113 -9.46 21.32 -24.65
N GLU C 114 -9.47 20.02 -24.38
CA GLU C 114 -10.40 19.43 -23.40
C GLU C 114 -10.24 20.02 -21.99
N THR C 115 -8.99 20.28 -21.62
CA THR C 115 -8.67 20.63 -20.25
C THR C 115 -9.13 22.03 -19.85
N SER C 116 -9.35 22.90 -20.84
CA SER C 116 -9.77 24.27 -20.58
C SER C 116 -11.14 24.64 -21.18
N MET C 117 -11.77 23.70 -21.86
CA MET C 117 -13.09 23.92 -22.40
C MET C 117 -14.15 23.83 -21.28
N PRO C 118 -14.98 24.88 -21.14
CA PRO C 118 -16.03 24.83 -20.10
C PRO C 118 -16.92 23.61 -20.32
N MET C 119 -17.09 22.80 -19.29
CA MET C 119 -17.92 21.59 -19.42
C MET C 119 -19.39 21.89 -19.20
N ILE C 120 -19.66 22.97 -18.48
CA ILE C 120 -21.04 23.40 -18.22
C ILE C 120 -21.32 24.67 -19.01
N SER C 121 -22.02 24.51 -20.13
CA SER C 121 -22.17 25.56 -21.13
C SER C 121 -23.31 25.19 -22.09
N ASP C 122 -23.81 26.17 -22.85
CA ASP C 122 -24.82 25.93 -23.88
C ASP C 122 -24.30 26.28 -25.26
N LYS C 123 -23.02 26.67 -25.32
CA LYS C 123 -22.38 27.06 -26.57
C LYS C 123 -22.39 25.89 -27.52
N SER C 124 -22.80 26.14 -28.75
CA SER C 124 -22.74 25.10 -29.79
C SER C 124 -21.51 25.40 -30.63
N TRP C 125 -20.58 24.45 -30.64
CA TRP C 125 -19.28 24.66 -31.26
C TRP C 125 -19.23 24.30 -32.72
N THR C 126 -18.33 24.97 -33.41
CA THR C 126 -17.95 24.65 -34.76
C THR C 126 -16.58 23.93 -34.64
N ALA C 127 -16.23 23.11 -35.64
CA ALA C 127 -14.93 22.44 -35.66
C ALA C 127 -13.73 23.42 -35.69
N GLN C 128 -13.80 24.44 -36.56
CA GLN C 128 -12.76 25.49 -36.58
C GLN C 128 -12.63 26.24 -35.24
N GLU C 129 -13.76 26.58 -34.62
CA GLU C 129 -13.75 27.19 -33.29
C GLU C 129 -12.97 26.38 -32.27
N ILE C 130 -13.11 25.05 -32.31
CA ILE C 130 -12.41 24.15 -31.41
C ILE C 130 -10.93 24.15 -31.75
N VAL C 131 -10.60 24.10 -33.04
CA VAL C 131 -9.21 24.24 -33.48
C VAL C 131 -8.60 25.57 -32.99
N ASP C 132 -9.31 26.68 -33.24
CA ASP C 132 -8.88 27.99 -32.75
C ASP C 132 -8.64 27.96 -31.24
N PHE C 133 -9.57 27.35 -30.53
CA PHE C 133 -9.57 27.27 -29.09
C PHE C 133 -8.36 26.48 -28.56
N SER C 134 -8.11 25.31 -29.17
CA SER C 134 -6.89 24.53 -28.93
C SER C 134 -5.61 25.33 -29.03
N PHE C 135 -5.52 26.20 -30.04
CA PHE C 135 -4.26 26.94 -30.29
C PHE C 135 -4.00 28.08 -29.32
N ARG C 136 -5.07 28.57 -28.70
CA ARG C 136 -4.99 29.62 -27.70
C ARG C 136 -4.71 29.06 -26.31
N HIS C 137 -5.27 27.89 -26.04
CA HIS C 137 -5.25 27.37 -24.68
C HIS C 137 -4.29 26.21 -24.49
N GLY C 138 -3.95 25.53 -25.59
CA GLY C 138 -3.02 24.40 -25.52
C GLY C 138 -1.57 24.73 -25.86
N VAL C 139 -0.76 23.68 -25.89
CA VAL C 139 0.67 23.77 -26.19
C VAL C 139 0.96 22.82 -27.36
N GLN C 140 1.43 23.36 -28.48
CA GLN C 140 1.83 22.51 -29.58
C GLN C 140 3.23 21.92 -29.34
N LYS C 141 3.38 20.63 -29.61
CA LYS C 141 4.69 19.98 -29.57
C LYS C 141 5.10 19.58 -31.00
N GLU C 142 6.30 19.04 -31.15
CA GLU C 142 6.75 18.57 -32.46
C GLU C 142 6.01 17.30 -32.82
N PRO C 143 5.49 17.19 -34.05
CA PRO C 143 4.99 15.90 -34.51
C PRO C 143 6.01 14.80 -34.21
N TRP C 144 5.52 13.67 -33.69
CA TRP C 144 6.36 12.51 -33.35
C TRP C 144 7.20 12.68 -32.09
N HIS C 145 6.92 13.73 -31.31
CA HIS C 145 7.62 13.96 -30.04
C HIS C 145 7.58 12.73 -29.13
N GLY C 146 6.47 12.01 -29.22
CA GLY C 146 6.14 10.94 -28.27
C GLY C 146 4.63 10.80 -28.30
N MET C 147 4.10 9.99 -27.39
CA MET C 147 2.65 9.80 -27.31
C MET C 147 2.05 10.73 -26.28
N GLU C 148 1.19 11.64 -26.74
CA GLU C 148 0.31 12.35 -25.84
C GLU C 148 -1.09 12.33 -26.47
N TYR C 149 -2.04 11.80 -25.70
CA TYR C 149 -3.43 11.72 -26.13
C TYR C 149 -3.95 13.06 -26.68
N SER C 150 -4.37 13.06 -27.94
CA SER C 150 -4.82 14.25 -28.65
C SER C 150 -6.28 14.14 -29.12
N ASN C 151 -7.13 15.06 -28.65
CA ASN C 151 -8.52 15.19 -29.12
C ASN C 151 -8.58 15.93 -30.44
N THR C 152 -7.76 16.98 -30.55
CA THR C 152 -7.63 17.83 -31.75
C THR C 152 -7.30 17.02 -33.00
N GLY C 153 -6.49 15.98 -32.85
CA GLY C 153 -6.17 15.09 -33.96
C GLY C 153 -7.43 14.53 -34.60
N TYR C 154 -8.40 14.14 -33.77
CA TYR C 154 -9.62 13.52 -34.26
C TYR C 154 -10.64 14.53 -34.82
N VAL C 155 -10.68 15.72 -34.23
CA VAL C 155 -11.45 16.83 -34.76
C VAL C 155 -11.01 17.21 -36.18
N LEU C 156 -9.70 17.20 -36.41
CA LEU C 156 -9.15 17.47 -37.74
C LEU C 156 -9.42 16.32 -38.70
N ALA C 157 -9.41 15.09 -38.18
CA ALA C 157 -9.76 13.89 -38.97
C ALA C 157 -11.21 13.98 -39.44
N GLY C 158 -12.10 14.49 -38.59
CA GLY C 158 -13.50 14.65 -38.93
C GLY C 158 -13.72 15.73 -39.98
N MET C 159 -12.88 16.76 -39.92
CA MET C 159 -12.87 17.84 -40.92
C MET C 159 -12.45 17.34 -42.30
N ILE C 160 -11.52 16.39 -42.33
CA ILE C 160 -11.10 15.74 -43.56
C ILE C 160 -12.27 14.95 -44.16
N ILE C 161 -12.93 14.15 -43.32
CA ILE C 161 -14.13 13.41 -43.72
C ILE C 161 -15.16 14.33 -44.38
N ALA C 162 -15.42 15.48 -43.75
CA ALA C 162 -16.43 16.44 -44.21
C ALA C 162 -16.03 17.10 -45.51
N HIS C 163 -14.73 17.33 -45.67
CA HIS C 163 -14.22 17.95 -46.88
C HIS C 163 -14.25 16.98 -48.06
N GLU C 164 -13.80 15.75 -47.83
CA GLU C 164 -13.74 14.75 -48.91
C GLU C 164 -15.12 14.26 -49.38
N THR C 165 -16.09 14.22 -48.46
CA THR C 165 -17.43 13.69 -48.75
C THR C 165 -18.44 14.79 -49.02
N GLY C 166 -18.08 16.03 -48.70
CA GLY C 166 -18.98 17.19 -48.91
C GLY C 166 -20.16 17.31 -47.96
N LYS C 167 -20.17 16.50 -46.89
CA LYS C 167 -21.27 16.50 -45.92
C LYS C 167 -20.67 16.39 -44.53
N PRO C 168 -21.44 16.68 -43.46
CA PRO C 168 -20.87 16.45 -42.12
C PRO C 168 -20.40 15.00 -41.92
N TYR C 169 -19.42 14.80 -41.03
CA TYR C 169 -18.84 13.47 -40.84
C TYR C 169 -19.88 12.43 -40.40
N SER C 170 -21.00 12.92 -39.84
CA SER C 170 -22.06 12.05 -39.32
C SER C 170 -22.79 11.32 -40.43
N ASP C 171 -22.85 11.94 -41.61
CA ASP C 171 -23.46 11.33 -42.78
C ASP C 171 -22.66 10.12 -43.28
N HIS C 172 -21.35 10.28 -43.35
CA HIS C 172 -20.44 9.21 -43.74
C HIS C 172 -20.53 8.06 -42.75
N LEU C 173 -20.52 8.37 -41.44
CA LEU C 173 -20.51 7.35 -40.39
C LEU C 173 -21.83 6.60 -40.37
N ARG C 174 -22.93 7.32 -40.59
CA ARG C 174 -24.24 6.70 -40.67
C ARG C 174 -24.39 5.80 -41.89
N SER C 175 -24.06 6.31 -43.07
CA SER C 175 -24.31 5.58 -44.31
C SER C 175 -23.31 4.47 -44.58
N ARG C 176 -22.12 4.57 -43.98
CA ARG C 176 -21.09 3.56 -44.19
C ARG C 176 -20.93 2.61 -43.00
N ILE C 177 -21.35 3.04 -41.81
CA ILE C 177 -21.16 2.24 -40.58
C ILE C 177 -22.46 1.88 -39.87
N PHE C 178 -23.26 2.89 -39.50
CA PHE C 178 -24.49 2.62 -38.73
C PHE C 178 -25.51 1.85 -39.54
N ALA C 179 -25.88 2.42 -40.70
CA ALA C 179 -26.92 1.88 -41.57
C ALA C 179 -26.70 0.42 -42.04
N PRO C 180 -25.55 0.11 -42.68
CA PRO C 180 -25.29 -1.28 -43.11
C PRO C 180 -25.21 -2.33 -42.00
N LEU C 181 -24.92 -1.89 -40.77
CA LEU C 181 -24.85 -2.82 -39.64
C LEU C 181 -26.11 -2.82 -38.77
N GLY C 182 -27.13 -2.09 -39.22
CA GLY C 182 -28.38 -1.97 -38.48
C GLY C 182 -28.23 -1.43 -37.07
N MET C 183 -27.41 -0.38 -36.93
CA MET C 183 -27.25 0.28 -35.63
C MET C 183 -28.29 1.39 -35.54
N LYS C 184 -29.43 1.11 -34.90
CA LYS C 184 -30.56 2.04 -34.85
C LYS C 184 -30.53 2.97 -33.62
N ASP C 185 -29.68 2.65 -32.65
CA ASP C 185 -29.64 3.36 -31.36
C ASP C 185 -28.36 4.18 -31.19
N THR C 186 -27.89 4.73 -32.29
CA THR C 186 -26.59 5.38 -32.33
C THR C 186 -26.70 6.68 -33.09
N TRP C 187 -26.16 7.74 -32.49
CA TRP C 187 -26.23 9.09 -33.05
C TRP C 187 -24.89 9.82 -32.88
N VAL C 188 -24.59 10.72 -33.81
CA VAL C 188 -23.45 11.62 -33.75
C VAL C 188 -23.93 12.96 -33.24
N GLY C 189 -23.57 13.29 -32.00
CA GLY C 189 -24.16 14.44 -31.29
C GLY C 189 -23.93 15.85 -31.80
N THR C 190 -22.91 16.04 -32.64
CA THR C 190 -22.63 17.36 -33.18
C THR C 190 -23.63 17.72 -34.31
N HIS C 191 -24.03 16.71 -35.07
CA HIS C 191 -24.80 16.91 -36.30
C HIS C 191 -26.18 16.23 -36.31
N GLU C 192 -26.47 15.44 -35.28
CA GLU C 192 -27.73 14.70 -35.17
C GLU C 192 -28.41 14.90 -33.82
N THR C 193 -29.74 14.90 -33.82
CA THR C 193 -30.51 14.89 -32.57
C THR C 193 -30.68 13.44 -32.13
N PHE C 194 -30.48 13.20 -30.83
CA PHE C 194 -30.78 11.91 -30.22
C PHE C 194 -31.93 12.07 -29.20
N PRO C 195 -32.77 11.05 -29.07
CA PRO C 195 -33.92 11.19 -28.15
C PRO C 195 -33.48 11.20 -26.68
N ILE C 196 -33.31 12.40 -26.12
CA ILE C 196 -32.82 12.58 -24.74
C ILE C 196 -33.61 11.82 -23.67
N GLU C 197 -34.88 11.53 -23.94
CA GLU C 197 -35.72 10.80 -22.98
C GLU C 197 -35.26 9.36 -22.74
N ARG C 198 -34.52 8.82 -23.72
CA ARG C 198 -34.02 7.45 -23.68
C ARG C 198 -32.68 7.31 -22.95
N GLU C 199 -31.98 8.43 -22.74
CA GLU C 199 -30.62 8.40 -22.20
C GLU C 199 -30.57 8.18 -20.69
N ALA C 200 -29.68 7.29 -20.26
CA ALA C 200 -29.40 7.08 -18.86
C ALA C 200 -28.75 8.34 -18.30
N ARG C 201 -29.25 8.83 -17.16
CA ARG C 201 -28.72 10.05 -16.58
C ARG C 201 -27.26 9.84 -16.21
N GLY C 202 -26.48 10.91 -16.20
CA GLY C 202 -25.06 10.85 -15.85
C GLY C 202 -24.80 11.55 -14.53
N TYR C 203 -23.91 10.97 -13.72
CA TYR C 203 -23.64 11.46 -12.38
C TYR C 203 -22.16 11.67 -12.08
N MET C 204 -21.85 12.90 -11.65
CA MET C 204 -20.54 13.26 -11.12
C MET C 204 -20.61 13.15 -9.60
N HIS C 205 -19.58 12.61 -8.98
CA HIS C 205 -19.62 12.30 -7.56
C HIS C 205 -18.83 13.26 -6.68
N ALA C 206 -19.50 13.81 -5.65
CA ALA C 206 -18.84 14.64 -4.64
C ALA C 206 -17.85 13.85 -3.78
N ALA C 207 -18.06 12.54 -3.68
CA ALA C 207 -17.01 11.64 -3.25
C ALA C 207 -16.22 11.24 -4.52
N ALA C 208 -14.90 11.30 -4.48
CA ALA C 208 -14.15 11.87 -3.38
C ALA C 208 -12.81 12.44 -3.85
N ASP C 209 -12.19 11.75 -4.81
CA ASP C 209 -10.75 11.83 -5.01
C ASP C 209 -10.28 12.88 -6.07
N ASP C 210 -10.95 14.03 -6.16
CA ASP C 210 -10.70 15.00 -7.25
C ASP C 210 -9.58 16.02 -7.02
N GLU C 211 -8.41 15.53 -6.63
CA GLU C 211 -7.25 16.39 -6.37
C GLU C 211 -6.74 17.12 -7.63
N ASN C 212 -6.55 16.37 -8.71
CA ASN C 212 -6.19 16.93 -10.02
C ASN C 212 -7.36 16.75 -11.00
N PRO C 213 -8.25 17.76 -11.11
CA PRO C 213 -9.40 17.59 -11.99
C PRO C 213 -9.08 17.89 -13.47
N GLN C 214 -9.54 17.02 -14.37
CA GLN C 214 -9.24 17.14 -15.80
C GLN C 214 -10.09 18.20 -16.54
N TRP C 215 -11.24 18.58 -15.97
CA TRP C 215 -12.15 19.49 -16.63
C TRP C 215 -12.46 20.75 -15.85
N ASP C 216 -12.80 21.81 -16.56
CA ASP C 216 -13.38 22.99 -15.95
C ASP C 216 -14.88 22.73 -15.79
N VAL C 217 -15.27 22.40 -14.55
CA VAL C 217 -16.66 22.09 -14.25
C VAL C 217 -17.34 23.20 -13.43
N SER C 218 -16.89 24.44 -13.61
CA SER C 218 -17.51 25.61 -12.97
C SER C 218 -18.96 25.72 -13.44
N GLY C 219 -19.82 26.25 -12.59
CA GLY C 219 -21.24 26.38 -12.91
C GLY C 219 -22.08 25.22 -12.39
N ALA C 220 -21.41 24.32 -11.65
CA ALA C 220 -22.03 23.09 -11.15
C ALA C 220 -23.08 23.34 -10.08
N GLY C 221 -22.92 24.44 -9.34
CA GLY C 221 -23.75 24.71 -8.16
C GLY C 221 -23.53 23.65 -7.10
N ASP C 222 -24.47 23.56 -6.17
CA ASP C 222 -24.40 22.61 -5.06
C ASP C 222 -24.77 21.19 -5.54
N PRO C 223 -24.07 20.16 -5.02
CA PRO C 223 -24.48 18.78 -5.29
C PRO C 223 -25.71 18.39 -4.47
N VAL C 224 -26.32 17.27 -4.83
CA VAL C 224 -27.45 16.74 -4.08
C VAL C 224 -27.23 15.25 -3.75
N ASP C 225 -27.18 14.96 -2.46
CA ASP C 225 -26.88 13.62 -1.95
C ASP C 225 -25.51 13.10 -2.41
N GLY C 226 -24.57 14.02 -2.63
CA GLY C 226 -23.18 13.68 -2.96
C GLY C 226 -22.92 13.43 -4.43
N VAL C 227 -23.79 14.00 -5.27
CA VAL C 227 -23.91 13.67 -6.68
C VAL C 227 -24.49 14.85 -7.47
N TRP C 228 -23.90 15.15 -8.62
CA TRP C 228 -24.49 16.08 -9.58
C TRP C 228 -25.06 15.29 -10.74
N ASP C 229 -26.21 15.71 -11.26
CA ASP C 229 -26.71 15.22 -12.52
C ASP C 229 -26.02 16.01 -13.65
N SER C 230 -25.01 15.39 -14.25
CA SER C 230 -24.22 16.06 -15.29
C SER C 230 -24.64 15.69 -16.71
N THR C 231 -25.71 14.90 -16.84
CA THR C 231 -26.17 14.42 -18.14
C THR C 231 -26.06 15.50 -19.20
N GLU C 232 -26.62 16.68 -18.90
CA GLU C 232 -26.74 17.73 -19.89
C GLU C 232 -25.91 18.98 -19.57
N TRP C 233 -24.76 18.80 -18.94
CA TRP C 233 -23.82 19.89 -18.70
C TRP C 233 -23.21 20.37 -20.02
N PHE C 234 -22.66 19.42 -20.77
CA PHE C 234 -21.73 19.72 -21.85
C PHE C 234 -22.38 19.43 -23.19
N PRO C 235 -22.47 20.45 -24.07
CA PRO C 235 -22.95 20.12 -25.40
C PRO C 235 -21.94 19.26 -26.17
N LEU C 236 -22.45 18.23 -26.83
CA LEU C 236 -21.66 17.24 -27.57
C LEU C 236 -20.83 17.85 -28.70
N SER C 237 -21.30 18.96 -29.27
CA SER C 237 -20.58 19.66 -30.32
C SER C 237 -19.25 20.22 -29.81
N GLY C 238 -19.11 20.31 -28.49
CA GLY C 238 -17.85 20.72 -27.86
C GLY C 238 -16.77 19.66 -28.00
N ALA C 239 -17.19 18.40 -28.04
CA ALA C 239 -16.27 17.27 -28.21
C ALA C 239 -16.01 16.95 -29.69
N ASN C 240 -17.03 17.14 -30.53
CA ASN C 240 -16.91 16.94 -31.98
C ASN C 240 -16.48 15.47 -32.27
N ALA C 241 -15.63 15.27 -33.29
CA ALA C 241 -15.10 13.97 -33.65
C ALA C 241 -14.22 13.30 -32.56
N ALA C 242 -13.86 14.06 -31.53
CA ALA C 242 -13.15 13.54 -30.34
C ALA C 242 -14.05 12.75 -29.36
N GLY C 243 -15.38 12.94 -29.42
CA GLY C 243 -16.27 12.29 -28.47
C GLY C 243 -17.75 12.67 -28.40
N ASP C 244 -18.42 12.78 -29.54
CA ASP C 244 -19.81 13.28 -29.53
C ASP C 244 -20.92 12.21 -29.71
N MET C 245 -20.55 10.94 -29.69
CA MET C 245 -21.53 9.90 -30.02
C MET C 245 -22.37 9.41 -28.86
N VAL C 246 -23.61 9.06 -29.17
CA VAL C 246 -24.52 8.45 -28.22
C VAL C 246 -24.91 7.10 -28.80
N SER C 247 -24.92 6.09 -27.94
CA SER C 247 -25.20 4.71 -28.36
C SER C 247 -25.64 3.85 -27.18
N THR C 248 -26.00 2.61 -27.48
CA THR C 248 -26.23 1.61 -26.44
C THR C 248 -25.00 0.71 -26.42
N PRO C 249 -24.73 0.03 -25.29
CA PRO C 249 -23.70 -1.00 -25.34
C PRO C 249 -23.96 -2.08 -26.40
N ARG C 250 -25.23 -2.37 -26.68
CA ARG C 250 -25.56 -3.40 -27.68
C ARG C 250 -25.08 -3.02 -29.08
N ASP C 251 -25.34 -1.78 -29.48
CA ASP C 251 -24.89 -1.24 -30.76
C ASP C 251 -23.37 -1.21 -30.93
N ILE C 252 -22.64 -0.96 -29.84
CA ILE C 252 -21.17 -0.92 -29.87
C ILE C 252 -20.58 -2.32 -30.19
N VAL C 253 -21.18 -3.36 -29.60
CA VAL C 253 -20.77 -4.72 -29.91
C VAL C 253 -21.09 -5.10 -31.36
N LYS C 254 -22.25 -4.66 -31.87
CA LYS C 254 -22.56 -4.76 -33.32
C LYS C 254 -21.39 -4.27 -34.13
N PHE C 255 -20.96 -3.04 -33.83
CA PHE C 255 -19.82 -2.40 -34.47
C PHE C 255 -18.52 -3.19 -34.28
N LEU C 256 -18.22 -3.53 -33.02
CA LEU C 256 -16.99 -4.22 -32.65
C LEU C 256 -16.79 -5.55 -33.38
N ASN C 257 -17.84 -6.36 -33.44
CA ASN C 257 -17.79 -7.64 -34.16
C ASN C 257 -17.60 -7.48 -35.65
N ALA C 258 -18.37 -6.58 -36.26
CA ALA C 258 -18.22 -6.28 -37.69
C ALA C 258 -16.82 -5.77 -38.03
N LEU C 259 -16.31 -4.85 -37.21
CA LEU C 259 -14.94 -4.34 -37.39
C LEU C 259 -13.89 -5.47 -37.44
N PHE C 260 -13.82 -6.27 -36.37
CA PHE C 260 -12.81 -7.33 -36.28
C PHE C 260 -13.09 -8.56 -37.16
N ASP C 261 -14.32 -8.72 -37.65
CA ASP C 261 -14.64 -9.80 -38.58
C ASP C 261 -14.28 -9.52 -40.03
N GLY C 262 -13.90 -8.28 -40.33
CA GLY C 262 -13.55 -7.88 -41.70
C GLY C 262 -14.70 -7.34 -42.52
N ARG C 263 -15.83 -7.02 -41.88
CA ARG C 263 -17.03 -6.61 -42.61
C ARG C 263 -17.18 -5.10 -42.85
N ILE C 264 -16.30 -4.29 -42.27
CA ILE C 264 -16.32 -2.85 -42.51
C ILE C 264 -15.10 -2.43 -43.32
N LEU C 265 -13.94 -2.48 -42.69
CA LEU C 265 -12.68 -2.15 -43.34
C LEU C 265 -12.05 -3.40 -43.91
N ASP C 266 -11.34 -3.24 -45.03
CA ASP C 266 -10.49 -4.28 -45.58
C ASP C 266 -9.33 -4.55 -44.61
N GLN C 267 -8.48 -5.49 -44.99
CA GLN C 267 -7.54 -6.08 -44.05
C GLN C 267 -6.34 -5.19 -43.77
N LYS C 268 -5.86 -4.48 -44.79
CA LYS C 268 -4.84 -3.43 -44.63
C LYS C 268 -5.25 -2.32 -43.68
N ARG C 269 -6.51 -1.88 -43.76
CA ARG C 269 -6.98 -0.81 -42.89
C ARG C 269 -7.33 -1.31 -41.48
N LEU C 270 -7.82 -2.52 -41.38
CA LEU C 270 -8.02 -3.12 -40.07
C LEU C 270 -6.68 -3.25 -39.36
N TRP C 271 -5.66 -3.70 -40.10
CA TRP C 271 -4.27 -3.78 -39.62
C TRP C 271 -3.70 -2.42 -39.13
N GLU C 272 -3.83 -1.37 -39.96
CA GLU C 272 -3.44 0.00 -39.56
C GLU C 272 -4.10 0.40 -38.26
N MET C 273 -5.39 0.10 -38.14
CA MET C 273 -6.13 0.39 -36.94
C MET C 273 -5.64 -0.39 -35.70
N LYS C 274 -5.59 -1.71 -35.81
CA LYS C 274 -5.33 -2.54 -34.62
C LYS C 274 -3.90 -3.08 -34.43
N ASP C 275 -3.15 -3.28 -35.50
CA ASP C 275 -1.83 -3.92 -35.38
C ASP C 275 -0.62 -3.02 -35.64
N ASN C 276 -0.84 -1.88 -36.29
CA ASN C 276 0.24 -0.92 -36.53
C ASN C 276 0.35 0.00 -35.31
N ILE C 277 1.01 -0.50 -34.26
CA ILE C 277 0.93 0.10 -32.93
C ILE C 277 2.25 0.66 -32.41
N LYS C 278 2.12 1.61 -31.49
CA LYS C 278 3.24 2.07 -30.68
C LYS C 278 2.72 2.21 -29.25
N PRO C 279 3.62 2.29 -28.26
CA PRO C 279 3.25 2.51 -26.86
C PRO C 279 2.38 3.74 -26.59
N ALA C 280 1.43 3.58 -25.66
CA ALA C 280 0.57 4.69 -25.30
C ALA C 280 0.30 4.73 -23.82
N PHE C 281 0.03 5.94 -23.33
CA PHE C 281 -0.34 6.18 -21.94
C PHE C 281 -1.68 6.88 -21.85
N PHE C 282 -2.52 6.48 -20.92
CA PHE C 282 -3.68 7.32 -20.59
C PHE C 282 -3.92 7.26 -19.09
N PRO C 283 -3.89 8.44 -18.42
CA PRO C 283 -3.86 8.47 -16.96
C PRO C 283 -5.05 7.73 -16.34
N GLY C 284 -4.76 6.90 -15.34
CA GLY C 284 -5.79 6.10 -14.66
C GLY C 284 -6.34 4.92 -15.44
N SER C 285 -5.83 4.70 -16.64
CA SER C 285 -6.31 3.60 -17.50
C SER C 285 -5.38 2.38 -17.57
N ASN C 286 -5.88 1.31 -18.19
CA ASN C 286 -5.09 0.12 -18.47
C ASN C 286 -4.40 0.16 -19.84
N THR C 287 -4.35 1.34 -20.44
CA THR C 287 -3.77 1.55 -21.78
C THR C 287 -2.26 1.32 -21.80
N VAL C 288 -1.79 0.63 -22.83
CA VAL C 288 -0.38 0.27 -23.00
C VAL C 288 0.10 0.56 -24.42
N ALA C 289 -0.82 0.66 -25.37
CA ALA C 289 -0.48 0.91 -26.76
C ALA C 289 -1.66 1.51 -27.53
N ASN C 290 -1.37 2.07 -28.70
CA ASN C 290 -2.43 2.44 -29.66
C ASN C 290 -2.04 2.22 -31.14
N GLY C 291 -3.04 1.88 -31.96
CA GLY C 291 -2.87 1.86 -33.40
C GLY C 291 -3.41 3.17 -33.96
N HIS C 292 -4.25 3.07 -34.98
CA HIS C 292 -4.86 4.25 -35.59
C HIS C 292 -6.38 4.19 -35.50
N GLY C 293 -6.88 4.28 -34.26
CA GLY C 293 -8.30 4.21 -34.00
C GLY C 293 -8.67 3.35 -32.81
N LEU C 294 -7.70 2.60 -32.31
CA LEU C 294 -7.91 1.67 -31.20
C LEU C 294 -6.78 1.76 -30.18
N LEU C 295 -7.16 1.57 -28.92
CA LEU C 295 -6.23 1.44 -27.82
C LEU C 295 -6.08 -0.03 -27.46
N LEU C 296 -4.85 -0.43 -27.14
CA LEU C 296 -4.56 -1.72 -26.50
C LEU C 296 -4.55 -1.47 -24.99
N MET C 297 -5.46 -2.13 -24.27
CA MET C 297 -5.66 -1.95 -22.83
C MET C 297 -5.52 -3.30 -22.12
N ARG C 298 -4.63 -3.35 -21.13
CA ARG C 298 -4.18 -4.62 -20.57
C ARG C 298 -4.85 -4.93 -19.22
N TYR C 299 -5.59 -6.04 -19.19
CA TYR C 299 -6.30 -6.50 -18.00
C TYR C 299 -5.75 -7.84 -17.49
N GLY C 300 -4.55 -7.77 -16.95
CA GLY C 300 -3.86 -8.94 -16.42
C GLY C 300 -3.33 -9.77 -17.56
N SER C 301 -3.87 -10.99 -17.67
CA SER C 301 -3.54 -11.91 -18.74
C SER C 301 -4.37 -11.66 -20.01
N SER C 302 -5.37 -10.77 -19.91
CA SER C 302 -6.24 -10.44 -21.06
C SER C 302 -6.00 -9.02 -21.58
N GLU C 303 -6.28 -8.80 -22.86
CA GLU C 303 -6.13 -7.50 -23.50
C GLU C 303 -7.38 -7.18 -24.31
N LEU C 304 -7.73 -5.90 -24.37
CA LEU C 304 -8.78 -5.43 -25.29
C LEU C 304 -8.20 -4.44 -26.28
N LYS C 305 -8.60 -4.61 -27.54
CA LYS C 305 -8.40 -3.62 -28.58
C LYS C 305 -9.70 -2.87 -28.70
N GLY C 306 -9.70 -1.60 -28.33
CA GLY C 306 -10.93 -0.83 -28.31
C GLY C 306 -10.64 0.58 -27.87
N HIS C 307 -11.37 1.04 -26.86
CA HIS C 307 -11.21 2.42 -26.39
C HIS C 307 -11.82 2.62 -25.02
N LEU C 308 -11.54 3.79 -24.46
CA LEU C 308 -12.17 4.27 -23.24
C LEU C 308 -12.88 5.59 -23.58
N GLY C 309 -13.95 5.89 -22.85
CA GLY C 309 -14.60 7.18 -22.93
C GLY C 309 -14.76 7.79 -21.55
N GLN C 310 -14.48 9.07 -21.46
CA GLN C 310 -14.76 9.84 -20.25
C GLN C 310 -15.45 11.13 -20.67
N ILE C 311 -16.69 11.29 -20.22
CA ILE C 311 -17.47 12.50 -20.43
C ILE C 311 -18.31 12.56 -19.17
N PRO C 312 -18.53 13.76 -18.60
CA PRO C 312 -19.02 13.86 -17.22
C PRO C 312 -20.27 13.05 -16.95
N GLY C 313 -20.17 12.12 -16.00
CA GLY C 313 -21.29 11.28 -15.63
C GLY C 313 -21.34 9.95 -16.33
N HIS C 314 -20.78 9.84 -17.54
CA HIS C 314 -20.75 8.57 -18.27
C HIS C 314 -19.33 8.06 -18.53
N THR C 315 -19.07 6.82 -18.13
CA THR C 315 -17.71 6.26 -18.14
C THR C 315 -17.72 4.88 -18.80
N SER C 316 -16.99 4.76 -19.91
CA SER C 316 -17.12 3.61 -20.80
C SER C 316 -15.83 2.90 -21.14
N ILE C 317 -15.94 1.61 -21.43
CA ILE C 317 -14.83 0.79 -21.92
C ILE C 317 -15.41 -0.18 -22.93
N MET C 318 -14.82 -0.18 -24.13
CA MET C 318 -15.15 -1.14 -25.16
C MET C 318 -13.88 -1.81 -25.70
N GLY C 319 -14.05 -2.98 -26.30
CA GLY C 319 -12.92 -3.65 -26.91
C GLY C 319 -13.20 -5.07 -27.32
N ARG C 320 -12.44 -5.53 -28.31
CA ARG C 320 -12.39 -6.92 -28.68
C ARG C 320 -11.18 -7.59 -28.00
N ASP C 321 -11.39 -8.79 -27.47
CA ASP C 321 -10.29 -9.63 -27.02
C ASP C 321 -9.90 -10.49 -28.21
N GLU C 322 -8.72 -10.23 -28.76
CA GLU C 322 -8.30 -10.94 -29.97
C GLU C 322 -7.92 -12.39 -29.69
N GLU C 323 -7.64 -12.68 -28.43
CA GLU C 323 -7.32 -14.05 -27.98
C GLU C 323 -8.53 -14.97 -27.88
N THR C 324 -9.63 -14.45 -27.34
CA THR C 324 -10.85 -15.22 -27.16
C THR C 324 -11.91 -14.92 -28.21
N GLY C 325 -11.77 -13.79 -28.90
CA GLY C 325 -12.75 -13.34 -29.90
C GLY C 325 -13.95 -12.66 -29.27
N ALA C 326 -13.89 -12.39 -27.97
CA ALA C 326 -14.98 -11.70 -27.27
C ALA C 326 -14.99 -10.19 -27.53
N ALA C 327 -16.18 -9.63 -27.68
CA ALA C 327 -16.33 -8.20 -27.77
C ALA C 327 -17.26 -7.70 -26.65
N LEU C 328 -16.94 -6.56 -26.06
CA LEU C 328 -17.73 -6.02 -24.97
C LEU C 328 -17.80 -4.50 -25.00
N MET C 329 -18.90 -3.95 -24.51
CA MET C 329 -19.00 -2.53 -24.15
C MET C 329 -19.58 -2.46 -22.76
N LEU C 330 -18.84 -1.83 -21.85
CA LEU C 330 -19.34 -1.60 -20.50
C LEU C 330 -19.37 -0.11 -20.20
N ILE C 331 -20.56 0.41 -19.85
CA ILE C 331 -20.70 1.82 -19.49
C ILE C 331 -21.39 1.96 -18.13
N GLN C 332 -20.73 2.70 -17.24
CA GLN C 332 -21.36 3.06 -15.98
C GLN C 332 -21.79 4.52 -16.07
N ASN C 333 -22.85 4.87 -15.35
CA ASN C 333 -23.32 6.25 -15.34
C ASN C 333 -22.91 6.99 -14.07
N SER C 334 -21.69 6.67 -13.62
CA SER C 334 -21.00 7.39 -12.56
C SER C 334 -19.65 7.86 -13.10
N GLY C 335 -19.25 9.07 -12.69
CA GLY C 335 -17.97 9.62 -13.09
C GLY C 335 -17.44 10.61 -12.07
N ALA C 336 -16.17 10.99 -12.24
CA ALA C 336 -15.55 12.09 -11.52
C ALA C 336 -14.71 12.90 -12.52
N GLY C 337 -13.91 13.85 -12.05
CA GLY C 337 -13.04 14.63 -12.93
C GLY C 337 -11.57 14.22 -12.88
N ASP C 338 -11.17 13.61 -11.77
CA ASP C 338 -9.79 13.17 -11.57
C ASP C 338 -9.62 11.77 -12.15
N PHE C 339 -8.65 11.63 -13.05
CA PHE C 339 -8.34 10.38 -13.74
C PHE C 339 -8.17 9.20 -12.77
N GLU C 340 -7.64 9.48 -11.58
CA GLU C 340 -7.27 8.43 -10.63
C GLU C 340 -8.35 8.09 -9.61
N SER C 341 -9.46 8.83 -9.66
CA SER C 341 -10.58 8.58 -8.77
C SER C 341 -11.33 7.31 -9.13
N PHE C 342 -11.87 6.66 -8.10
CA PHE C 342 -12.62 5.43 -8.27
C PHE C 342 -13.72 5.49 -9.34
N TYR C 343 -14.47 6.59 -9.40
CA TYR C 343 -15.63 6.70 -10.30
C TYR C 343 -15.22 6.92 -11.75
N LEU C 344 -13.91 7.09 -11.96
CA LEU C 344 -13.32 7.11 -13.29
C LEU C 344 -12.47 5.86 -13.52
N LYS C 345 -11.32 5.78 -12.86
CA LYS C 345 -10.39 4.65 -12.94
C LYS C 345 -11.03 3.29 -12.67
N GLY C 346 -11.95 3.28 -11.70
CA GLY C 346 -12.56 2.06 -11.20
C GLY C 346 -13.34 1.25 -12.19
N VAL C 347 -13.79 1.87 -13.28
CA VAL C 347 -14.52 1.19 -14.36
C VAL C 347 -13.75 0.00 -14.94
N ASN C 348 -12.43 0.07 -14.84
CA ASN C 348 -11.56 -0.99 -15.30
C ASN C 348 -11.65 -2.23 -14.42
N GLU C 349 -12.13 -2.06 -13.18
CA GLU C 349 -12.30 -3.17 -12.23
C GLU C 349 -13.36 -4.19 -12.68
N PRO C 350 -14.62 -3.76 -12.92
CA PRO C 350 -15.53 -4.78 -13.46
C PRO C 350 -15.03 -5.42 -14.75
N VAL C 351 -14.54 -4.60 -15.69
CA VAL C 351 -14.02 -5.12 -16.97
C VAL C 351 -12.94 -6.20 -16.77
N ASP C 352 -12.01 -5.95 -15.86
CA ASP C 352 -10.98 -6.93 -15.51
C ASP C 352 -11.62 -8.23 -14.97
N ARG C 353 -12.68 -8.11 -14.17
CA ARG C 353 -13.31 -9.27 -13.55
C ARG C 353 -14.07 -10.13 -14.56
N VAL C 354 -14.69 -9.46 -15.53
CA VAL C 354 -15.49 -10.12 -16.56
C VAL C 354 -14.58 -10.89 -17.52
N LEU C 355 -13.38 -10.34 -17.77
CA LEU C 355 -12.42 -10.98 -18.66
C LEU C 355 -11.83 -12.23 -18.01
N GLU C 356 -11.55 -12.16 -16.71
CA GLU C 356 -11.19 -13.31 -15.89
C GLU C 356 -12.28 -14.39 -15.90
N ALA C 357 -13.53 -13.95 -15.86
CA ALA C 357 -14.70 -14.83 -15.84
C ALA C 357 -14.85 -15.63 -17.12
N ILE C 358 -14.55 -14.99 -18.26
CA ILE C 358 -14.57 -15.66 -19.57
C ILE C 358 -13.38 -16.62 -19.67
N LYS C 359 -12.23 -16.16 -19.19
CA LYS C 359 -11.02 -16.99 -19.11
C LYS C 359 -11.27 -18.29 -18.34
N ASN C 360 -12.00 -18.21 -17.24
CA ASN C 360 -12.28 -19.37 -16.39
C ASN C 360 -13.63 -20.08 -16.66
N SER C 361 -14.05 -20.03 -17.92
CA SER C 361 -15.16 -20.85 -18.42
C SER C 361 -14.73 -21.55 -19.71
N ARG C 362 -13.42 -21.47 -20.00
CA ARG C 362 -12.82 -22.00 -21.23
C ARG C 362 -11.48 -22.68 -20.93
N SER D 2 2.18 -25.00 -1.83
CA SER D 2 1.42 -26.27 -1.61
C SER D 2 2.29 -27.47 -2.02
N ASP D 3 1.97 -28.04 -3.18
CA ASP D 3 2.89 -28.91 -3.91
C ASP D 3 3.83 -28.02 -4.70
N LEU D 4 3.36 -26.79 -4.94
CA LEU D 4 4.14 -25.74 -5.59
C LEU D 4 5.45 -25.47 -4.84
N ASN D 5 5.37 -25.33 -3.52
CA ASN D 5 6.56 -25.10 -2.71
C ASN D 5 7.63 -26.16 -2.97
N ASN D 6 7.20 -27.43 -3.01
CA ASN D 6 8.09 -28.57 -3.18
C ASN D 6 8.68 -28.66 -4.60
N ALA D 7 7.88 -28.28 -5.58
CA ALA D 7 8.29 -28.29 -6.97
C ALA D 7 9.43 -27.28 -7.14
N ILE D 8 9.25 -26.12 -6.52
CA ILE D 8 10.20 -25.03 -6.55
C ILE D 8 11.53 -25.39 -5.87
N GLN D 9 11.45 -26.08 -4.74
CA GLN D 9 12.63 -26.51 -4.03
C GLN D 9 13.41 -27.50 -4.90
N GLY D 10 12.68 -28.44 -5.50
CA GLY D 10 13.26 -29.42 -6.40
C GLY D 10 13.98 -28.77 -7.57
N ILE D 11 13.35 -27.75 -8.16
CA ILE D 11 13.97 -26.98 -9.25
C ILE D 11 15.34 -26.40 -8.86
N LEU D 12 15.40 -25.78 -7.68
CA LEU D 12 16.66 -25.22 -7.18
C LEU D 12 17.68 -26.33 -6.89
N ASP D 13 17.28 -27.36 -6.13
CA ASP D 13 18.11 -28.53 -5.89
C ASP D 13 18.63 -29.14 -7.20
N ASP D 14 17.73 -29.32 -8.18
CA ASP D 14 18.12 -29.74 -9.53
C ASP D 14 19.20 -28.88 -10.17
N HIS D 15 19.02 -27.55 -10.13
CA HIS D 15 19.96 -26.59 -10.73
C HIS D 15 21.36 -26.68 -10.07
N VAL D 16 21.37 -26.90 -8.77
CA VAL D 16 22.60 -27.09 -8.02
C VAL D 16 23.33 -28.41 -8.39
N ALA D 17 22.56 -29.48 -8.57
CA ALA D 17 23.08 -30.78 -8.96
C ALA D 17 23.82 -30.75 -10.30
N ARG D 18 23.54 -29.71 -11.10
CA ARG D 18 24.20 -29.49 -12.39
C ARG D 18 25.47 -28.64 -12.30
N GLY D 19 25.93 -28.36 -11.08
CA GLY D 19 27.25 -27.80 -10.88
C GLY D 19 27.25 -26.41 -10.33
N VAL D 20 26.06 -25.79 -10.32
CA VAL D 20 25.86 -24.50 -9.67
C VAL D 20 26.08 -24.66 -8.15
N VAL D 21 26.89 -23.78 -7.57
CA VAL D 21 27.30 -23.88 -6.16
C VAL D 21 26.14 -23.58 -5.21
N GLY D 22 25.45 -22.47 -5.42
CA GLY D 22 24.34 -22.07 -4.58
C GLY D 22 23.32 -21.19 -5.28
N VAL D 23 22.13 -21.13 -4.71
CA VAL D 23 21.05 -20.34 -5.28
C VAL D 23 20.09 -19.89 -4.18
N SER D 24 19.72 -18.61 -4.23
CA SER D 24 18.78 -18.00 -3.30
C SER D 24 17.60 -17.37 -4.05
N LEU D 25 16.40 -17.82 -3.74
CA LEU D 25 15.19 -17.31 -4.40
C LEU D 25 14.22 -16.62 -3.43
N ALA D 26 13.69 -15.47 -3.83
CA ALA D 26 12.54 -14.86 -3.16
C ALA D 26 11.36 -14.83 -4.12
N LEU D 27 10.20 -15.28 -3.66
CA LEU D 27 9.01 -15.34 -4.52
C LEU D 27 7.75 -14.84 -3.85
N CYS D 28 7.15 -13.83 -4.43
CA CYS D 28 5.84 -13.40 -3.97
C CYS D 28 4.78 -13.71 -5.01
N LEU D 29 3.75 -14.43 -4.60
CA LEU D 29 2.57 -14.64 -5.44
C LEU D 29 1.39 -13.93 -4.78
N PRO D 30 0.45 -13.39 -5.58
CA PRO D 30 -0.75 -12.82 -4.97
C PRO D 30 -1.60 -13.91 -4.32
N GLY D 31 -2.20 -13.59 -3.17
CA GLY D 31 -2.95 -14.57 -2.38
C GLY D 31 -2.08 -15.25 -1.33
N GLU D 32 -0.81 -14.84 -1.25
CA GLU D 32 0.20 -15.58 -0.51
C GLU D 32 1.19 -14.68 0.19
N GLU D 33 1.76 -15.17 1.29
CA GLU D 33 2.90 -14.51 1.92
C GLU D 33 4.16 -14.81 1.10
N THR D 34 5.05 -13.84 1.00
CA THR D 34 6.35 -14.03 0.36
C THR D 34 7.08 -15.27 0.90
N SER D 35 7.65 -16.04 -0.02
CA SER D 35 8.42 -17.24 0.29
C SER D 35 9.87 -17.08 -0.11
N LEU D 36 10.75 -17.69 0.68
CA LEU D 36 12.15 -17.82 0.32
C LEU D 36 12.50 -19.29 0.20
N TYR D 37 13.38 -19.58 -0.76
CA TYR D 37 13.95 -20.92 -0.98
C TYR D 37 15.43 -20.76 -1.22
N GLN D 38 16.23 -21.70 -0.71
CA GLN D 38 17.67 -21.73 -1.03
C GLN D 38 18.13 -23.14 -1.34
N SER D 39 19.27 -23.24 -2.03
CA SER D 39 19.90 -24.52 -2.29
C SER D 39 21.42 -24.38 -2.43
N GLY D 40 22.14 -25.44 -2.05
CA GLY D 40 23.59 -25.46 -2.16
C GLY D 40 24.23 -24.53 -1.15
N TYR D 41 25.34 -23.92 -1.55
CA TYR D 41 26.26 -23.31 -0.59
C TYR D 41 26.56 -21.86 -0.83
N ALA D 42 26.67 -21.10 0.26
CA ALA D 42 27.11 -19.71 0.22
C ALA D 42 28.62 -19.68 0.12
N ASP D 43 29.25 -20.60 0.86
CA ASP D 43 30.69 -20.83 0.73
C ASP D 43 30.92 -22.27 0.31
N LYS D 44 31.50 -22.42 -0.88
CA LYS D 44 31.79 -23.74 -1.44
C LYS D 44 32.78 -24.56 -0.58
N PHE D 45 33.79 -23.90 -0.04
CA PHE D 45 34.82 -24.66 0.64
C PHE D 45 34.60 -24.95 2.14
N ASN D 46 33.84 -24.07 2.81
CA ASN D 46 33.29 -24.32 4.15
C ASN D 46 32.10 -25.26 4.14
N LYS D 47 31.52 -25.44 2.94
CA LYS D 47 30.21 -26.05 2.76
C LYS D 47 29.17 -25.40 3.66
N MET D 48 29.18 -24.07 3.69
CA MET D 48 28.20 -23.30 4.45
CA MET D 48 28.20 -23.32 4.45
C MET D 48 26.92 -23.23 3.65
N PRO D 49 25.79 -23.73 4.21
CA PRO D 49 24.54 -23.69 3.48
C PRO D 49 24.02 -22.27 3.19
N MET D 50 23.50 -22.09 1.99
CA MET D 50 22.88 -20.85 1.58
C MET D 50 21.61 -20.63 2.40
N THR D 51 21.46 -19.41 2.92
CA THR D 51 20.24 -18.99 3.61
C THR D 51 19.67 -17.73 2.96
N GLY D 52 18.51 -17.29 3.44
CA GLY D 52 17.83 -16.11 2.90
C GLY D 52 18.48 -14.79 3.30
N ASP D 53 19.45 -14.86 4.20
CA ASP D 53 20.09 -13.67 4.76
C ASP D 53 21.43 -13.37 4.10
N HIS D 54 21.88 -14.29 3.26
CA HIS D 54 23.09 -14.08 2.50
C HIS D 54 22.88 -12.97 1.48
N LEU D 55 23.88 -12.09 1.40
CA LEU D 55 23.86 -10.94 0.53
C LEU D 55 24.59 -11.25 -0.76
N PHE D 56 24.25 -10.51 -1.81
CA PHE D 56 24.75 -10.72 -3.15
C PHE D 56 24.99 -9.37 -3.81
N ARG D 57 25.98 -9.33 -4.70
CA ARG D 57 26.14 -8.22 -5.63
C ARG D 57 25.07 -8.36 -6.74
N ILE D 58 24.10 -7.45 -6.74
CA ILE D 58 22.95 -7.61 -7.65
C ILE D 58 23.25 -7.08 -9.04
N ALA D 59 24.48 -6.60 -9.21
CA ALA D 59 25.00 -6.12 -10.50
C ALA D 59 24.04 -5.16 -11.20
N SER D 60 23.67 -5.06 -12.48
CA SER D 60 22.83 -4.33 -13.41
C SER D 60 21.46 -4.33 -12.83
N CYS D 61 20.96 -5.09 -11.85
CA CYS D 61 19.69 -4.91 -11.15
C CYS D 61 19.64 -3.52 -10.48
N THR D 62 20.81 -3.03 -10.10
CA THR D 62 21.05 -1.64 -9.70
C THR D 62 20.39 -0.65 -10.62
N LYS D 63 20.47 -0.91 -11.93
CA LYS D 63 19.90 -0.02 -12.93
C LYS D 63 18.40 0.26 -12.72
N SER D 64 17.63 -0.73 -12.31
CA SER D 64 16.21 -0.53 -12.00
C SER D 64 16.00 0.46 -10.84
N PHE D 65 16.82 0.36 -9.80
CA PHE D 65 16.85 1.32 -8.68
C PHE D 65 17.26 2.75 -9.08
N ILE D 66 18.26 2.86 -9.93
CA ILE D 66 18.75 4.15 -10.42
C ILE D 66 17.70 4.84 -11.32
N ALA D 67 17.11 4.07 -12.23
CA ALA D 67 16.01 4.54 -13.08
C ALA D 67 14.85 5.05 -12.21
N THR D 68 14.49 4.26 -11.19
CA THR D 68 13.43 4.64 -10.25
C THR D 68 13.75 5.97 -9.56
N GLY D 69 14.99 6.12 -9.11
CA GLY D 69 15.43 7.34 -8.42
C GLY D 69 15.37 8.59 -9.29
N LEU D 70 15.75 8.45 -10.55
CA LEU D 70 15.67 9.56 -11.51
C LEU D 70 14.20 9.89 -11.87
N HIS D 71 13.36 8.87 -12.00
CA HIS D 71 11.93 9.07 -12.24
C HIS D 71 11.25 9.78 -11.08
N LEU D 72 11.78 9.61 -9.87
CA LEU D 72 11.30 10.31 -8.67
C LEU D 72 11.56 11.78 -8.78
N LEU D 73 12.76 12.13 -9.22
CA LEU D 73 13.10 13.52 -9.48
C LEU D 73 12.27 14.09 -10.62
N VAL D 74 11.93 13.25 -11.60
CA VAL D 74 11.07 13.68 -12.70
C VAL D 74 9.67 14.07 -12.21
N GLN D 75 9.02 13.19 -11.45
CA GLN D 75 7.71 13.52 -10.86
C GLN D 75 7.78 14.56 -9.72
N ASP D 76 8.98 14.86 -9.22
CA ASP D 76 9.18 15.93 -8.24
C ASP D 76 9.18 17.28 -8.92
N GLY D 77 9.34 17.26 -10.24
CA GLY D 77 9.25 18.47 -11.07
C GLY D 77 10.55 19.10 -11.52
N THR D 78 11.69 18.59 -11.03
CA THR D 78 13.00 19.22 -11.30
C THR D 78 13.76 18.62 -12.48
N VAL D 79 13.27 17.50 -13.01
CA VAL D 79 13.91 16.82 -14.14
C VAL D 79 12.85 16.43 -15.18
N ASP D 80 13.18 16.61 -16.45
CA ASP D 80 12.30 16.28 -17.57
C ASP D 80 12.99 15.21 -18.43
N LEU D 81 12.29 14.10 -18.68
CA LEU D 81 12.84 12.96 -19.42
C LEU D 81 13.29 13.30 -20.83
N ASP D 82 12.80 14.43 -21.34
CA ASP D 82 12.98 14.83 -22.74
C ASP D 82 13.89 16.02 -22.94
N GLU D 83 14.25 16.68 -21.83
CA GLU D 83 15.19 17.80 -21.89
C GLU D 83 16.62 17.28 -22.14
N PRO D 84 17.46 18.06 -22.86
CA PRO D 84 18.79 17.52 -23.18
C PRO D 84 19.70 17.54 -21.96
N ILE D 85 20.72 16.68 -21.97
CA ILE D 85 21.57 16.49 -20.78
C ILE D 85 22.78 17.44 -20.76
N THR D 86 22.83 18.32 -21.77
CA THR D 86 23.76 19.45 -21.80
C THR D 86 23.65 20.30 -20.54
N ARG D 87 22.50 20.19 -19.85
CA ARG D 87 22.22 20.91 -18.61
C ARG D 87 23.15 20.49 -17.47
N TRP D 88 23.52 19.21 -17.46
CA TRP D 88 24.46 18.69 -16.47
C TRP D 88 25.84 18.44 -17.06
N PHE D 89 25.88 18.05 -18.34
CA PHE D 89 27.13 17.69 -19.02
C PHE D 89 27.31 18.46 -20.33
N PRO D 90 27.71 19.76 -20.25
CA PRO D 90 27.73 20.60 -21.46
C PRO D 90 28.77 20.15 -22.50
N ASP D 91 29.91 19.63 -22.01
CA ASP D 91 31.06 19.27 -22.84
C ASP D 91 31.13 17.78 -23.22
N LEU D 92 30.07 17.02 -22.91
CA LEU D 92 29.99 15.60 -23.24
C LEU D 92 29.65 15.44 -24.74
N PRO D 93 30.54 14.81 -25.53
CA PRO D 93 30.27 14.75 -26.97
C PRO D 93 28.84 14.29 -27.30
N LYS D 94 28.19 15.03 -28.20
CA LYS D 94 26.82 14.76 -28.69
C LYS D 94 25.70 15.02 -27.69
N ALA D 95 26.03 15.59 -26.54
CA ALA D 95 25.08 15.78 -25.44
C ALA D 95 23.75 16.42 -25.87
N ALA D 96 23.81 17.34 -26.82
CA ALA D 96 22.65 18.11 -27.25
C ALA D 96 21.56 17.25 -27.90
N GLN D 97 21.96 16.13 -28.50
CA GLN D 97 21.03 15.16 -29.10
C GLN D 97 20.60 14.07 -28.12
N MET D 98 20.97 14.22 -26.84
CA MET D 98 20.69 13.22 -25.82
C MET D 98 19.69 13.72 -24.75
N PRO D 99 18.39 13.39 -24.90
CA PRO D 99 17.45 13.66 -23.82
C PRO D 99 17.69 12.75 -22.60
N VAL D 100 17.15 13.14 -21.45
CA VAL D 100 17.37 12.41 -20.18
C VAL D 100 17.02 10.92 -20.34
N ARG D 101 15.89 10.63 -20.96
CA ARG D 101 15.41 9.28 -21.19
C ARG D 101 16.43 8.36 -21.88
N ILE D 102 17.31 8.92 -22.72
CA ILE D 102 18.19 8.11 -23.54
C ILE D 102 19.33 7.45 -22.73
N LEU D 103 19.60 8.01 -21.56
CA LEU D 103 20.46 7.39 -20.55
C LEU D 103 19.88 6.08 -19.96
N LEU D 104 18.56 5.95 -20.01
CA LEU D 104 17.86 4.84 -19.37
C LEU D 104 17.50 3.70 -20.31
N ASN D 105 17.46 4.00 -21.60
CA ASN D 105 16.85 3.08 -22.57
C ASN D 105 17.82 2.38 -23.51
N HIS D 106 19.12 2.46 -23.20
CA HIS D 106 20.18 1.75 -23.93
C HIS D 106 20.23 2.05 -25.42
N ARG D 107 19.88 3.29 -25.76
CA ARG D 107 19.89 3.79 -27.14
C ARG D 107 20.64 5.13 -27.32
N SER D 108 21.54 5.44 -26.39
CA SER D 108 22.32 6.69 -26.42
C SER D 108 23.50 6.68 -27.39
N GLY D 109 24.09 5.51 -27.64
CA GLY D 109 25.30 5.42 -28.46
C GLY D 109 26.58 5.66 -27.67
N LEU D 110 26.43 5.95 -26.38
CA LEU D 110 27.55 6.25 -25.49
C LEU D 110 28.60 5.16 -25.49
N PRO D 111 29.90 5.55 -25.45
CA PRO D 111 30.98 4.56 -25.39
C PRO D 111 30.96 3.85 -24.04
N ASP D 112 31.02 2.52 -24.07
CA ASP D 112 30.93 1.76 -22.82
C ASP D 112 32.28 1.39 -22.23
N PHE D 113 32.29 1.18 -20.91
CA PHE D 113 33.53 0.97 -20.15
C PHE D 113 33.77 -0.47 -19.68
N GLU D 114 32.71 -1.27 -19.59
CA GLU D 114 32.76 -2.58 -18.92
C GLU D 114 33.77 -3.53 -19.53
N THR D 115 33.85 -3.55 -20.85
CA THR D 115 34.76 -4.41 -21.60
C THR D 115 36.23 -4.13 -21.30
N SER D 116 36.55 -2.84 -21.16
CA SER D 116 37.92 -2.36 -21.02
C SER D 116 38.45 -2.42 -19.59
N MET D 117 37.56 -2.40 -18.61
CA MET D 117 37.96 -2.43 -17.21
C MET D 117 38.65 -3.71 -16.77
N PRO D 118 39.63 -3.59 -15.85
CA PRO D 118 40.17 -4.78 -15.21
C PRO D 118 39.18 -5.35 -14.20
N MET D 119 38.89 -6.65 -14.36
N MET D 119 38.93 -6.66 -14.27
CA MET D 119 38.12 -7.45 -13.40
CA MET D 119 38.01 -7.26 -13.30
C MET D 119 38.77 -7.39 -12.03
C MET D 119 38.70 -7.64 -11.98
N ILE D 120 40.02 -7.82 -12.00
CA ILE D 120 40.78 -7.98 -10.75
C ILE D 120 41.62 -6.74 -10.59
N SER D 121 41.29 -5.98 -9.56
CA SER D 121 41.82 -4.66 -9.34
C SER D 121 41.42 -4.27 -7.92
N ASP D 122 42.13 -3.31 -7.36
CA ASP D 122 41.79 -2.73 -6.06
C ASP D 122 41.55 -1.23 -6.23
N LYS D 123 41.46 -0.80 -7.49
CA LYS D 123 41.31 0.62 -7.80
C LYS D 123 39.95 1.18 -7.39
N SER D 124 40.00 2.29 -6.68
CA SER D 124 38.85 3.10 -6.33
C SER D 124 38.51 3.99 -7.51
N TRP D 125 37.26 3.93 -7.97
CA TRP D 125 36.83 4.70 -9.14
C TRP D 125 35.94 5.87 -8.77
N THR D 126 35.86 6.84 -9.68
CA THR D 126 35.03 8.01 -9.52
C THR D 126 34.07 8.01 -10.69
N ALA D 127 32.85 8.53 -10.49
CA ALA D 127 31.88 8.65 -11.57
C ALA D 127 32.45 9.33 -12.81
N GLN D 128 33.06 10.50 -12.64
CA GLN D 128 33.67 11.20 -13.77
C GLN D 128 34.85 10.43 -14.42
N GLU D 129 35.71 9.85 -13.59
CA GLU D 129 36.77 8.94 -14.07
C GLU D 129 36.25 7.84 -15.00
N ILE D 130 35.14 7.20 -14.59
CA ILE D 130 34.52 6.14 -15.37
C ILE D 130 34.05 6.63 -16.72
N VAL D 131 33.44 7.82 -16.74
CA VAL D 131 32.95 8.42 -17.98
C VAL D 131 34.11 8.76 -18.93
N ASP D 132 35.17 9.35 -18.39
CA ASP D 132 36.39 9.69 -19.14
C ASP D 132 37.02 8.43 -19.72
N PHE D 133 37.07 7.39 -18.89
CA PHE D 133 37.54 6.06 -19.27
C PHE D 133 36.74 5.50 -20.44
N SER D 134 35.42 5.64 -20.36
CA SER D 134 34.48 5.19 -21.41
C SER D 134 34.82 5.78 -22.77
N PHE D 135 35.04 7.10 -22.79
CA PHE D 135 35.37 7.82 -24.02
C PHE D 135 36.76 7.50 -24.57
N ARG D 136 37.71 7.25 -23.66
CA ARG D 136 39.05 6.82 -24.05
C ARG D 136 39.05 5.46 -24.76
N HIS D 137 38.51 4.43 -24.11
CA HIS D 137 38.61 3.06 -24.61
C HIS D 137 37.35 2.53 -25.32
N GLY D 138 36.24 3.25 -25.23
CA GLY D 138 34.99 2.82 -25.86
C GLY D 138 34.68 3.49 -27.19
N VAL D 139 33.60 3.05 -27.83
CA VAL D 139 33.20 3.56 -29.16
C VAL D 139 31.82 4.27 -29.12
N GLN D 140 31.83 5.57 -29.42
CA GLN D 140 30.60 6.35 -29.44
C GLN D 140 29.87 6.24 -30.77
N LYS D 141 28.55 6.06 -30.69
CA LYS D 141 27.68 6.13 -31.87
C LYS D 141 26.63 7.23 -31.72
N GLU D 142 25.78 7.33 -32.74
CA GLU D 142 24.73 8.32 -32.78
C GLU D 142 23.61 7.97 -31.82
N PRO D 143 23.14 8.95 -31.03
CA PRO D 143 21.88 8.76 -30.30
C PRO D 143 20.79 8.18 -31.22
N TRP D 144 20.00 7.25 -30.69
CA TRP D 144 18.90 6.60 -31.42
C TRP D 144 19.33 5.70 -32.57
N HIS D 145 20.63 5.39 -32.63
CA HIS D 145 21.20 4.51 -33.65
C HIS D 145 20.55 3.13 -33.64
N GLY D 146 20.05 2.76 -32.46
CA GLY D 146 19.54 1.44 -32.19
C GLY D 146 19.85 1.10 -30.75
N MET D 147 19.39 -0.06 -30.31
CA MET D 147 19.70 -0.51 -28.97
C MET D 147 21.12 -1.07 -28.95
N GLU D 148 21.90 -0.58 -28.01
CA GLU D 148 23.13 -1.23 -27.63
C GLU D 148 23.29 -0.97 -26.14
N TYR D 149 23.33 -2.05 -25.37
CA TYR D 149 23.36 -1.99 -23.90
C TYR D 149 24.43 -1.04 -23.38
N SER D 150 24.02 -0.12 -22.51
CA SER D 150 24.87 0.99 -22.08
C SER D 150 24.94 1.17 -20.55
N ASN D 151 26.12 0.90 -20.01
CA ASN D 151 26.43 1.12 -18.60
C ASN D 151 26.67 2.60 -18.32
N THR D 152 27.30 3.26 -19.29
CA THR D 152 27.69 4.66 -19.17
C THR D 152 26.47 5.59 -19.00
N GLY D 153 25.36 5.25 -19.66
CA GLY D 153 24.11 6.01 -19.50
C GLY D 153 23.66 6.05 -18.06
N TYR D 154 23.84 4.95 -17.34
CA TYR D 154 23.47 4.87 -15.92
C TYR D 154 24.40 5.58 -14.93
N VAL D 155 25.70 5.57 -15.23
CA VAL D 155 26.66 6.38 -14.47
C VAL D 155 26.31 7.88 -14.59
N LEU D 156 25.94 8.30 -15.80
CA LEU D 156 25.48 9.67 -16.04
C LEU D 156 24.11 9.98 -15.40
N ALA D 157 23.29 8.95 -15.18
CA ALA D 157 22.03 9.12 -14.45
C ALA D 157 22.26 9.27 -12.95
N GLY D 158 23.25 8.55 -12.42
CA GLY D 158 23.66 8.72 -11.03
C GLY D 158 24.21 10.12 -10.77
N MET D 159 24.86 10.71 -11.78
CA MET D 159 25.42 12.04 -11.70
C MET D 159 24.35 13.14 -11.66
N ILE D 160 23.32 12.99 -12.50
CA ILE D 160 22.15 13.87 -12.43
C ILE D 160 21.54 13.80 -11.03
N ILE D 161 21.37 12.58 -10.51
CA ILE D 161 20.86 12.40 -9.14
C ILE D 161 21.78 13.09 -8.12
N ALA D 162 23.08 12.84 -8.19
CA ALA D 162 24.05 13.43 -7.24
C ALA D 162 24.00 14.97 -7.26
N HIS D 163 24.03 15.55 -8.44
CA HIS D 163 23.94 17.00 -8.58
C HIS D 163 22.63 17.59 -8.01
N GLU D 164 21.49 17.14 -8.55
CA GLU D 164 20.17 17.67 -8.17
C GLU D 164 19.90 17.63 -6.67
N THR D 165 20.42 16.58 -6.02
CA THR D 165 20.17 16.36 -4.58
C THR D 165 21.27 16.90 -3.68
N GLY D 166 22.43 17.16 -4.27
CA GLY D 166 23.60 17.66 -3.53
C GLY D 166 24.15 16.63 -2.55
N LYS D 167 23.82 15.37 -2.78
CA LYS D 167 24.31 14.25 -1.98
C LYS D 167 24.65 13.10 -2.94
N PRO D 168 25.45 12.12 -2.49
CA PRO D 168 25.64 10.92 -3.30
C PRO D 168 24.31 10.24 -3.67
N TYR D 169 24.25 9.65 -4.87
CA TYR D 169 23.00 9.04 -5.33
C TYR D 169 22.49 7.96 -4.39
N SER D 170 23.39 7.44 -3.56
CA SER D 170 23.06 6.44 -2.55
C SER D 170 22.05 6.98 -1.52
N ASP D 171 22.23 8.24 -1.08
CA ASP D 171 21.31 8.90 -0.13
C ASP D 171 19.85 8.96 -0.63
N HIS D 172 19.68 9.32 -1.91
CA HIS D 172 18.39 9.40 -2.60
C HIS D 172 17.73 8.02 -2.66
N LEU D 173 18.51 7.03 -3.05
CA LEU D 173 18.05 5.66 -3.08
C LEU D 173 17.66 5.20 -1.68
N ARG D 174 18.42 5.61 -0.66
CA ARG D 174 18.16 5.16 0.71
C ARG D 174 16.89 5.77 1.34
N SER D 175 16.80 7.10 1.32
CA SER D 175 15.67 7.81 1.90
C SER D 175 14.38 7.68 1.11
N ARG D 176 14.49 7.48 -0.21
CA ARG D 176 13.31 7.39 -1.08
C ARG D 176 12.83 5.97 -1.42
N ILE D 177 13.69 4.97 -1.21
CA ILE D 177 13.35 3.58 -1.55
C ILE D 177 13.59 2.62 -0.39
N PHE D 178 14.84 2.44 0.02
CA PHE D 178 15.19 1.41 1.02
C PHE D 178 14.46 1.59 2.35
N ALA D 179 14.56 2.78 2.94
CA ALA D 179 14.00 3.02 4.28
C ALA D 179 12.47 2.96 4.30
N PRO D 180 11.78 3.68 3.38
CA PRO D 180 10.31 3.55 3.36
C PRO D 180 9.81 2.11 3.13
N LEU D 181 10.62 1.28 2.45
CA LEU D 181 10.24 -0.11 2.17
C LEU D 181 10.75 -1.12 3.20
N GLY D 182 11.49 -0.64 4.21
CA GLY D 182 12.08 -1.50 5.23
C GLY D 182 13.14 -2.46 4.71
N MET D 183 13.83 -2.06 3.63
CA MET D 183 14.91 -2.85 3.05
C MET D 183 16.18 -2.61 3.86
N LYS D 184 16.47 -3.49 4.80
CA LYS D 184 17.55 -3.30 5.78
C LYS D 184 18.87 -4.00 5.43
N ASP D 185 18.84 -4.72 4.30
CA ASP D 185 19.93 -5.59 3.87
C ASP D 185 20.38 -5.20 2.47
N THR D 186 20.30 -3.90 2.19
CA THR D 186 20.51 -3.36 0.85
C THR D 186 21.47 -2.18 0.89
N TRP D 187 22.53 -2.27 0.09
CA TRP D 187 23.60 -1.27 0.11
C TRP D 187 23.98 -0.84 -1.28
N VAL D 188 24.44 0.40 -1.39
CA VAL D 188 24.95 0.96 -2.64
C VAL D 188 26.48 0.97 -2.50
N GLY D 189 27.15 0.05 -3.19
CA GLY D 189 28.57 -0.24 -2.98
C GLY D 189 29.60 0.85 -3.21
N THR D 190 29.29 1.80 -4.10
CA THR D 190 30.20 2.92 -4.35
C THR D 190 30.32 3.89 -3.16
N HIS D 191 29.23 4.10 -2.43
CA HIS D 191 29.19 5.13 -1.38
C HIS D 191 28.91 4.61 0.01
N GLU D 192 28.65 3.31 0.12
CA GLU D 192 28.26 2.72 1.38
C GLU D 192 29.09 1.47 1.67
N THR D 193 29.41 1.26 2.94
CA THR D 193 30.05 0.02 3.37
C THR D 193 28.99 -0.99 3.69
N PHE D 194 29.19 -2.22 3.20
CA PHE D 194 28.32 -3.34 3.54
C PHE D 194 29.13 -4.41 4.28
N PRO D 195 28.45 -5.32 5.03
CA PRO D 195 29.13 -6.36 5.80
C PRO D 195 29.56 -7.55 4.94
N ILE D 196 30.85 -7.57 4.58
CA ILE D 196 31.43 -8.59 3.71
C ILE D 196 31.29 -10.01 4.25
N GLU D 197 31.28 -10.17 5.57
CA GLU D 197 31.18 -11.50 6.16
C GLU D 197 29.79 -12.12 5.96
N ARG D 198 28.85 -11.34 5.43
CA ARG D 198 27.51 -11.83 5.23
C ARG D 198 27.19 -12.09 3.75
N GLU D 199 28.14 -11.74 2.89
CA GLU D 199 27.99 -11.98 1.46
C GLU D 199 28.27 -13.43 1.09
N ALA D 200 27.37 -14.03 0.31
CA ALA D 200 27.67 -15.28 -0.40
C ALA D 200 28.92 -15.10 -1.26
N ARG D 201 29.84 -16.04 -1.20
CA ARG D 201 31.00 -16.01 -2.10
C ARG D 201 30.50 -16.19 -3.53
N GLY D 202 31.19 -15.57 -4.48
CA GLY D 202 30.84 -15.69 -5.88
C GLY D 202 31.87 -16.60 -6.50
N TYR D 203 31.44 -17.45 -7.42
CA TYR D 203 32.33 -18.41 -8.04
C TYR D 203 32.36 -18.26 -9.53
N MET D 204 33.55 -17.97 -10.04
CA MET D 204 33.79 -17.94 -11.47
C MET D 204 34.16 -19.34 -11.92
N HIS D 205 33.45 -19.89 -12.89
CA HIS D 205 33.75 -21.22 -13.40
C HIS D 205 34.64 -21.10 -14.63
N ALA D 206 35.68 -21.92 -14.70
CA ALA D 206 36.70 -21.81 -15.75
C ALA D 206 36.37 -22.66 -16.97
N ALA D 207 36.44 -22.06 -18.16
CA ALA D 207 36.31 -22.80 -19.43
C ALA D 207 37.27 -24.01 -19.50
N ALA D 208 38.50 -23.81 -19.01
CA ALA D 208 39.48 -24.89 -18.90
C ALA D 208 39.00 -25.99 -17.95
N PRO D 213 35.08 -14.55 -23.51
CA PRO D 213 35.39 -13.79 -22.29
C PRO D 213 34.89 -12.33 -22.36
N GLN D 214 34.02 -11.96 -21.41
CA GLN D 214 33.39 -10.63 -21.42
C GLN D 214 34.17 -9.58 -20.61
N TRP D 215 34.94 -10.04 -19.63
CA TRP D 215 35.77 -9.15 -18.81
C TRP D 215 37.25 -9.52 -18.96
N ASP D 216 38.11 -8.71 -18.35
CA ASP D 216 39.56 -8.94 -18.37
C ASP D 216 39.99 -10.22 -17.63
N GLY D 219 44.32 -11.20 -13.49
CA GLY D 219 45.33 -12.06 -12.89
C GLY D 219 44.73 -13.00 -11.84
N ALA D 220 44.00 -14.00 -12.31
CA ALA D 220 43.18 -14.87 -11.46
C ALA D 220 43.95 -16.04 -10.84
N GLY D 221 45.15 -16.32 -11.36
CA GLY D 221 45.89 -17.52 -10.95
C GLY D 221 45.27 -18.75 -11.59
N ASP D 222 45.28 -19.87 -10.86
CA ASP D 222 44.68 -21.12 -11.34
C ASP D 222 43.50 -21.55 -10.44
N PRO D 223 42.48 -22.19 -11.03
CA PRO D 223 41.30 -22.61 -10.27
C PRO D 223 41.46 -23.94 -9.53
N VAL D 224 40.62 -24.14 -8.52
CA VAL D 224 40.48 -25.44 -7.86
C VAL D 224 39.06 -25.93 -8.04
N ASP D 225 38.92 -27.20 -8.42
CA ASP D 225 37.63 -27.83 -8.71
C ASP D 225 36.78 -26.97 -9.64
N GLY D 226 37.43 -26.40 -10.67
CA GLY D 226 36.77 -25.64 -11.73
C GLY D 226 36.31 -24.21 -11.43
N VAL D 227 36.64 -23.69 -10.25
CA VAL D 227 36.17 -22.37 -9.85
C VAL D 227 37.23 -21.49 -9.18
N TRP D 228 37.09 -20.18 -9.35
CA TRP D 228 37.75 -19.20 -8.48
C TRP D 228 36.69 -18.53 -7.60
N ASP D 229 37.01 -18.27 -6.34
CA ASP D 229 36.22 -17.35 -5.53
C ASP D 229 36.50 -15.95 -6.04
N SER D 230 35.53 -15.39 -6.76
CA SER D 230 35.67 -14.11 -7.41
C SER D 230 34.96 -12.96 -6.70
N THR D 231 34.44 -13.24 -5.50
CA THR D 231 33.69 -12.26 -4.70
C THR D 231 34.31 -10.86 -4.67
N GLU D 232 35.61 -10.79 -4.43
CA GLU D 232 36.27 -9.51 -4.22
C GLU D 232 37.26 -9.13 -5.32
N TRP D 233 37.15 -9.79 -6.48
CA TRP D 233 37.91 -9.40 -7.65
C TRP D 233 37.63 -7.94 -8.02
N PHE D 234 36.35 -7.60 -8.18
CA PHE D 234 35.95 -6.33 -8.77
C PHE D 234 35.49 -5.30 -7.73
N PRO D 235 36.15 -4.13 -7.69
CA PRO D 235 35.74 -3.05 -6.79
C PRO D 235 34.39 -2.54 -7.24
N LEU D 236 33.42 -2.46 -6.34
CA LEU D 236 32.06 -2.09 -6.72
C LEU D 236 31.94 -0.68 -7.28
N SER D 237 32.85 0.21 -6.89
CA SER D 237 32.91 1.58 -7.43
C SER D 237 33.23 1.64 -8.93
N GLY D 238 33.79 0.55 -9.46
CA GLY D 238 34.03 0.41 -10.90
C GLY D 238 32.73 0.21 -11.66
N ALA D 239 31.71 -0.29 -10.98
CA ALA D 239 30.38 -0.42 -11.56
C ALA D 239 29.59 0.89 -11.40
N ASN D 240 29.67 1.49 -10.20
CA ASN D 240 28.98 2.76 -9.96
C ASN D 240 27.45 2.56 -10.17
N ALA D 241 26.75 3.56 -10.69
CA ALA D 241 25.29 3.51 -10.79
C ALA D 241 24.84 2.47 -11.83
N ALA D 242 25.81 1.91 -12.57
CA ALA D 242 25.53 0.87 -13.56
C ALA D 242 25.40 -0.54 -12.93
N GLY D 243 25.99 -0.75 -11.75
CA GLY D 243 25.87 -2.08 -11.12
C GLY D 243 26.43 -2.34 -9.73
N ASP D 244 26.41 -1.33 -8.86
CA ASP D 244 27.16 -1.40 -7.58
C ASP D 244 26.40 -1.88 -6.33
N MET D 245 25.12 -2.22 -6.45
CA MET D 245 24.31 -2.56 -5.25
C MET D 245 24.49 -3.97 -4.71
N VAL D 246 24.28 -4.10 -3.41
CA VAL D 246 24.35 -5.35 -2.69
C VAL D 246 23.02 -5.54 -1.97
N SER D 247 22.43 -6.72 -2.08
CA SER D 247 21.10 -6.95 -1.49
C SER D 247 20.81 -8.43 -1.31
N THR D 248 19.59 -8.71 -0.85
CA THR D 248 19.12 -10.08 -0.69
C THR D 248 17.90 -10.20 -1.58
N PRO D 249 17.60 -11.42 -2.09
CA PRO D 249 16.37 -11.61 -2.86
C PRO D 249 15.11 -11.22 -2.07
N ARG D 250 15.11 -11.48 -0.75
CA ARG D 250 14.05 -10.98 0.13
C ARG D 250 13.82 -9.46 -0.01
N ASP D 251 14.89 -8.67 0.04
CA ASP D 251 14.80 -7.21 -0.05
C ASP D 251 14.34 -6.75 -1.43
N ILE D 252 14.84 -7.43 -2.46
CA ILE D 252 14.51 -7.09 -3.84
C ILE D 252 13.01 -7.23 -4.11
N VAL D 253 12.40 -8.24 -3.49
CA VAL D 253 10.98 -8.48 -3.68
C VAL D 253 10.13 -7.39 -2.97
N LYS D 254 10.66 -6.87 -1.86
CA LYS D 254 10.08 -5.69 -1.21
C LYS D 254 10.05 -4.53 -2.20
N PHE D 255 11.16 -4.32 -2.91
CA PHE D 255 11.23 -3.30 -3.96
C PHE D 255 10.24 -3.53 -5.12
N LEU D 256 10.21 -4.74 -5.68
CA LEU D 256 9.38 -5.06 -6.85
C LEU D 256 7.90 -4.92 -6.55
N ASN D 257 7.46 -5.46 -5.42
CA ASN D 257 6.09 -5.33 -4.98
C ASN D 257 5.66 -3.86 -4.88
N ALA D 258 6.45 -3.05 -4.18
CA ALA D 258 6.16 -1.62 -4.05
C ALA D 258 6.11 -0.91 -5.39
N LEU D 259 7.06 -1.21 -6.27
CA LEU D 259 7.15 -0.55 -7.58
C LEU D 259 5.94 -0.78 -8.48
N PHE D 260 5.57 -2.04 -8.70
CA PHE D 260 4.50 -2.40 -9.60
C PHE D 260 3.12 -2.22 -8.95
N ASP D 261 3.11 -1.99 -7.64
CA ASP D 261 1.91 -1.63 -6.88
C ASP D 261 1.60 -0.14 -6.90
N GLY D 262 2.49 0.65 -7.49
CA GLY D 262 2.36 2.11 -7.48
C GLY D 262 2.68 2.82 -6.17
N ARG D 263 3.44 2.18 -5.29
CA ARG D 263 3.82 2.78 -4.01
C ARG D 263 5.15 3.56 -4.09
N ILE D 264 5.84 3.48 -5.23
CA ILE D 264 7.05 4.27 -5.44
C ILE D 264 6.82 5.37 -6.48
N LEU D 265 6.74 4.99 -7.75
CA LEU D 265 6.54 5.95 -8.84
C LEU D 265 5.06 6.06 -9.17
N ASP D 266 4.65 7.24 -9.66
CA ASP D 266 3.27 7.47 -10.09
C ASP D 266 3.00 6.71 -11.40
N GLN D 267 1.75 6.69 -11.88
CA GLN D 267 1.37 5.84 -13.02
C GLN D 267 2.19 6.13 -14.28
N LYS D 268 2.39 7.42 -14.55
CA LYS D 268 3.14 7.88 -15.73
C LYS D 268 4.60 7.44 -15.73
N ARG D 269 5.27 7.59 -14.59
CA ARG D 269 6.68 7.24 -14.48
C ARG D 269 6.88 5.72 -14.52
N LEU D 270 5.94 4.99 -13.96
CA LEU D 270 5.94 3.53 -14.07
C LEU D 270 5.74 3.05 -15.51
N TRP D 271 4.79 3.67 -16.24
CA TRP D 271 4.61 3.43 -17.67
C TRP D 271 5.89 3.70 -18.46
N GLU D 272 6.58 4.81 -18.17
CA GLU D 272 7.86 5.11 -18.85
C GLU D 272 8.85 3.99 -18.59
N MET D 273 8.91 3.58 -17.33
CA MET D 273 9.75 2.48 -16.91
C MET D 273 9.43 1.13 -17.54
N LYS D 274 8.15 0.72 -17.51
CA LYS D 274 7.76 -0.64 -17.88
C LYS D 274 7.06 -0.79 -19.23
N ASP D 275 6.48 0.27 -19.80
CA ASP D 275 5.64 0.14 -21.01
C ASP D 275 6.05 0.96 -22.22
N ASN D 276 6.83 2.02 -21.99
CA ASN D 276 7.41 2.75 -23.09
C ASN D 276 8.66 2.00 -23.56
N ILE D 277 8.42 0.91 -24.29
CA ILE D 277 9.45 -0.03 -24.65
C ILE D 277 9.83 -0.04 -26.13
N LYS D 278 11.01 -0.61 -26.39
CA LYS D 278 11.53 -0.86 -27.72
C LYS D 278 12.34 -2.15 -27.59
N PRO D 279 12.59 -2.86 -28.72
CA PRO D 279 13.41 -4.08 -28.69
C PRO D 279 14.80 -3.91 -28.06
N ALA D 280 15.30 -5.00 -27.46
CA ALA D 280 16.51 -4.97 -26.69
C ALA D 280 17.20 -6.32 -26.75
N PHE D 281 18.52 -6.27 -26.85
CA PHE D 281 19.38 -7.43 -26.86
C PHE D 281 20.27 -7.43 -25.63
N PHE D 282 20.25 -8.54 -24.91
CA PHE D 282 21.35 -8.82 -23.98
C PHE D 282 21.82 -10.26 -24.15
N PRO D 283 23.13 -10.45 -24.39
CA PRO D 283 23.65 -11.81 -24.61
C PRO D 283 23.88 -12.51 -23.27
N GLY D 284 23.56 -13.79 -23.11
CA GLY D 284 22.69 -14.56 -23.96
C GLY D 284 21.50 -14.80 -23.05
N SER D 285 20.85 -13.68 -22.70
CA SER D 285 19.70 -13.66 -21.82
C SER D 285 18.42 -13.99 -22.57
N ASN D 286 17.30 -13.81 -21.88
CA ASN D 286 15.96 -13.99 -22.46
C ASN D 286 15.31 -12.65 -22.81
N THR D 287 16.14 -11.61 -22.92
CA THR D 287 15.70 -10.21 -23.13
C THR D 287 15.17 -10.01 -24.53
N VAL D 288 13.98 -9.41 -24.63
CA VAL D 288 13.34 -9.07 -25.90
C VAL D 288 13.13 -7.55 -26.08
N ALA D 289 12.96 -6.84 -24.96
CA ALA D 289 12.69 -5.40 -25.00
C ALA D 289 13.18 -4.69 -23.74
N ASN D 290 13.20 -3.36 -23.80
CA ASN D 290 13.42 -2.57 -22.60
C ASN D 290 12.65 -1.24 -22.63
N GLY D 291 12.27 -0.80 -21.44
CA GLY D 291 11.71 0.53 -21.23
C GLY D 291 12.75 1.51 -20.67
N HIS D 292 12.41 2.20 -19.60
CA HIS D 292 13.28 3.22 -19.03
C HIS D 292 13.68 2.85 -17.58
N GLY D 293 14.47 1.78 -17.46
CA GLY D 293 14.81 1.17 -16.16
C GLY D 293 14.50 -0.31 -16.02
N LEU D 294 13.67 -0.84 -16.90
CA LEU D 294 13.32 -2.28 -16.86
C LEU D 294 13.61 -3.07 -18.14
N LEU D 295 14.05 -4.31 -17.99
CA LEU D 295 14.20 -5.19 -19.14
C LEU D 295 13.01 -6.12 -19.20
N LEU D 296 12.54 -6.40 -20.42
CA LEU D 296 11.50 -7.40 -20.66
C LEU D 296 12.16 -8.70 -21.11
N MET D 297 12.01 -9.73 -20.29
CA MET D 297 12.68 -11.02 -20.48
C MET D 297 11.63 -12.11 -20.56
N ARG D 298 11.62 -12.86 -21.67
CA ARG D 298 10.58 -13.88 -21.94
C ARG D 298 10.92 -15.26 -21.39
N TYR D 299 9.95 -15.90 -20.75
CA TYR D 299 10.10 -17.25 -20.25
C TYR D 299 8.91 -18.12 -20.66
N GLY D 300 9.05 -18.81 -21.80
CA GLY D 300 7.94 -19.59 -22.34
C GLY D 300 6.72 -18.72 -22.50
N SER D 301 5.63 -19.08 -21.81
CA SER D 301 4.39 -18.30 -21.86
C SER D 301 4.32 -17.17 -20.84
N SER D 302 5.33 -17.09 -19.97
CA SER D 302 5.44 -15.99 -19.00
C SER D 302 6.48 -14.95 -19.45
N GLU D 303 6.41 -13.75 -18.88
CA GLU D 303 7.34 -12.69 -19.23
C GLU D 303 7.70 -11.82 -18.01
N LEU D 304 8.99 -11.70 -17.72
CA LEU D 304 9.46 -10.89 -16.59
C LEU D 304 9.78 -9.46 -16.97
N LYS D 305 9.28 -8.52 -16.18
CA LYS D 305 9.72 -7.15 -16.30
C LYS D 305 10.63 -6.86 -15.11
N GLY D 306 11.92 -6.78 -15.38
CA GLY D 306 12.89 -6.65 -14.32
C GLY D 306 14.28 -6.37 -14.84
N HIS D 307 15.24 -7.19 -14.44
CA HIS D 307 16.62 -7.04 -14.87
C HIS D 307 17.38 -8.32 -14.62
N LEU D 308 18.49 -8.47 -15.31
CA LEU D 308 19.42 -9.53 -15.05
C LEU D 308 20.66 -8.84 -14.49
N GLY D 309 21.46 -9.59 -13.74
CA GLY D 309 22.71 -9.07 -13.24
C GLY D 309 23.85 -10.06 -13.45
N GLN D 310 24.96 -9.54 -13.94
CA GLN D 310 26.17 -10.35 -14.09
C GLN D 310 27.33 -9.54 -13.56
N ILE D 311 27.94 -10.07 -12.52
CA ILE D 311 29.14 -9.51 -11.93
C ILE D 311 29.86 -10.78 -11.41
N PRO D 312 31.22 -10.82 -11.49
CA PRO D 312 31.96 -12.10 -11.34
C PRO D 312 31.54 -12.99 -10.16
N GLY D 313 30.97 -14.14 -10.52
CA GLY D 313 30.49 -15.07 -9.52
C GLY D 313 29.07 -14.90 -9.01
N HIS D 314 28.43 -13.75 -9.23
CA HIS D 314 27.01 -13.52 -8.79
C HIS D 314 26.06 -13.26 -9.97
N THR D 315 25.11 -14.17 -10.20
CA THR D 315 24.29 -14.11 -11.42
C THR D 315 22.81 -13.99 -11.07
N SER D 316 22.19 -12.88 -11.46
CA SER D 316 20.86 -12.54 -10.95
C SER D 316 19.77 -12.32 -12.00
N ILE D 317 18.54 -12.66 -11.63
CA ILE D 317 17.34 -12.36 -12.41
C ILE D 317 16.24 -11.86 -11.46
N MET D 318 15.80 -10.63 -11.63
CA MET D 318 14.58 -10.19 -10.96
C MET D 318 13.51 -9.80 -11.96
N GLY D 319 12.26 -9.90 -11.52
CA GLY D 319 11.18 -9.33 -12.30
C GLY D 319 9.79 -9.60 -11.77
N ARG D 320 8.84 -8.87 -12.32
CA ARG D 320 7.44 -9.11 -12.06
C ARG D 320 6.78 -9.68 -13.31
N ASP D 321 5.94 -10.68 -13.10
CA ASP D 321 5.05 -11.20 -14.12
C ASP D 321 3.77 -10.40 -13.99
N GLU D 322 3.59 -9.42 -14.87
CA GLU D 322 2.43 -8.51 -14.81
C GLU D 322 1.09 -9.23 -14.99
N GLU D 323 1.12 -10.40 -15.62
CA GLU D 323 -0.07 -11.21 -15.85
C GLU D 323 -0.60 -11.91 -14.59
N THR D 324 0.31 -12.57 -13.87
CA THR D 324 -0.02 -13.36 -12.66
C THR D 324 0.19 -12.55 -11.39
N GLY D 325 1.08 -11.56 -11.46
CA GLY D 325 1.37 -10.68 -10.33
C GLY D 325 2.53 -11.15 -9.47
N ALA D 326 3.13 -12.26 -9.88
CA ALA D 326 4.32 -12.84 -9.23
C ALA D 326 5.53 -11.92 -9.32
N ALA D 327 6.25 -11.75 -8.21
CA ALA D 327 7.53 -11.05 -8.25
C ALA D 327 8.61 -11.97 -7.71
N LEU D 328 9.79 -11.91 -8.31
CA LEU D 328 10.88 -12.75 -7.85
C LEU D 328 12.24 -12.15 -7.99
N MET D 329 13.17 -12.70 -7.21
CA MET D 329 14.59 -12.48 -7.36
C MET D 329 15.26 -13.83 -7.15
N LEU D 330 15.95 -14.31 -8.17
CA LEU D 330 16.77 -15.51 -8.10
C LEU D 330 18.22 -15.13 -8.34
N ILE D 331 19.08 -15.50 -7.40
CA ILE D 331 20.51 -15.20 -7.53
C ILE D 331 21.29 -16.45 -7.21
N GLN D 332 22.13 -16.86 -8.15
CA GLN D 332 23.08 -17.93 -7.92
C GLN D 332 24.48 -17.37 -7.76
N ASN D 333 25.26 -17.97 -6.86
CA ASN D 333 26.66 -17.59 -6.68
C ASN D 333 27.61 -18.38 -7.57
N SER D 334 27.13 -18.68 -8.77
CA SER D 334 27.96 -19.21 -9.86
C SER D 334 27.92 -18.25 -11.03
N GLY D 335 29.06 -18.10 -11.70
CA GLY D 335 29.15 -17.32 -12.92
C GLY D 335 30.23 -17.86 -13.84
N ALA D 336 30.45 -17.17 -14.94
CA ALA D 336 31.54 -17.47 -15.89
C ALA D 336 31.85 -16.20 -16.67
N GLY D 337 32.85 -16.28 -17.55
CA GLY D 337 33.30 -15.11 -18.30
C GLY D 337 32.65 -15.03 -19.67
N ASP D 338 32.02 -16.12 -20.10
CA ASP D 338 31.40 -16.17 -21.41
C ASP D 338 29.88 -16.13 -21.34
N PHE D 339 29.30 -15.20 -22.11
CA PHE D 339 27.86 -14.91 -22.12
C PHE D 339 26.97 -16.13 -22.27
N GLU D 340 27.46 -17.17 -22.92
CA GLU D 340 26.65 -18.36 -23.07
C GLU D 340 27.20 -19.65 -22.48
N SER D 341 28.13 -19.47 -21.53
CA SER D 341 28.42 -20.51 -20.55
C SER D 341 27.14 -20.82 -19.78
N PHE D 342 26.92 -22.09 -19.46
CA PHE D 342 25.81 -22.50 -18.58
C PHE D 342 25.76 -21.69 -17.28
N TYR D 343 26.93 -21.34 -16.76
CA TYR D 343 27.05 -20.63 -15.51
C TYR D 343 26.59 -19.18 -15.59
N LEU D 344 26.50 -18.64 -16.80
CA LEU D 344 25.83 -17.34 -16.99
C LEU D 344 24.37 -17.48 -17.42
N LYS D 345 24.15 -17.91 -18.65
CA LYS D 345 22.81 -17.90 -19.24
C LYS D 345 21.86 -18.91 -18.61
N GLY D 346 22.43 -19.94 -17.97
CA GLY D 346 21.65 -21.03 -17.38
C GLY D 346 20.92 -20.63 -16.12
N VAL D 347 21.23 -19.44 -15.62
CA VAL D 347 20.42 -18.81 -14.56
C VAL D 347 18.93 -18.72 -14.97
N ASN D 348 18.69 -18.58 -16.28
CA ASN D 348 17.34 -18.45 -16.83
C ASN D 348 16.52 -19.73 -16.81
N GLU D 349 17.18 -20.87 -16.59
CA GLU D 349 16.50 -22.16 -16.59
C GLU D 349 15.61 -22.36 -15.36
N PRO D 350 16.18 -22.25 -14.13
CA PRO D 350 15.30 -22.38 -12.95
C PRO D 350 14.22 -21.32 -12.93
N VAL D 351 14.52 -20.13 -13.46
CA VAL D 351 13.51 -19.08 -13.55
C VAL D 351 12.33 -19.53 -14.41
N ASP D 352 12.65 -20.15 -15.56
CA ASP D 352 11.63 -20.73 -16.43
C ASP D 352 10.80 -21.82 -15.76
N ARG D 353 11.45 -22.76 -15.09
CA ARG D 353 10.75 -23.86 -14.40
C ARG D 353 9.86 -23.34 -13.29
N VAL D 354 10.32 -22.31 -12.56
CA VAL D 354 9.52 -21.72 -11.48
C VAL D 354 8.22 -21.12 -12.01
N LEU D 355 8.32 -20.29 -13.05
CA LEU D 355 7.16 -19.61 -13.64
C LEU D 355 6.15 -20.56 -14.27
N GLU D 356 6.65 -21.61 -14.91
CA GLU D 356 5.83 -22.73 -15.37
C GLU D 356 5.15 -23.44 -14.22
N ALA D 357 5.88 -23.69 -13.13
CA ALA D 357 5.34 -24.45 -12.01
C ALA D 357 4.23 -23.66 -11.34
N ILE D 358 4.43 -22.34 -11.23
CA ILE D 358 3.41 -21.40 -10.79
C ILE D 358 2.15 -21.50 -11.66
N LYS D 359 2.36 -21.49 -12.98
CA LYS D 359 1.29 -21.53 -13.96
C LYS D 359 0.61 -22.90 -13.99
N ASN D 360 1.40 -23.96 -13.90
CA ASN D 360 0.88 -25.31 -13.99
C ASN D 360 0.02 -25.72 -12.79
N SER D 361 0.25 -25.07 -11.65
CA SER D 361 -0.58 -25.31 -10.47
C SER D 361 -1.98 -24.69 -10.65
N ARG D 362 -2.03 -23.51 -11.27
CA ARG D 362 -3.28 -22.84 -11.64
C ARG D 362 -3.97 -23.54 -12.81
N SER E 2 0.10 -41.60 -29.01
CA SER E 2 -0.38 -41.11 -27.67
C SER E 2 -1.69 -40.31 -27.79
N ASP E 3 -2.07 -39.64 -26.70
CA ASP E 3 -3.26 -38.79 -26.64
C ASP E 3 -3.20 -37.65 -27.67
N LEU E 4 -2.01 -37.06 -27.82
CA LEU E 4 -1.78 -35.90 -28.69
C LEU E 4 -1.68 -36.26 -30.17
N ASN E 5 -1.12 -37.43 -30.48
CA ASN E 5 -0.98 -37.90 -31.86
C ASN E 5 -2.31 -37.98 -32.62
N ASN E 6 -3.33 -38.48 -31.95
CA ASN E 6 -4.63 -38.73 -32.58
C ASN E 6 -5.47 -37.46 -32.74
N ALA E 7 -5.28 -36.49 -31.84
CA ALA E 7 -5.93 -35.17 -31.96
C ALA E 7 -5.35 -34.37 -33.13
N ILE E 8 -4.02 -34.34 -33.21
CA ILE E 8 -3.30 -33.68 -34.30
C ILE E 8 -3.62 -34.32 -35.65
N GLN E 9 -3.90 -35.63 -35.62
CA GLN E 9 -4.33 -36.36 -36.82
C GLN E 9 -5.77 -35.99 -37.15
N GLY E 10 -6.63 -36.02 -36.13
CA GLY E 10 -8.04 -35.61 -36.26
C GLY E 10 -8.22 -34.22 -36.82
N ILE E 11 -7.32 -33.31 -36.42
CA ILE E 11 -7.30 -31.93 -36.95
C ILE E 11 -7.04 -31.94 -38.46
N LEU E 12 -5.99 -32.66 -38.88
CA LEU E 12 -5.63 -32.78 -40.29
C LEU E 12 -6.74 -33.42 -41.13
N ASP E 13 -7.34 -34.50 -40.63
CA ASP E 13 -8.48 -35.14 -41.30
C ASP E 13 -9.65 -34.18 -41.46
N ASP E 14 -9.99 -33.46 -40.39
CA ASP E 14 -11.06 -32.44 -40.41
C ASP E 14 -10.84 -31.38 -41.49
N HIS E 15 -9.57 -31.04 -41.72
CA HIS E 15 -9.19 -30.00 -42.69
C HIS E 15 -9.36 -30.47 -44.13
N VAL E 16 -9.03 -31.74 -44.40
CA VAL E 16 -9.19 -32.29 -45.75
C VAL E 16 -10.65 -32.62 -46.11
N ALA E 17 -11.47 -32.85 -45.07
CA ALA E 17 -12.90 -33.09 -45.23
C ALA E 17 -13.68 -31.77 -45.35
N ARG E 18 -12.95 -30.71 -45.66
CA ARG E 18 -13.47 -29.35 -45.73
C ARG E 18 -13.13 -28.76 -47.09
N GLY E 19 -12.32 -29.49 -47.86
CA GLY E 19 -11.94 -29.09 -49.22
C GLY E 19 -10.50 -29.41 -49.59
N VAL E 20 -9.61 -29.39 -48.60
CA VAL E 20 -8.17 -29.45 -48.86
C VAL E 20 -7.68 -30.85 -49.30
N VAL E 21 -7.12 -30.89 -50.51
CA VAL E 21 -6.73 -32.14 -51.14
C VAL E 21 -5.88 -33.01 -50.20
N GLY E 22 -4.80 -32.45 -49.66
CA GLY E 22 -3.96 -33.19 -48.74
C GLY E 22 -2.95 -32.35 -47.99
N VAL E 23 -2.94 -32.50 -46.66
CA VAL E 23 -2.05 -31.76 -45.79
C VAL E 23 -0.93 -32.66 -45.23
N SER E 24 0.22 -32.05 -44.92
CA SER E 24 1.35 -32.76 -44.30
C SER E 24 2.03 -31.91 -43.21
N LEU E 25 2.27 -32.52 -42.06
CA LEU E 25 2.84 -31.84 -40.90
C LEU E 25 4.12 -32.51 -40.40
N ALA E 26 4.98 -31.71 -39.78
CA ALA E 26 6.11 -32.18 -38.98
C ALA E 26 6.17 -31.33 -37.72
N LEU E 27 6.21 -31.97 -36.55
CA LEU E 27 6.16 -31.27 -35.26
C LEU E 27 7.24 -31.76 -34.27
N CYS E 28 7.89 -30.81 -33.58
CA CYS E 28 8.93 -31.17 -32.61
C CYS E 28 8.83 -30.41 -31.29
N LEU E 29 8.22 -31.06 -30.30
CA LEU E 29 8.19 -30.56 -28.91
C LEU E 29 9.62 -30.54 -28.36
N PRO E 30 9.91 -29.63 -27.40
CA PRO E 30 11.31 -29.40 -26.99
C PRO E 30 11.98 -30.62 -26.36
N GLY E 31 13.28 -30.76 -26.60
CA GLY E 31 14.04 -31.93 -26.17
C GLY E 31 13.72 -33.21 -26.95
N GLU E 32 12.47 -33.32 -27.41
CA GLU E 32 11.94 -34.51 -28.09
C GLU E 32 12.43 -34.67 -29.52
N GLU E 33 11.81 -35.64 -30.23
CA GLU E 33 12.12 -35.94 -31.62
C GLU E 33 10.95 -35.52 -32.52
N THR E 34 11.20 -35.44 -33.82
CA THR E 34 10.20 -34.92 -34.77
C THR E 34 9.14 -35.96 -35.13
N SER E 35 7.90 -35.65 -34.77
CA SER E 35 6.76 -36.46 -35.15
C SER E 35 6.21 -35.97 -36.48
N LEU E 36 5.88 -36.90 -37.38
CA LEU E 36 5.34 -36.56 -38.69
C LEU E 36 3.88 -37.00 -38.78
N TYR E 37 3.06 -36.22 -39.49
CA TYR E 37 1.64 -36.51 -39.67
C TYR E 37 1.19 -36.19 -41.10
N GLN E 38 0.28 -37.00 -41.66
CA GLN E 38 -0.29 -36.75 -42.99
C GLN E 38 -1.77 -37.10 -43.08
N SER E 39 -2.51 -36.33 -43.88
CA SER E 39 -3.86 -36.68 -44.29
C SER E 39 -4.02 -36.36 -45.77
N GLY E 40 -5.12 -36.81 -46.37
CA GLY E 40 -5.44 -36.54 -47.77
C GLY E 40 -4.45 -37.11 -48.78
N TYR E 41 -4.62 -36.72 -50.05
CA TYR E 41 -3.78 -37.21 -51.15
C TYR E 41 -2.69 -36.22 -51.58
N ALA E 42 -1.56 -36.79 -52.03
CA ALA E 42 -0.50 -36.04 -52.73
C ALA E 42 -0.80 -35.95 -54.23
N ASP E 43 -1.61 -36.89 -54.71
CA ASP E 43 -2.05 -36.91 -56.11
C ASP E 43 -3.55 -37.20 -56.14
N LYS E 44 -4.34 -36.22 -56.57
CA LYS E 44 -5.80 -36.34 -56.59
C LYS E 44 -6.25 -37.38 -57.62
N LYS E 47 -4.03 -41.94 -57.47
CA LYS E 47 -4.55 -41.24 -56.30
C LYS E 47 -3.75 -41.56 -55.01
N MET E 48 -2.49 -41.12 -54.99
CA MET E 48 -1.55 -41.46 -53.91
C MET E 48 -1.79 -40.63 -52.65
N PRO E 49 -1.90 -41.28 -51.48
CA PRO E 49 -2.00 -40.53 -50.22
C PRO E 49 -0.68 -39.81 -49.83
N MET E 50 -0.79 -38.75 -49.02
CA MET E 50 0.37 -37.99 -48.55
C MET E 50 1.24 -38.83 -47.61
N THR E 51 2.54 -38.85 -47.86
CA THR E 51 3.51 -39.49 -46.96
C THR E 51 4.44 -38.44 -46.34
N GLY E 52 5.38 -38.89 -45.52
CA GLY E 52 6.33 -38.00 -44.86
C GLY E 52 7.42 -37.44 -45.76
N ASP E 53 7.52 -37.96 -46.99
CA ASP E 53 8.63 -37.60 -47.88
C ASP E 53 8.16 -37.06 -49.23
N HIS E 54 6.86 -36.72 -49.33
CA HIS E 54 6.40 -35.91 -50.45
C HIS E 54 6.97 -34.52 -50.26
N LEU E 55 7.76 -34.08 -51.23
CA LEU E 55 8.35 -32.75 -51.24
C LEU E 55 7.30 -31.68 -51.52
N PHE E 56 7.60 -30.45 -51.09
CA PHE E 56 6.76 -29.30 -51.39
C PHE E 56 7.60 -28.12 -51.86
N ARG E 57 6.97 -27.21 -52.60
CA ARG E 57 7.51 -25.88 -52.85
C ARG E 57 7.20 -25.01 -51.62
N ILE E 58 8.25 -24.61 -50.90
CA ILE E 58 8.04 -23.90 -49.63
C ILE E 58 7.81 -22.38 -49.80
N ALA E 59 7.88 -21.91 -51.04
CA ALA E 59 7.65 -20.50 -51.40
C ALA E 59 8.39 -19.55 -50.47
N SER E 60 7.84 -18.54 -49.79
CA SER E 60 8.40 -17.42 -49.04
C SER E 60 9.02 -17.92 -47.76
N CYS E 61 8.97 -19.19 -47.34
CA CYS E 61 9.80 -19.82 -46.30
C CYS E 61 11.27 -19.89 -46.71
N THR E 62 11.52 -19.71 -48.01
CA THR E 62 12.86 -19.49 -48.54
C THR E 62 13.49 -18.28 -47.87
N LYS E 63 12.74 -17.18 -47.78
CA LYS E 63 13.23 -15.94 -47.17
C LYS E 63 14.01 -16.13 -45.86
N SER E 64 13.48 -16.98 -44.97
CA SER E 64 14.12 -17.27 -43.69
C SER E 64 15.51 -17.88 -43.87
N PHE E 65 15.63 -18.82 -44.82
CA PHE E 65 16.91 -19.45 -45.17
C PHE E 65 17.89 -18.46 -45.76
N ILE E 66 17.39 -17.52 -46.55
CA ILE E 66 18.22 -16.52 -47.22
C ILE E 66 18.73 -15.47 -46.22
N ALA E 67 17.82 -14.93 -45.40
CA ALA E 67 18.17 -14.09 -44.26
C ALA E 67 19.29 -14.74 -43.41
N THR E 68 19.03 -15.96 -42.94
CA THR E 68 20.01 -16.76 -42.21
C THR E 68 21.39 -16.73 -42.89
N GLY E 69 21.41 -17.01 -44.20
CA GLY E 69 22.65 -17.09 -44.97
C GLY E 69 23.41 -15.77 -45.03
N LEU E 70 22.65 -14.68 -45.11
CA LEU E 70 23.19 -13.33 -45.11
C LEU E 70 23.71 -12.96 -43.72
N HIS E 71 22.97 -13.37 -42.69
CA HIS E 71 23.40 -13.21 -41.31
C HIS E 71 24.69 -13.97 -41.03
N LEU E 72 24.85 -15.14 -41.65
CA LEU E 72 26.07 -15.92 -41.50
C LEU E 72 27.29 -15.16 -42.03
N LEU E 73 27.07 -14.34 -43.06
CA LEU E 73 28.10 -13.47 -43.63
C LEU E 73 28.33 -12.23 -42.76
N VAL E 74 27.28 -11.83 -42.02
CA VAL E 74 27.41 -10.76 -41.05
C VAL E 74 28.28 -11.25 -39.88
N GLN E 75 28.00 -12.47 -39.43
CA GLN E 75 28.82 -13.14 -38.41
C GLN E 75 30.29 -13.25 -38.80
N ASP E 76 30.56 -13.65 -40.04
CA ASP E 76 31.95 -13.77 -40.54
C ASP E 76 32.65 -12.41 -40.66
N GLY E 77 31.92 -11.32 -40.48
CA GLY E 77 32.53 -10.00 -40.55
C GLY E 77 32.67 -9.41 -41.95
N THR E 78 32.28 -10.17 -42.97
CA THR E 78 32.34 -9.66 -44.34
C THR E 78 31.18 -8.71 -44.73
N VAL E 79 30.08 -8.77 -43.97
CA VAL E 79 28.92 -7.89 -44.18
C VAL E 79 28.54 -7.21 -42.86
N ASP E 80 28.03 -5.98 -42.97
CA ASP E 80 27.46 -5.25 -41.85
C ASP E 80 26.01 -4.85 -42.14
N LEU E 81 25.09 -5.20 -41.23
CA LEU E 81 23.66 -4.92 -41.41
C LEU E 81 23.31 -3.45 -41.60
N ASP E 82 24.20 -2.55 -41.16
CA ASP E 82 23.96 -1.11 -41.27
C ASP E 82 24.68 -0.40 -42.43
N GLU E 83 25.67 -1.05 -43.04
CA GLU E 83 26.34 -0.48 -44.21
C GLU E 83 25.35 -0.37 -45.38
N PRO E 84 25.52 0.66 -46.23
CA PRO E 84 24.70 0.82 -47.43
C PRO E 84 24.92 -0.24 -48.50
N ILE E 85 23.86 -0.56 -49.25
CA ILE E 85 23.93 -1.56 -50.32
C ILE E 85 24.50 -1.05 -51.65
N THR E 86 24.91 0.23 -51.67
CA THR E 86 25.67 0.82 -52.79
C THR E 86 27.01 0.10 -53.06
N ARG E 87 27.53 -0.57 -52.04
CA ARG E 87 28.72 -1.41 -52.18
C ARG E 87 28.52 -2.49 -53.24
N TRP E 88 27.32 -3.07 -53.29
CA TRP E 88 27.01 -4.15 -54.23
C TRP E 88 26.19 -3.67 -55.42
N PHE E 89 25.35 -2.65 -55.18
CA PHE E 89 24.43 -2.15 -56.20
C PHE E 89 24.49 -0.63 -56.26
N PRO E 90 25.55 -0.07 -56.88
CA PRO E 90 25.78 1.38 -56.85
C PRO E 90 24.77 2.19 -57.67
N ASP E 91 24.13 1.55 -58.65
CA ASP E 91 23.26 2.27 -59.60
C ASP E 91 21.79 2.03 -59.30
N LEU E 92 21.53 1.22 -58.30
CA LEU E 92 20.18 0.93 -57.90
C LEU E 92 19.63 2.20 -57.27
N PRO E 93 18.45 2.67 -57.71
CA PRO E 93 17.86 3.88 -57.12
C PRO E 93 17.76 3.85 -55.58
N LYS E 94 17.95 5.02 -54.98
CA LYS E 94 17.83 5.26 -53.53
C LYS E 94 18.71 4.36 -52.66
N ALA E 95 19.72 3.75 -53.27
CA ALA E 95 20.53 2.71 -52.59
C ALA E 95 21.42 3.21 -51.45
N ALA E 96 21.71 4.50 -51.43
CA ALA E 96 22.53 5.09 -50.35
C ALA E 96 21.76 5.25 -49.05
N GLN E 97 20.44 5.05 -49.11
CA GLN E 97 19.58 5.12 -47.93
C GLN E 97 19.01 3.74 -47.64
N MET E 98 19.71 2.71 -48.10
CA MET E 98 19.32 1.33 -47.85
C MET E 98 20.43 0.60 -47.10
N PRO E 99 20.31 0.51 -45.76
CA PRO E 99 21.19 -0.35 -44.97
C PRO E 99 20.93 -1.79 -45.32
N VAL E 100 21.94 -2.66 -45.28
CA VAL E 100 21.76 -4.05 -45.67
C VAL E 100 20.50 -4.65 -45.04
N ARG E 101 20.24 -4.32 -43.78
CA ARG E 101 19.07 -4.84 -43.05
C ARG E 101 17.72 -4.54 -43.69
N ILE E 102 17.66 -3.46 -44.48
CA ILE E 102 16.38 -3.02 -45.07
C ILE E 102 15.89 -3.97 -46.17
N LEU E 103 16.82 -4.78 -46.68
CA LEU E 103 16.52 -5.84 -47.63
C LEU E 103 15.75 -6.98 -46.96
N LEU E 104 15.85 -7.05 -45.64
CA LEU E 104 15.33 -8.19 -44.88
C LEU E 104 14.07 -7.91 -44.09
N ASN E 105 13.77 -6.63 -43.88
CA ASN E 105 12.69 -6.24 -42.96
C ASN E 105 11.42 -5.69 -43.63
N HIS E 106 11.37 -5.71 -44.96
CA HIS E 106 10.20 -5.28 -45.73
C HIS E 106 9.89 -3.79 -45.62
N ARG E 107 10.90 -2.97 -45.34
CA ARG E 107 10.72 -1.53 -45.20
C ARG E 107 11.54 -0.72 -46.23
N SER E 108 12.08 -1.45 -47.21
CA SER E 108 13.02 -0.89 -48.17
C SER E 108 12.38 0.08 -49.15
N GLY E 109 11.10 -0.13 -49.44
CA GLY E 109 10.40 0.66 -50.44
C GLY E 109 10.65 0.17 -51.87
N LEU E 110 11.44 -0.89 -52.00
CA LEU E 110 11.74 -1.48 -53.30
C LEU E 110 10.50 -1.86 -54.10
N PRO E 111 10.52 -1.59 -55.43
CA PRO E 111 9.43 -2.01 -56.30
C PRO E 111 9.40 -3.54 -56.35
N ASP E 112 8.20 -4.11 -56.39
CA ASP E 112 8.07 -5.57 -56.38
C ASP E 112 7.72 -6.12 -57.76
N PHE E 113 8.02 -7.40 -57.95
CA PHE E 113 7.88 -8.08 -59.25
C PHE E 113 6.79 -9.15 -59.30
N GLU E 114 6.38 -9.66 -58.13
CA GLU E 114 5.46 -10.81 -58.06
C GLU E 114 4.09 -10.57 -58.69
N THR E 115 3.56 -9.36 -58.51
CA THR E 115 2.25 -9.02 -59.09
C THR E 115 2.29 -8.94 -60.62
N SER E 116 3.42 -8.54 -61.17
CA SER E 116 3.58 -8.41 -62.61
C SER E 116 3.91 -9.73 -63.35
N MET E 117 4.49 -10.70 -62.64
CA MET E 117 4.87 -12.00 -63.21
C MET E 117 3.70 -12.97 -63.42
N PRO E 118 3.55 -13.48 -64.67
CA PRO E 118 2.63 -14.59 -64.93
C PRO E 118 3.02 -15.84 -64.13
N MET E 119 2.02 -16.58 -63.67
CA MET E 119 2.24 -17.77 -62.86
C MET E 119 2.41 -19.00 -63.73
N ILE E 120 2.09 -18.87 -65.01
CA ILE E 120 2.25 -19.97 -65.97
C ILE E 120 3.28 -19.58 -67.04
N SER E 121 4.44 -20.24 -66.98
CA SER E 121 5.61 -19.85 -67.76
C SER E 121 6.74 -20.91 -67.68
N ASP E 122 7.36 -21.21 -68.81
CA ASP E 122 8.53 -22.09 -68.87
C ASP E 122 9.84 -21.30 -68.90
N LYS E 123 9.72 -19.98 -68.75
CA LYS E 123 10.86 -19.08 -68.74
C LYS E 123 11.84 -19.42 -67.61
N SER E 124 13.13 -19.21 -67.87
CA SER E 124 14.14 -19.26 -66.85
C SER E 124 14.61 -17.84 -66.56
N TRP E 125 14.28 -17.36 -65.36
CA TRP E 125 14.64 -16.01 -64.94
C TRP E 125 16.08 -15.91 -64.42
N THR E 126 16.57 -14.69 -64.38
CA THR E 126 17.87 -14.35 -63.83
C THR E 126 17.65 -13.33 -62.71
N ALA E 127 18.51 -13.37 -61.68
CA ALA E 127 18.44 -12.44 -60.56
C ALA E 127 18.43 -10.98 -61.02
N GLN E 128 19.45 -10.59 -61.79
CA GLN E 128 19.58 -9.19 -62.26
C GLN E 128 18.44 -8.79 -63.19
N GLU E 129 17.94 -9.76 -63.96
CA GLU E 129 16.75 -9.60 -64.79
C GLU E 129 15.50 -9.37 -63.93
N ILE E 130 15.41 -10.08 -62.80
CA ILE E 130 14.28 -9.90 -61.86
C ILE E 130 14.25 -8.50 -61.24
N VAL E 131 15.43 -7.98 -60.90
CA VAL E 131 15.58 -6.64 -60.33
C VAL E 131 15.16 -5.54 -61.32
N ASP E 132 15.72 -5.60 -62.54
CA ASP E 132 15.37 -4.66 -63.62
C ASP E 132 13.87 -4.72 -63.94
N PHE E 133 13.30 -5.91 -63.88
CA PHE E 133 11.86 -6.11 -64.11
C PHE E 133 11.00 -5.40 -63.05
N SER E 134 11.43 -5.47 -61.79
CA SER E 134 10.76 -4.82 -60.66
C SER E 134 10.71 -3.30 -60.80
N PHE E 135 11.86 -2.70 -61.11
CA PHE E 135 11.99 -1.26 -61.28
C PHE E 135 11.22 -0.73 -62.47
N ARG E 136 10.96 -1.61 -63.44
CA ARG E 136 10.16 -1.26 -64.62
C ARG E 136 8.64 -1.36 -64.38
N HIS E 137 8.21 -2.35 -63.59
CA HIS E 137 6.78 -2.66 -63.44
C HIS E 137 6.16 -2.27 -62.10
N GLY E 138 6.93 -2.39 -61.02
CA GLY E 138 6.44 -2.03 -59.68
C GLY E 138 6.59 -0.56 -59.28
N VAL E 139 6.17 -0.24 -58.05
CA VAL E 139 6.22 1.14 -57.54
C VAL E 139 7.25 1.29 -56.40
N GLN E 140 8.19 2.21 -56.56
CA GLN E 140 9.25 2.44 -55.57
C GLN E 140 8.91 3.54 -54.55
N LYS E 141 9.12 3.24 -53.28
CA LYS E 141 8.86 4.15 -52.18
C LYS E 141 10.16 4.55 -51.48
N GLU E 142 10.11 5.53 -50.58
CA GLU E 142 11.28 5.85 -49.75
C GLU E 142 11.59 4.70 -48.80
N PRO E 143 12.88 4.36 -48.65
CA PRO E 143 13.31 3.45 -47.58
C PRO E 143 12.74 3.89 -46.24
N TRP E 144 12.24 2.93 -45.45
CA TRP E 144 11.66 3.18 -44.11
C TRP E 144 10.27 3.85 -44.13
N HIS E 145 9.65 3.95 -45.31
CA HIS E 145 8.29 4.54 -45.42
C HIS E 145 7.33 3.86 -44.46
N GLY E 146 7.48 2.54 -44.34
CA GLY E 146 6.58 1.70 -43.55
C GLY E 146 6.81 0.27 -44.02
N MET E 147 6.06 -0.67 -43.48
CA MET E 147 6.22 -2.05 -43.89
C MET E 147 5.39 -2.36 -45.14
N GLU E 148 6.08 -2.80 -46.18
CA GLU E 148 5.38 -3.45 -47.28
C GLU E 148 6.18 -4.63 -47.78
N TYR E 149 5.51 -5.78 -47.79
CA TYR E 149 6.13 -7.04 -48.10
C TYR E 149 6.93 -6.90 -49.40
N SER E 150 8.20 -7.31 -49.33
CA SER E 150 9.14 -7.13 -50.43
C SER E 150 9.90 -8.42 -50.77
N ASN E 151 9.65 -8.93 -51.98
CA ASN E 151 10.39 -10.06 -52.55
C ASN E 151 11.73 -9.61 -53.14
N THR E 152 11.73 -8.42 -53.73
CA THR E 152 12.91 -7.81 -54.35
C THR E 152 14.10 -7.64 -53.39
N GLY E 153 13.81 -7.28 -52.14
CA GLY E 153 14.84 -7.20 -51.11
C GLY E 153 15.57 -8.51 -50.90
N TYR E 154 14.83 -9.61 -50.94
CA TYR E 154 15.41 -10.93 -50.76
C TYR E 154 16.19 -11.47 -51.98
N VAL E 155 15.77 -11.07 -53.18
CA VAL E 155 16.56 -11.29 -54.41
C VAL E 155 17.93 -10.57 -54.34
N LEU E 156 17.92 -9.31 -53.92
CA LEU E 156 19.15 -8.54 -53.72
C LEU E 156 20.04 -9.13 -52.63
N ALA E 157 19.43 -9.67 -51.57
CA ALA E 157 20.16 -10.34 -50.49
C ALA E 157 20.86 -11.59 -51.05
N GLY E 158 20.12 -12.35 -51.85
CA GLY E 158 20.67 -13.46 -52.66
C GLY E 158 21.90 -13.02 -53.46
N MET E 159 21.79 -11.87 -54.14
CA MET E 159 22.90 -11.33 -54.95
C MET E 159 24.11 -10.89 -54.10
N ILE E 160 23.86 -10.36 -52.90
CA ILE E 160 24.94 -10.08 -51.94
C ILE E 160 25.63 -11.37 -51.50
N ILE E 161 24.86 -12.42 -51.24
CA ILE E 161 25.46 -13.70 -50.91
C ILE E 161 26.26 -14.22 -52.11
N ALA E 162 25.60 -14.30 -53.28
CA ALA E 162 26.22 -14.76 -54.54
C ALA E 162 27.53 -14.06 -54.91
N HIS E 163 27.63 -12.76 -54.61
CA HIS E 163 28.86 -12.00 -54.87
C HIS E 163 29.93 -12.18 -53.79
N GLU E 164 29.51 -12.36 -52.54
CA GLU E 164 30.46 -12.57 -51.44
C GLU E 164 31.09 -13.97 -51.51
N THR E 165 30.26 -14.98 -51.78
CA THR E 165 30.76 -16.36 -51.77
C THR E 165 31.41 -16.74 -53.09
N GLY E 166 31.13 -15.98 -54.15
CA GLY E 166 31.65 -16.26 -55.50
C GLY E 166 30.87 -17.36 -56.22
N LYS E 167 29.82 -17.87 -55.57
CA LYS E 167 29.01 -18.97 -56.12
C LYS E 167 27.51 -18.73 -55.87
N PRO E 168 26.64 -19.26 -56.75
CA PRO E 168 25.19 -19.21 -56.54
C PRO E 168 24.80 -19.34 -55.06
N TYR E 169 23.84 -18.53 -54.60
CA TYR E 169 23.45 -18.54 -53.18
C TYR E 169 23.12 -19.94 -52.66
N SER E 170 22.70 -20.83 -53.58
CA SER E 170 22.39 -22.22 -53.28
C SER E 170 23.52 -22.97 -52.58
N ASP E 171 24.77 -22.70 -52.95
CA ASP E 171 25.92 -23.41 -52.37
C ASP E 171 26.25 -22.92 -50.96
N HIS E 172 26.12 -21.61 -50.75
CA HIS E 172 26.28 -21.02 -49.41
C HIS E 172 25.24 -21.61 -48.47
N LEU E 173 23.98 -21.61 -48.92
CA LEU E 173 22.87 -22.25 -48.18
C LEU E 173 23.03 -23.75 -47.95
N ARG E 174 23.61 -24.46 -48.91
CA ARG E 174 23.79 -25.92 -48.78
C ARG E 174 24.96 -26.29 -47.85
N SER E 175 26.08 -25.60 -48.01
CA SER E 175 27.30 -25.91 -47.27
C SER E 175 27.23 -25.43 -45.82
N ARG E 176 26.71 -24.22 -45.62
CA ARG E 176 26.64 -23.60 -44.30
C ARG E 176 25.37 -23.97 -43.52
N ILE E 177 24.37 -24.52 -44.21
CA ILE E 177 23.07 -24.81 -43.59
C ILE E 177 22.58 -26.25 -43.78
N PHE E 178 22.22 -26.64 -45.00
CA PHE E 178 21.57 -27.96 -45.21
C PHE E 178 22.47 -29.12 -44.80
N ALA E 179 23.72 -29.09 -45.27
CA ALA E 179 24.68 -30.19 -45.04
C ALA E 179 24.97 -30.46 -43.56
N PRO E 180 25.35 -29.41 -42.76
CA PRO E 180 25.59 -29.59 -41.32
C PRO E 180 24.39 -30.15 -40.52
N LEU E 181 23.19 -30.06 -41.08
CA LEU E 181 21.99 -30.54 -40.39
C LEU E 181 21.45 -31.83 -41.00
N GLY E 182 22.04 -32.26 -42.11
CA GLY E 182 21.58 -33.45 -42.80
C GLY E 182 20.22 -33.24 -43.43
N MET E 183 20.04 -32.06 -44.02
CA MET E 183 18.82 -31.75 -44.76
C MET E 183 19.00 -32.29 -46.18
N LYS E 184 18.52 -33.52 -46.40
CA LYS E 184 18.84 -34.22 -47.63
C LYS E 184 17.75 -34.16 -48.68
N ASP E 185 16.52 -33.89 -48.26
CA ASP E 185 15.42 -33.68 -49.19
C ASP E 185 15.08 -32.18 -49.37
N THR E 186 16.11 -31.33 -49.35
CA THR E 186 15.95 -29.87 -49.49
C THR E 186 16.74 -29.32 -50.68
N TRP E 187 16.05 -28.62 -51.58
CA TRP E 187 16.71 -28.03 -52.74
C TRP E 187 16.43 -26.54 -52.91
N VAL E 188 17.41 -25.82 -53.43
CA VAL E 188 17.25 -24.43 -53.87
C VAL E 188 17.01 -24.41 -55.39
N GLY E 189 15.73 -24.29 -55.75
CA GLY E 189 15.24 -24.57 -57.10
C GLY E 189 15.72 -23.72 -58.26
N THR E 190 16.25 -22.53 -57.97
CA THR E 190 16.80 -21.66 -59.00
C THR E 190 18.11 -22.21 -59.56
N HIS E 191 18.92 -22.79 -58.67
CA HIS E 191 20.27 -23.20 -59.03
C HIS E 191 20.54 -24.70 -58.90
N GLU E 192 19.50 -25.48 -58.59
CA GLU E 192 19.64 -26.91 -58.37
C GLU E 192 18.41 -27.65 -58.89
N THR E 193 18.64 -28.86 -59.39
CA THR E 193 17.57 -29.75 -59.85
C THR E 193 17.10 -30.61 -58.68
N PHE E 194 15.79 -30.74 -58.56
CA PHE E 194 15.17 -31.63 -57.58
C PHE E 194 14.34 -32.71 -58.30
N PRO E 195 14.27 -33.93 -57.72
CA PRO E 195 13.41 -35.02 -58.19
C PRO E 195 11.90 -34.67 -58.26
N ILE E 196 11.45 -34.35 -59.48
CA ILE E 196 10.07 -33.92 -59.75
C ILE E 196 9.00 -34.96 -59.38
N GLU E 197 9.36 -36.24 -59.42
CA GLU E 197 8.43 -37.34 -59.11
C GLU E 197 8.11 -37.49 -57.61
N ARG E 198 9.01 -36.96 -56.76
CA ARG E 198 8.84 -37.02 -55.30
C ARG E 198 7.89 -35.92 -54.78
N GLU E 199 7.66 -34.90 -55.59
CA GLU E 199 6.86 -33.75 -55.16
C GLU E 199 5.36 -34.03 -55.18
N ALA E 200 4.71 -33.81 -54.04
CA ALA E 200 3.25 -33.75 -53.96
C ALA E 200 2.73 -32.78 -55.02
N ARG E 201 1.65 -33.15 -55.69
CA ARG E 201 1.01 -32.26 -56.66
C ARG E 201 0.45 -31.01 -55.96
N GLY E 202 0.49 -29.86 -56.64
CA GLY E 202 -0.13 -28.65 -56.13
C GLY E 202 -1.48 -28.47 -56.78
N TYR E 203 -2.46 -28.02 -56.02
CA TYR E 203 -3.79 -27.78 -56.59
C TYR E 203 -4.32 -26.39 -56.33
N MET E 204 -4.60 -25.68 -57.42
CA MET E 204 -5.28 -24.40 -57.37
C MET E 204 -6.77 -24.64 -57.51
N HIS E 205 -7.54 -24.00 -56.64
CA HIS E 205 -8.99 -24.20 -56.59
C HIS E 205 -9.79 -23.14 -57.33
N ALA E 206 -10.93 -23.57 -57.86
CA ALA E 206 -11.88 -22.70 -58.57
C ALA E 206 -12.62 -21.80 -57.60
N TRP E 215 -1.45 -12.64 -58.29
CA TRP E 215 -0.83 -13.50 -59.29
C TRP E 215 -1.39 -13.27 -60.69
N ASP E 216 -1.05 -14.16 -61.62
CA ASP E 216 -1.61 -14.14 -62.97
C ASP E 216 -2.17 -15.51 -63.34
N SER E 218 -3.54 -16.75 -65.97
CA SER E 218 -4.10 -17.03 -67.28
C SER E 218 -3.24 -18.00 -68.07
N GLY E 219 -3.88 -18.75 -68.97
CA GLY E 219 -3.25 -19.89 -69.63
C GLY E 219 -3.59 -21.16 -68.87
N ALA E 220 -4.42 -21.02 -67.85
CA ALA E 220 -4.85 -22.13 -67.00
C ALA E 220 -5.86 -23.02 -67.71
N GLY E 221 -6.60 -22.43 -68.64
CA GLY E 221 -7.66 -23.15 -69.33
C GLY E 221 -8.75 -23.59 -68.38
N ASP E 222 -9.12 -24.87 -68.47
CA ASP E 222 -10.29 -25.40 -67.75
C ASP E 222 -9.93 -26.19 -66.49
N PRO E 223 -10.68 -25.94 -65.39
CA PRO E 223 -10.57 -26.72 -64.15
C PRO E 223 -11.17 -28.13 -64.27
N VAL E 224 -10.52 -29.10 -63.63
CA VAL E 224 -11.04 -30.48 -63.56
C VAL E 224 -11.41 -30.84 -62.12
N ASP E 225 -12.72 -30.90 -61.84
CA ASP E 225 -13.25 -31.08 -60.47
C ASP E 225 -13.11 -29.81 -59.62
N GLY E 226 -13.06 -28.65 -60.27
CA GLY E 226 -12.84 -27.38 -59.58
C GLY E 226 -11.41 -27.15 -59.11
N VAL E 227 -10.46 -27.86 -59.73
CA VAL E 227 -9.03 -27.67 -59.47
C VAL E 227 -8.20 -27.62 -60.77
N TRP E 228 -7.08 -26.90 -60.72
CA TRP E 228 -6.05 -27.03 -61.73
C TRP E 228 -4.83 -27.64 -61.05
N ASP E 229 -4.20 -28.59 -61.71
CA ASP E 229 -2.88 -29.03 -61.27
C ASP E 229 -1.89 -27.93 -61.66
N SER E 230 -1.26 -27.35 -60.63
CA SER E 230 -0.45 -26.15 -60.83
C SER E 230 0.97 -26.37 -60.35
N THR E 231 1.29 -27.65 -60.12
CA THR E 231 2.59 -28.09 -59.63
C THR E 231 3.74 -27.55 -60.47
N GLU E 232 3.53 -27.45 -61.78
CA GLU E 232 4.59 -27.02 -62.69
C GLU E 232 4.19 -25.80 -63.54
N TRP E 233 3.25 -25.01 -63.01
CA TRP E 233 2.85 -23.75 -63.63
C TRP E 233 4.00 -22.74 -63.62
N PHE E 234 4.44 -22.38 -62.42
CA PHE E 234 5.42 -21.32 -62.22
C PHE E 234 6.84 -21.87 -62.21
N PRO E 235 7.78 -21.18 -62.89
CA PRO E 235 9.17 -21.60 -62.80
C PRO E 235 9.76 -21.09 -61.51
N LEU E 236 10.41 -21.97 -60.74
CA LEU E 236 11.00 -21.58 -59.46
C LEU E 236 12.01 -20.45 -59.54
N SER E 237 12.69 -20.31 -60.67
CA SER E 237 13.64 -19.22 -60.89
C SER E 237 12.98 -17.83 -60.90
N GLY E 238 11.66 -17.82 -61.11
CA GLY E 238 10.88 -16.58 -61.07
C GLY E 238 10.75 -16.02 -59.65
N ALA E 239 10.74 -16.94 -58.67
CA ALA E 239 10.72 -16.56 -57.25
C ALA E 239 12.13 -16.28 -56.72
N ASN E 240 13.11 -17.03 -57.21
CA ASN E 240 14.51 -16.81 -56.87
C ASN E 240 14.67 -16.88 -55.34
N ALA E 241 15.52 -16.03 -54.77
CA ALA E 241 15.81 -16.01 -53.32
C ALA E 241 14.62 -15.62 -52.44
N ALA E 242 13.52 -15.24 -53.06
CA ALA E 242 12.29 -14.89 -52.37
C ALA E 242 11.29 -16.04 -52.22
N GLY E 243 11.55 -17.18 -52.87
CA GLY E 243 10.62 -18.31 -52.81
C GLY E 243 10.91 -19.54 -53.65
N ASP E 244 12.18 -19.80 -53.93
CA ASP E 244 12.55 -20.85 -54.91
C ASP E 244 12.84 -22.24 -54.34
N MET E 245 12.57 -22.46 -53.05
CA MET E 245 13.02 -23.68 -52.36
C MET E 245 12.01 -24.82 -52.30
N VAL E 246 12.55 -26.04 -52.32
CA VAL E 246 11.77 -27.28 -52.29
C VAL E 246 12.27 -28.06 -51.08
N SER E 247 11.36 -28.70 -50.34
CA SER E 247 11.73 -29.37 -49.10
C SER E 247 10.64 -30.30 -48.59
N THR E 248 10.84 -30.84 -47.39
CA THR E 248 9.82 -31.64 -46.71
C THR E 248 9.52 -30.98 -45.39
N PRO E 249 8.26 -31.09 -44.90
CA PRO E 249 8.03 -30.66 -43.52
C PRO E 249 9.13 -31.13 -42.56
N ARG E 250 9.63 -32.36 -42.76
CA ARG E 250 10.67 -32.95 -41.90
C ARG E 250 11.98 -32.16 -41.87
N ASP E 251 12.48 -31.80 -43.05
CA ASP E 251 13.73 -31.06 -43.17
C ASP E 251 13.65 -29.62 -42.66
N ILE E 252 12.45 -29.06 -42.71
CA ILE E 252 12.21 -27.67 -42.29
C ILE E 252 12.35 -27.55 -40.77
N VAL E 253 11.80 -28.53 -40.05
CA VAL E 253 11.88 -28.56 -38.60
C VAL E 253 13.32 -28.81 -38.12
N LYS E 254 14.13 -29.45 -38.96
CA LYS E 254 15.58 -29.58 -38.72
C LYS E 254 16.24 -28.20 -38.69
N PHE E 255 15.85 -27.34 -39.63
CA PHE E 255 16.32 -25.97 -39.66
C PHE E 255 15.84 -25.15 -38.45
N LEU E 256 14.53 -25.20 -38.15
CA LEU E 256 13.95 -24.44 -37.05
C LEU E 256 14.52 -24.85 -35.69
N ASN E 257 14.75 -26.14 -35.51
CA ASN E 257 15.39 -26.61 -34.29
C ASN E 257 16.78 -26.03 -34.10
N ALA E 258 17.64 -26.16 -35.11
CA ALA E 258 19.02 -25.65 -35.01
C ALA E 258 19.05 -24.12 -34.90
N LEU E 259 18.19 -23.45 -35.65
CA LEU E 259 18.09 -21.99 -35.59
C LEU E 259 17.75 -21.47 -34.19
N PHE E 260 16.60 -21.90 -33.66
CA PHE E 260 16.13 -21.40 -32.36
C PHE E 260 16.88 -21.97 -31.17
N ASP E 261 17.47 -23.15 -31.35
CA ASP E 261 18.30 -23.79 -30.32
C ASP E 261 19.77 -23.39 -30.43
N GLY E 262 20.02 -22.29 -31.14
CA GLY E 262 21.29 -21.59 -31.11
C GLY E 262 22.43 -22.13 -31.96
N ARG E 263 22.15 -23.09 -32.84
CA ARG E 263 23.24 -23.79 -33.53
C ARG E 263 23.66 -23.25 -34.92
N ILE E 264 22.90 -22.29 -35.46
CA ILE E 264 23.26 -21.67 -36.74
C ILE E 264 23.76 -20.24 -36.54
N LEU E 265 22.95 -19.41 -35.91
CA LEU E 265 23.26 -18.01 -35.73
C LEU E 265 23.70 -17.74 -34.31
N ASP E 266 24.76 -16.93 -34.15
CA ASP E 266 25.14 -16.45 -32.83
C ASP E 266 24.10 -15.48 -32.29
N GLN E 267 24.10 -15.34 -30.96
CA GLN E 267 23.11 -14.56 -30.21
C GLN E 267 22.59 -13.30 -30.89
N LYS E 268 23.52 -12.45 -31.32
CA LYS E 268 23.21 -11.17 -31.94
C LYS E 268 22.36 -11.34 -33.20
N ARG E 269 22.84 -12.17 -34.12
CA ARG E 269 22.19 -12.38 -35.40
C ARG E 269 20.86 -13.11 -35.30
N LEU E 270 20.74 -13.99 -34.32
CA LEU E 270 19.44 -14.62 -34.06
C LEU E 270 18.46 -13.55 -33.55
N TRP E 271 18.93 -12.67 -32.67
CA TRP E 271 18.09 -11.62 -32.10
C TRP E 271 17.60 -10.64 -33.17
N GLU E 272 18.52 -10.17 -34.01
CA GLU E 272 18.19 -9.40 -35.22
C GLU E 272 17.08 -10.07 -36.03
N MET E 273 17.17 -11.38 -36.18
CA MET E 273 16.27 -12.15 -37.02
C MET E 273 14.85 -12.28 -36.45
N LYS E 274 14.75 -12.58 -35.16
CA LYS E 274 13.46 -12.88 -34.53
C LYS E 274 12.92 -11.84 -33.54
N ASP E 275 13.77 -10.96 -33.01
CA ASP E 275 13.36 -10.08 -31.88
C ASP E 275 13.51 -8.58 -32.16
N ASN E 276 14.37 -8.24 -33.11
CA ASN E 276 14.45 -6.86 -33.55
C ASN E 276 13.28 -6.64 -34.53
N ILE E 277 12.08 -6.47 -33.97
CA ILE E 277 10.84 -6.46 -34.71
C ILE E 277 10.14 -5.09 -34.84
N LYS E 278 9.33 -4.98 -35.90
CA LYS E 278 8.39 -3.89 -36.12
C LYS E 278 7.09 -4.51 -36.64
N PRO E 279 5.97 -3.77 -36.57
CA PRO E 279 4.71 -4.27 -37.14
C PRO E 279 4.76 -4.65 -38.65
N ALA E 280 4.07 -5.73 -39.00
CA ALA E 280 4.07 -6.27 -40.37
C ALA E 280 2.68 -6.74 -40.76
N PHE E 281 2.36 -6.58 -42.04
CA PHE E 281 1.09 -7.02 -42.63
C PHE E 281 1.34 -7.96 -43.79
N PHE E 282 0.56 -9.04 -43.84
CA PHE E 282 0.47 -9.85 -45.05
C PHE E 282 -0.97 -10.24 -45.24
N PRO E 283 -1.55 -9.90 -46.42
CA PRO E 283 -2.98 -10.07 -46.67
C PRO E 283 -3.42 -11.52 -46.47
N GLY E 284 -4.43 -11.71 -45.62
CA GLY E 284 -5.03 -13.04 -45.38
C GLY E 284 -4.36 -13.90 -44.32
N SER E 285 -3.34 -13.36 -43.66
CA SER E 285 -2.58 -14.15 -42.68
C SER E 285 -2.76 -13.68 -41.23
N ASN E 286 -2.08 -14.37 -40.31
CA ASN E 286 -2.07 -14.00 -38.89
C ASN E 286 -0.87 -13.10 -38.54
N THR E 287 -0.10 -12.68 -39.56
CA THR E 287 1.10 -11.83 -39.38
C THR E 287 0.80 -10.50 -38.65
N VAL E 288 1.61 -10.19 -37.61
CA VAL E 288 1.53 -8.89 -36.89
C VAL E 288 2.86 -8.12 -36.80
N ALA E 289 3.97 -8.83 -37.07
CA ALA E 289 5.31 -8.23 -36.98
C ALA E 289 6.32 -9.05 -37.76
N ASN E 290 7.45 -8.44 -38.08
CA ASN E 290 8.58 -9.14 -38.68
C ASN E 290 9.90 -8.61 -38.16
N GLY E 291 10.91 -9.48 -38.12
CA GLY E 291 12.27 -9.07 -37.81
C GLY E 291 13.07 -8.96 -39.11
N HIS E 292 14.21 -9.67 -39.15
CA HIS E 292 15.10 -9.68 -40.30
C HIS E 292 15.28 -11.11 -40.81
N GLY E 293 14.15 -11.71 -41.20
CA GLY E 293 14.13 -13.06 -41.71
C GLY E 293 12.97 -13.89 -41.20
N LEU E 294 12.25 -13.36 -40.20
CA LEU E 294 11.16 -14.09 -39.56
C LEU E 294 9.91 -13.21 -39.40
N LEU E 295 8.75 -13.81 -39.62
CA LEU E 295 7.47 -13.14 -39.39
C LEU E 295 6.93 -13.56 -38.01
N LEU E 296 6.28 -12.64 -37.31
CA LEU E 296 5.52 -13.00 -36.12
C LEU E 296 4.02 -13.16 -36.46
N MET E 297 3.54 -14.39 -36.37
CA MET E 297 2.14 -14.69 -36.73
C MET E 297 1.40 -15.16 -35.49
N ARG E 298 0.26 -14.54 -35.22
CA ARG E 298 -0.50 -14.82 -33.99
C ARG E 298 -1.55 -15.92 -34.15
N TYR E 299 -1.59 -16.84 -33.20
CA TYR E 299 -2.60 -17.91 -33.20
C TYR E 299 -3.30 -17.99 -31.83
N GLY E 300 -4.38 -17.22 -31.67
CA GLY E 300 -5.02 -17.07 -30.37
C GLY E 300 -4.05 -16.56 -29.31
N SER E 301 -3.78 -17.42 -28.33
CA SER E 301 -2.88 -17.10 -27.21
C SER E 301 -1.46 -17.35 -27.65
N SER E 302 -1.33 -18.26 -28.61
CA SER E 302 -0.05 -18.71 -29.14
C SER E 302 0.41 -17.82 -30.28
N GLU E 303 1.70 -17.87 -30.58
CA GLU E 303 2.26 -17.17 -31.73
C GLU E 303 3.53 -17.84 -32.27
N LEU E 304 3.63 -17.96 -33.58
CA LEU E 304 4.80 -18.54 -34.24
C LEU E 304 5.76 -17.46 -34.68
N LYS E 305 7.05 -17.74 -34.49
CA LYS E 305 8.11 -16.98 -35.15
C LYS E 305 8.58 -17.85 -36.31
N GLY E 306 8.25 -17.44 -37.54
CA GLY E 306 8.58 -18.22 -38.73
C GLY E 306 8.23 -17.55 -40.04
N HIS E 307 7.36 -18.16 -40.81
CA HIS E 307 6.99 -17.65 -42.12
C HIS E 307 5.81 -18.38 -42.71
N LEU E 308 5.12 -17.70 -43.62
CA LEU E 308 4.11 -18.31 -44.47
C LEU E 308 4.71 -18.44 -45.87
N GLY E 309 4.22 -19.44 -46.62
CA GLY E 309 4.64 -19.65 -48.00
C GLY E 309 3.44 -19.85 -48.92
N GLN E 310 3.41 -19.09 -50.00
CA GLN E 310 2.38 -19.23 -51.02
C GLN E 310 2.97 -19.37 -52.42
N ILE E 311 2.69 -20.50 -53.04
CA ILE E 311 3.06 -20.75 -54.41
C ILE E 311 1.87 -21.56 -54.99
N PRO E 312 1.56 -21.38 -56.30
CA PRO E 312 0.33 -22.00 -56.81
C PRO E 312 0.22 -23.48 -56.44
N GLY E 313 -0.64 -23.77 -55.49
CA GLY E 313 -0.90 -25.14 -55.07
C GLY E 313 -0.30 -25.53 -53.74
N HIS E 314 0.80 -24.89 -53.34
CA HIS E 314 1.45 -25.22 -52.07
C HIS E 314 1.40 -24.09 -51.02
N THR E 315 0.46 -24.23 -50.08
CA THR E 315 0.26 -23.26 -49.00
C THR E 315 0.88 -23.76 -47.68
N SER E 316 1.86 -23.02 -47.18
CA SER E 316 2.69 -23.49 -46.05
C SER E 316 2.80 -22.51 -44.89
N ILE E 317 2.97 -23.08 -43.69
CA ILE E 317 3.24 -22.33 -42.47
C ILE E 317 4.36 -23.04 -41.71
N MET E 318 5.48 -22.35 -41.54
CA MET E 318 6.51 -22.79 -40.61
C MET E 318 6.69 -21.80 -39.46
N GLY E 319 7.08 -22.31 -38.30
CA GLY E 319 7.42 -21.46 -37.19
C GLY E 319 7.80 -22.19 -35.93
N ARG E 320 8.43 -21.45 -35.03
CA ARG E 320 8.66 -21.87 -33.67
C ARG E 320 7.68 -21.16 -32.75
N ASP E 321 6.93 -21.92 -31.97
CA ASP E 321 6.15 -21.37 -30.88
C ASP E 321 7.10 -21.15 -29.72
N GLU E 322 7.33 -19.90 -29.36
CA GLU E 322 8.33 -19.61 -28.35
C GLU E 322 7.77 -19.74 -26.93
N GLU E 323 6.45 -19.81 -26.81
CA GLU E 323 5.82 -20.27 -25.58
C GLU E 323 6.21 -21.73 -25.27
N THR E 324 5.64 -22.66 -26.05
CA THR E 324 5.77 -24.09 -25.84
C THR E 324 7.17 -24.62 -26.18
N GLY E 325 7.84 -23.97 -27.12
CA GLY E 325 9.14 -24.44 -27.60
C GLY E 325 9.01 -25.37 -28.80
N ALA E 326 7.80 -25.48 -29.33
CA ALA E 326 7.49 -26.37 -30.45
C ALA E 326 7.87 -25.77 -31.80
N ALA E 327 8.49 -26.59 -32.65
CA ALA E 327 8.78 -26.23 -34.03
C ALA E 327 7.88 -27.03 -34.94
N LEU E 328 7.33 -26.38 -35.95
CA LEU E 328 6.45 -27.08 -36.90
C LEU E 328 6.58 -26.57 -38.33
N MET E 329 6.26 -27.47 -39.27
CA MET E 329 6.01 -27.08 -40.65
C MET E 329 4.77 -27.82 -41.11
N LEU E 330 3.74 -27.06 -41.50
CA LEU E 330 2.53 -27.60 -42.11
C LEU E 330 2.39 -27.08 -43.53
N ILE E 331 2.34 -28.00 -44.49
CA ILE E 331 2.12 -27.64 -45.89
C ILE E 331 0.91 -28.37 -46.43
N GLN E 332 0.07 -27.65 -47.17
CA GLN E 332 -1.06 -28.26 -47.85
C GLN E 332 -0.91 -28.10 -49.36
N ASN E 333 -1.39 -29.10 -50.10
CA ASN E 333 -1.32 -29.05 -51.56
C ASN E 333 -2.63 -28.56 -52.21
N SER E 334 -3.32 -27.69 -51.47
CA SER E 334 -4.44 -26.91 -52.01
C SER E 334 -4.11 -25.40 -51.96
N GLY E 335 -4.61 -24.66 -52.95
CA GLY E 335 -4.36 -23.24 -53.07
C GLY E 335 -5.53 -22.51 -53.73
N ALA E 336 -5.41 -21.19 -53.83
CA ALA E 336 -6.36 -20.31 -54.52
C ALA E 336 -5.63 -19.02 -54.94
N GLY E 337 -6.31 -18.16 -55.70
CA GLY E 337 -5.71 -16.92 -56.17
C GLY E 337 -6.06 -15.71 -55.32
N ASP E 338 -7.03 -15.92 -54.42
CA ASP E 338 -7.54 -14.88 -53.51
C ASP E 338 -6.88 -15.06 -52.14
N PHE E 339 -6.29 -13.97 -51.63
CA PHE E 339 -5.67 -13.96 -50.28
C PHE E 339 -6.65 -14.41 -49.18
N GLU E 340 -7.91 -14.01 -49.31
CA GLU E 340 -8.96 -14.36 -48.34
C GLU E 340 -9.88 -15.50 -48.79
N SER E 341 -9.37 -16.38 -49.66
CA SER E 341 -10.07 -17.61 -49.96
C SER E 341 -9.81 -18.56 -48.78
N PHE E 342 -10.66 -19.55 -48.61
CA PHE E 342 -10.42 -20.57 -47.59
C PHE E 342 -9.15 -21.36 -47.90
N TYR E 343 -8.85 -21.52 -49.18
CA TYR E 343 -7.74 -22.37 -49.61
C TYR E 343 -6.33 -21.78 -49.42
N LEU E 344 -6.26 -20.47 -49.21
CA LEU E 344 -5.01 -19.80 -48.82
C LEU E 344 -5.02 -19.42 -47.32
N LYS E 345 -6.01 -18.62 -46.93
CA LYS E 345 -6.14 -18.10 -45.58
C LYS E 345 -6.48 -19.20 -44.57
N GLY E 346 -7.15 -20.24 -45.05
CA GLY E 346 -7.62 -21.33 -44.21
C GLY E 346 -6.53 -22.25 -43.69
N VAL E 347 -5.34 -22.20 -44.31
CA VAL E 347 -4.17 -22.96 -43.82
C VAL E 347 -3.86 -22.67 -42.34
N ASN E 348 -4.25 -21.50 -41.86
CA ASN E 348 -3.96 -21.06 -40.50
C ASN E 348 -4.79 -21.77 -39.45
N GLU E 349 -6.00 -22.18 -39.83
CA GLU E 349 -6.94 -22.91 -38.96
C GLU E 349 -6.34 -24.22 -38.40
N PRO E 350 -5.88 -25.14 -39.27
CA PRO E 350 -5.24 -26.34 -38.71
C PRO E 350 -4.09 -26.04 -37.76
N VAL E 351 -3.25 -25.05 -38.10
CA VAL E 351 -2.12 -24.65 -37.28
C VAL E 351 -2.59 -24.09 -35.93
N ASP E 352 -3.73 -23.40 -35.94
CA ASP E 352 -4.33 -22.85 -34.73
C ASP E 352 -4.75 -23.97 -33.79
N ARG E 353 -5.53 -24.92 -34.32
CA ARG E 353 -6.01 -26.09 -33.59
C ARG E 353 -4.87 -26.94 -33.03
N VAL E 354 -3.83 -27.13 -33.83
CA VAL E 354 -2.66 -27.92 -33.45
C VAL E 354 -2.02 -27.31 -32.21
N LEU E 355 -1.79 -26.00 -32.25
CA LEU E 355 -1.18 -25.27 -31.13
C LEU E 355 -2.01 -25.31 -29.85
N GLU E 356 -3.33 -25.18 -30.00
CA GLU E 356 -4.29 -25.31 -28.89
C GLU E 356 -4.16 -26.68 -28.24
N ALA E 357 -4.14 -27.72 -29.08
CA ALA E 357 -4.07 -29.10 -28.63
C ALA E 357 -2.75 -29.44 -27.95
N ILE E 358 -1.69 -28.74 -28.34
CA ILE E 358 -0.38 -28.87 -27.68
C ILE E 358 -0.43 -28.30 -26.25
N LYS E 359 -1.09 -27.15 -26.09
CA LYS E 359 -1.27 -26.52 -24.76
C LYS E 359 -1.71 -27.53 -23.69
N ASN E 360 -2.75 -28.31 -24.00
CA ASN E 360 -3.20 -29.42 -23.17
C ASN E 360 -2.07 -30.43 -22.97
N SER E 361 -1.36 -30.27 -21.84
CA SER E 361 -0.07 -30.92 -21.55
C SER E 361 1.09 -30.24 -22.27
N ILE F 8 -36.24 4.53 31.67
CA ILE F 8 -35.71 5.10 32.96
C ILE F 8 -36.58 4.70 34.14
N GLN F 9 -37.90 4.72 33.94
CA GLN F 9 -38.85 4.25 34.96
C GLN F 9 -38.77 2.73 35.12
N GLY F 10 -38.68 2.03 33.99
CA GLY F 10 -38.53 0.57 33.98
C GLY F 10 -37.35 0.13 34.81
N ILE F 11 -36.26 0.90 34.71
CA ILE F 11 -35.01 0.63 35.44
C ILE F 11 -35.16 0.82 36.96
N LEU F 12 -35.81 1.92 37.36
CA LEU F 12 -35.98 2.27 38.78
C LEU F 12 -36.95 1.35 39.49
N ASP F 13 -37.98 0.90 38.77
CA ASP F 13 -38.99 0.02 39.33
C ASP F 13 -38.51 -1.42 39.46
N ASP F 14 -37.69 -1.86 38.51
CA ASP F 14 -37.06 -3.19 38.55
C ASP F 14 -36.01 -3.28 39.64
N HIS F 15 -35.37 -2.15 39.92
CA HIS F 15 -34.41 -2.06 41.02
C HIS F 15 -35.09 -2.09 42.39
N VAL F 16 -36.22 -1.39 42.54
CA VAL F 16 -36.97 -1.44 43.80
C VAL F 16 -37.60 -2.81 44.03
N ALA F 17 -37.97 -3.50 42.94
CA ALA F 17 -38.54 -4.83 43.03
C ALA F 17 -37.44 -5.88 43.24
N ALA F 26 -32.84 12.29 39.69
CA ALA F 26 -32.58 13.41 38.76
C ALA F 26 -31.49 13.10 37.71
N LEU F 27 -31.65 13.70 36.53
CA LEU F 27 -30.74 13.51 35.39
C LEU F 27 -30.92 14.66 34.37
N CYS F 28 -29.82 15.06 33.74
CA CYS F 28 -29.85 16.14 32.77
C CYS F 28 -28.89 15.86 31.60
N GLU F 32 -30.58 21.33 27.50
CA GLU F 32 -31.67 20.75 28.28
C GLU F 32 -31.70 21.25 29.73
N GLU F 33 -32.59 20.63 30.52
CA GLU F 33 -32.67 20.86 31.97
C GLU F 33 -33.20 19.61 32.69
N THR F 34 -32.96 19.54 34.00
CA THR F 34 -33.10 18.30 34.78
C THR F 34 -34.54 17.76 34.89
N SER F 35 -34.70 16.48 34.54
CA SER F 35 -35.98 15.77 34.64
C SER F 35 -36.26 15.33 36.08
N PRO F 49 -45.01 7.62 49.52
CA PRO F 49 -44.45 7.74 48.18
C PRO F 49 -43.22 8.68 48.13
N MET F 50 -42.09 8.09 47.76
CA MET F 50 -40.84 8.81 47.50
C MET F 50 -40.99 9.89 46.42
N THR F 51 -40.61 11.12 46.75
CA THR F 51 -40.66 12.24 45.81
C THR F 51 -39.24 12.78 45.49
N GLY F 52 -39.19 13.81 44.64
CA GLY F 52 -37.92 14.45 44.27
C GLY F 52 -37.48 15.54 45.23
N ASP F 53 -38.29 15.80 46.23
CA ASP F 53 -38.03 16.84 47.23
C ASP F 53 -37.56 16.29 48.58
N HIS F 54 -37.55 14.96 48.69
CA HIS F 54 -37.01 14.27 49.86
C HIS F 54 -35.51 14.49 49.96
N LEU F 55 -35.04 14.77 51.16
CA LEU F 55 -33.60 15.03 51.38
C LEU F 55 -32.84 13.72 51.58
N PHE F 56 -31.56 13.73 51.23
CA PHE F 56 -30.72 12.57 51.45
C PHE F 56 -29.39 13.02 52.02
N ARG F 57 -28.86 12.20 52.91
CA ARG F 57 -27.49 12.32 53.36
C ARG F 57 -26.62 11.82 52.21
N ILE F 58 -26.09 12.77 51.43
CA ILE F 58 -25.30 12.47 50.22
C ILE F 58 -23.97 11.76 50.50
N ALA F 59 -23.51 11.81 51.76
CA ALA F 59 -22.27 11.15 52.21
C ALA F 59 -21.01 11.66 51.50
N SER F 60 -20.08 10.74 51.24
CA SER F 60 -18.79 11.03 50.59
C SER F 60 -18.83 12.06 49.48
N CYS F 61 -19.94 12.11 48.74
CA CYS F 61 -20.15 13.11 47.67
C CYS F 61 -19.89 14.56 48.10
N THR F 62 -19.79 14.76 49.41
CA THR F 62 -19.36 16.03 50.01
C THR F 62 -17.97 16.43 49.50
N LYS F 63 -17.07 15.44 49.42
CA LYS F 63 -15.66 15.64 49.03
C LYS F 63 -15.44 16.52 47.82
N SER F 64 -16.25 16.34 46.78
CA SER F 64 -16.19 17.19 45.57
C SER F 64 -16.36 18.66 45.90
N PHE F 65 -17.12 18.95 46.96
CA PHE F 65 -17.44 20.33 47.34
C PHE F 65 -16.31 21.05 48.08
N ILE F 66 -15.74 20.35 49.06
CA ILE F 66 -14.52 20.77 49.72
C ILE F 66 -13.42 21.07 48.69
N ALA F 67 -13.15 20.09 47.81
CA ALA F 67 -12.09 20.17 46.80
C ALA F 67 -12.19 21.43 45.98
N THR F 68 -13.41 21.68 45.49
CA THR F 68 -13.75 22.89 44.73
C THR F 68 -13.42 24.13 45.55
N GLY F 69 -13.91 24.16 46.80
CA GLY F 69 -13.55 25.20 47.76
C GLY F 69 -12.04 25.45 47.86
N LEU F 70 -11.28 24.42 48.20
CA LEU F 70 -9.80 24.55 48.28
C LEU F 70 -9.16 25.01 46.96
N HIS F 71 -9.66 24.50 45.83
CA HIS F 71 -9.21 24.96 44.51
C HIS F 71 -9.51 26.45 44.25
N LEU F 72 -10.64 26.95 44.76
CA LEU F 72 -10.92 28.40 44.70
C LEU F 72 -9.83 29.21 45.40
N LEU F 73 -9.38 28.74 46.57
CA LEU F 73 -8.30 29.38 47.32
C LEU F 73 -6.96 29.35 46.57
N VAL F 74 -6.72 28.28 45.82
CA VAL F 74 -5.53 28.19 44.94
C VAL F 74 -5.55 29.25 43.81
N GLN F 75 -6.72 29.43 43.18
CA GLN F 75 -6.93 30.49 42.18
C GLN F 75 -6.77 31.87 42.83
N ASP F 76 -7.39 32.03 44.00
CA ASP F 76 -7.24 33.25 44.82
C ASP F 76 -5.75 33.53 45.09
N GLY F 77 -4.94 32.49 45.13
CA GLY F 77 -3.48 32.64 45.22
C GLY F 77 -2.89 32.62 46.62
N THR F 78 -3.67 32.17 47.60
CA THR F 78 -3.23 32.05 49.00
C THR F 78 -2.84 30.60 49.37
N VAL F 79 -3.33 29.65 48.57
CA VAL F 79 -2.94 28.24 48.71
C VAL F 79 -2.25 27.77 47.42
N ASP F 80 -1.10 27.11 47.58
CA ASP F 80 -0.44 26.42 46.49
C ASP F 80 -0.63 24.91 46.64
N LEU F 81 -0.97 24.21 45.55
CA LEU F 81 -1.29 22.78 45.60
C LEU F 81 -0.10 21.90 45.93
N ASP F 82 1.10 22.43 45.67
CA ASP F 82 2.35 21.72 45.88
C ASP F 82 3.11 22.10 47.15
N GLU F 83 2.59 23.06 47.92
CA GLU F 83 3.26 23.47 49.15
C GLU F 83 2.97 22.48 50.27
N PRO F 84 3.91 22.35 51.23
CA PRO F 84 3.73 21.36 52.31
C PRO F 84 2.67 21.78 53.33
N ILE F 85 1.98 20.81 53.92
CA ILE F 85 0.84 21.11 54.79
C ILE F 85 1.25 21.45 56.24
N THR F 86 2.55 21.37 56.53
CA THR F 86 3.11 21.82 57.81
C THR F 86 2.75 23.27 58.12
N ARG F 87 2.48 24.05 57.09
CA ARG F 87 2.00 25.42 57.23
C ARG F 87 0.77 25.51 58.16
N TRP F 88 -0.19 24.59 57.99
CA TRP F 88 -1.42 24.59 58.79
C TRP F 88 -1.39 23.57 59.93
N PHE F 89 -0.70 22.46 59.72
CA PHE F 89 -0.69 21.37 60.69
C PHE F 89 0.75 20.90 60.95
N PRO F 90 1.55 21.75 61.63
CA PRO F 90 3.00 21.50 61.77
C PRO F 90 3.34 20.30 62.65
N ASP F 91 2.42 19.91 63.54
CA ASP F 91 2.63 18.75 64.45
C ASP F 91 2.18 17.42 63.86
N LEU F 92 1.28 17.47 62.87
CA LEU F 92 0.73 16.28 62.21
C LEU F 92 1.85 15.42 61.63
N PRO F 93 1.90 14.13 62.02
CA PRO F 93 2.98 13.24 61.57
C PRO F 93 3.04 13.11 60.05
N LYS F 94 4.24 13.24 59.51
CA LYS F 94 4.51 13.10 58.06
C LYS F 94 3.99 14.26 57.22
N ALA F 95 3.51 15.32 57.88
CA ALA F 95 2.92 16.50 57.21
C ALA F 95 3.91 17.19 56.29
N ALA F 96 5.19 17.11 56.63
CA ALA F 96 6.26 17.63 55.79
C ALA F 96 6.30 16.94 54.43
N GLN F 97 5.86 15.68 54.39
CA GLN F 97 5.86 14.87 53.17
C GLN F 97 4.55 14.94 52.41
N MET F 98 3.66 15.84 52.82
CA MET F 98 2.34 15.98 52.21
C MET F 98 2.17 17.35 51.54
N PRO F 99 2.13 17.39 50.19
CA PRO F 99 1.68 18.64 49.55
C PRO F 99 0.19 18.83 49.74
N VAL F 100 -0.29 20.06 49.57
CA VAL F 100 -1.73 20.34 49.69
C VAL F 100 -2.57 19.37 48.83
N ARG F 101 -2.10 19.12 47.60
CA ARG F 101 -2.83 18.28 46.65
C ARG F 101 -3.17 16.88 47.17
N ILE F 102 -2.33 16.37 48.08
CA ILE F 102 -2.43 15.00 48.60
C ILE F 102 -3.66 14.83 49.51
N LEU F 103 -4.17 15.94 50.03
CA LEU F 103 -5.39 15.94 50.84
C LEU F 103 -6.62 15.58 50.01
N LEU F 104 -6.47 15.73 48.69
CA LEU F 104 -7.59 15.64 47.72
C LEU F 104 -7.55 14.42 46.80
N ASN F 105 -6.37 13.80 46.64
CA ASN F 105 -6.16 12.75 45.65
C ASN F 105 -6.20 11.33 46.23
N HIS F 106 -6.60 11.22 47.48
CA HIS F 106 -6.67 9.93 48.19
C HIS F 106 -5.34 9.12 48.24
N ARG F 107 -4.21 9.82 48.20
CA ARG F 107 -2.91 9.15 48.29
C ARG F 107 -2.04 9.64 49.46
N SER F 108 -2.71 10.23 50.46
CA SER F 108 -2.04 10.81 51.65
C SER F 108 -1.43 9.79 52.62
N GLY F 109 -2.06 8.62 52.73
CA GLY F 109 -1.69 7.64 53.76
C GLY F 109 -2.29 8.00 55.11
N LEU F 110 -3.14 9.03 55.13
CA LEU F 110 -3.73 9.54 56.35
C LEU F 110 -4.57 8.51 57.09
N PRO F 111 -4.42 8.44 58.44
CA PRO F 111 -5.23 7.56 59.27
C PRO F 111 -6.68 7.88 59.05
N ASP F 112 -7.48 6.87 58.79
CA ASP F 112 -8.89 7.15 58.59
C ASP F 112 -9.67 6.81 59.86
N PHE F 113 -10.88 7.34 59.95
CA PHE F 113 -11.66 7.25 61.17
C PHE F 113 -12.87 6.34 61.07
N GLU F 114 -13.61 6.46 59.97
CA GLU F 114 -14.88 5.75 59.73
C GLU F 114 -14.96 4.34 60.34
N THR F 115 -14.00 3.48 60.03
CA THR F 115 -13.97 2.10 60.53
C THR F 115 -13.96 1.97 62.07
N SER F 116 -13.22 2.85 62.76
CA SER F 116 -13.11 2.82 64.21
C SER F 116 -14.28 3.50 64.92
N MET F 117 -15.05 4.28 64.17
CA MET F 117 -16.17 5.03 64.73
C MET F 117 -17.39 4.16 64.93
N PRO F 118 -18.08 4.33 66.07
CA PRO F 118 -19.39 3.69 66.30
C PRO F 118 -20.42 4.07 65.24
N MET F 119 -21.14 3.08 64.73
CA MET F 119 -22.18 3.29 63.72
C MET F 119 -23.43 4.00 64.30
N ILE F 120 -23.68 3.79 65.59
CA ILE F 120 -24.85 4.33 66.29
C ILE F 120 -24.45 5.16 67.52
N SER F 121 -24.55 6.49 67.42
CA SER F 121 -24.22 7.40 68.52
C SER F 121 -24.86 8.79 68.40
N ASP F 122 -25.04 9.44 69.56
CA ASP F 122 -25.59 10.79 69.65
C ASP F 122 -24.53 11.82 70.04
N LYS F 123 -23.29 11.57 69.60
CA LYS F 123 -22.17 12.45 69.87
C LYS F 123 -22.12 13.62 68.89
N SER F 124 -21.36 14.65 69.25
CA SER F 124 -21.09 15.74 68.33
C SER F 124 -19.57 15.91 68.27
N TRP F 125 -18.99 15.49 67.14
CA TRP F 125 -17.55 15.58 66.89
C TRP F 125 -17.13 16.98 66.47
N THR F 126 -15.91 17.35 66.85
CA THR F 126 -15.25 18.52 66.29
C THR F 126 -14.12 18.08 65.33
N ALA F 127 -13.89 18.89 64.30
CA ALA F 127 -12.84 18.63 63.28
C ALA F 127 -11.53 18.11 63.88
N GLN F 128 -10.95 18.85 64.82
CA GLN F 128 -9.67 18.46 65.41
C GLN F 128 -9.78 17.18 66.24
N GLU F 129 -10.98 16.87 66.73
CA GLU F 129 -11.21 15.63 67.49
C GLU F 129 -11.26 14.41 66.55
N ILE F 130 -11.81 14.62 65.35
CA ILE F 130 -11.77 13.62 64.27
C ILE F 130 -10.32 13.28 63.89
N VAL F 131 -9.50 14.32 63.68
CA VAL F 131 -8.10 14.17 63.32
C VAL F 131 -7.32 13.43 64.41
N ASP F 132 -7.60 13.78 65.67
CA ASP F 132 -6.96 13.11 66.82
C ASP F 132 -7.41 11.66 66.98
N PHE F 133 -8.71 11.40 66.85
CA PHE F 133 -9.25 10.04 66.90
C PHE F 133 -8.55 9.17 65.84
N SER F 134 -8.63 9.64 64.59
CA SER F 134 -7.98 9.00 63.45
C SER F 134 -6.57 8.53 63.76
N PHE F 135 -5.78 9.42 64.36
CA PHE F 135 -4.37 9.11 64.59
C PHE F 135 -4.14 8.07 65.68
N ARG F 136 -5.05 8.00 66.65
CA ARG F 136 -4.96 7.02 67.71
C ARG F 136 -5.55 5.68 67.21
N HIS F 137 -6.72 5.77 66.57
CA HIS F 137 -7.51 4.60 66.18
C HIS F 137 -7.50 4.23 64.69
N GLY F 138 -6.45 4.66 63.97
CA GLY F 138 -6.38 4.43 62.52
C GLY F 138 -4.98 4.04 62.09
N VAL F 139 -4.86 3.50 60.87
CA VAL F 139 -3.52 3.18 60.37
C VAL F 139 -3.06 4.27 59.40
N GLN F 140 -1.87 4.80 59.65
CA GLN F 140 -1.21 5.74 58.77
C GLN F 140 -0.21 5.00 57.90
N LYS F 141 -0.27 5.25 56.61
CA LYS F 141 0.75 4.79 55.66
C LYS F 141 1.64 5.97 55.25
N GLU F 142 2.68 5.69 54.47
CA GLU F 142 3.52 6.75 53.91
C GLU F 142 2.76 7.48 52.80
N PRO F 143 2.88 8.83 52.75
CA PRO F 143 2.30 9.63 51.66
C PRO F 143 2.77 9.14 50.29
N TRP F 144 1.85 9.09 49.33
CA TRP F 144 2.10 8.57 47.96
C TRP F 144 2.25 7.05 47.89
N HIS F 145 1.91 6.35 48.97
CA HIS F 145 2.01 4.89 49.08
C HIS F 145 1.27 4.17 47.95
N GLY F 146 0.18 4.78 47.49
CA GLY F 146 -0.77 4.19 46.56
C GLY F 146 -2.09 4.91 46.79
N MET F 147 -3.16 4.41 46.19
CA MET F 147 -4.48 5.01 46.37
C MET F 147 -5.27 4.24 47.43
N GLU F 148 -5.78 4.98 48.40
CA GLU F 148 -6.60 4.44 49.48
C GLU F 148 -7.53 5.56 49.89
N TYR F 149 -8.83 5.38 49.65
CA TYR F 149 -9.86 6.40 49.92
C TYR F 149 -9.67 7.00 51.31
N SER F 150 -9.65 8.33 51.37
CA SER F 150 -9.28 9.04 52.59
C SER F 150 -10.30 10.09 52.97
N ASN F 151 -10.97 9.84 54.09
CA ASN F 151 -11.90 10.79 54.68
C ASN F 151 -11.17 11.93 55.41
N THR F 152 -10.19 11.56 56.23
CA THR F 152 -9.35 12.49 57.01
C THR F 152 -8.69 13.61 56.20
N GLY F 153 -8.31 13.30 54.96
CA GLY F 153 -7.68 14.29 54.06
C GLY F 153 -8.59 15.46 53.75
N TYR F 154 -9.87 15.15 53.53
CA TYR F 154 -10.88 16.18 53.31
C TYR F 154 -11.31 16.90 54.59
N VAL F 155 -11.19 16.22 55.73
CA VAL F 155 -11.32 16.88 57.04
C VAL F 155 -10.25 17.98 57.18
N LEU F 156 -9.01 17.64 56.85
CA LEU F 156 -7.89 18.58 56.89
C LEU F 156 -7.99 19.65 55.82
N ALA F 157 -8.59 19.31 54.68
CA ALA F 157 -8.86 20.29 53.63
C ALA F 157 -9.88 21.36 54.07
N GLY F 158 -10.92 20.92 54.78
CA GLY F 158 -11.90 21.83 55.37
C GLY F 158 -11.27 22.79 56.39
N MET F 159 -10.37 22.27 57.22
CA MET F 159 -9.60 23.07 58.18
C MET F 159 -8.67 24.12 57.55
N ILE F 160 -8.18 23.86 56.33
CA ILE F 160 -7.42 24.87 55.58
C ILE F 160 -8.37 25.97 55.08
N ILE F 161 -9.55 25.54 54.63
CA ILE F 161 -10.64 26.44 54.23
C ILE F 161 -11.11 27.28 55.44
N ALA F 162 -11.48 26.62 56.54
CA ALA F 162 -11.94 27.30 57.75
C ALA F 162 -10.93 28.31 58.30
N HIS F 163 -9.67 27.91 58.35
CA HIS F 163 -8.56 28.75 58.79
C HIS F 163 -8.36 30.02 57.96
N GLU F 164 -8.17 29.85 56.65
CA GLU F 164 -7.80 30.95 55.75
C GLU F 164 -8.93 31.98 55.57
N THR F 165 -10.17 31.50 55.57
CA THR F 165 -11.33 32.38 55.45
C THR F 165 -11.71 33.05 56.78
N GLY F 166 -11.37 32.40 57.90
CA GLY F 166 -11.67 32.94 59.23
C GLY F 166 -13.04 32.52 59.73
N LYS F 167 -13.76 31.79 58.89
CA LYS F 167 -15.11 31.28 59.18
C LYS F 167 -15.12 29.76 59.07
N PRO F 168 -16.18 29.09 59.55
CA PRO F 168 -16.34 27.65 59.31
C PRO F 168 -16.42 27.32 57.80
N TYR F 169 -15.96 26.13 57.40
CA TYR F 169 -15.99 25.75 55.97
C TYR F 169 -17.40 25.76 55.36
N SER F 170 -18.41 25.60 56.21
CA SER F 170 -19.81 25.65 55.79
C SER F 170 -20.18 26.99 55.16
N ASP F 171 -19.47 28.05 55.56
CA ASP F 171 -19.64 29.38 54.99
C ASP F 171 -19.19 29.42 53.52
N HIS F 172 -18.01 28.86 53.27
CA HIS F 172 -17.36 28.89 51.94
C HIS F 172 -18.16 28.17 50.83
N LEU F 173 -18.71 27.00 51.18
CA LEU F 173 -19.50 26.18 50.26
C LEU F 173 -20.90 26.76 50.00
N ARG F 174 -21.44 27.48 50.97
CA ARG F 174 -22.67 28.23 50.79
C ARG F 174 -22.42 29.46 49.95
N SER F 175 -21.51 30.33 50.42
CA SER F 175 -21.29 31.65 49.83
C SER F 175 -20.70 31.64 48.42
N ARG F 176 -19.95 30.58 48.08
CA ARG F 176 -19.30 30.54 46.75
C ARG F 176 -19.70 29.37 45.84
N ILE F 177 -20.52 28.46 46.35
CA ILE F 177 -21.04 27.33 45.54
C ILE F 177 -22.57 27.15 45.62
N PHE F 178 -23.12 27.03 46.83
CA PHE F 178 -24.58 26.78 46.97
C PHE F 178 -25.42 27.98 46.55
N ALA F 179 -25.10 29.15 47.10
CA ALA F 179 -25.89 30.36 46.85
C ALA F 179 -25.76 30.96 45.42
N PRO F 180 -24.51 31.17 44.91
CA PRO F 180 -24.32 31.90 43.64
C PRO F 180 -24.96 31.21 42.43
N LEU F 181 -25.46 30.01 42.66
CA LEU F 181 -26.31 29.31 41.72
C LEU F 181 -27.72 29.42 42.30
N GLY F 182 -28.06 28.46 43.17
CA GLY F 182 -29.34 28.45 43.87
C GLY F 182 -29.70 27.09 44.41
N MET F 183 -28.82 26.55 45.27
CA MET F 183 -29.03 25.22 45.87
C MET F 183 -29.70 25.29 47.25
N LYS F 184 -31.04 25.34 47.21
CA LYS F 184 -31.86 25.62 48.39
C LYS F 184 -32.11 24.42 49.32
N ASP F 185 -31.91 23.20 48.80
CA ASP F 185 -32.12 21.97 49.58
C ASP F 185 -30.81 21.37 50.12
N THR F 186 -29.73 22.18 50.10
CA THR F 186 -28.38 21.68 50.40
C THR F 186 -27.80 22.20 51.73
N TRP F 187 -27.55 21.29 52.67
CA TRP F 187 -27.02 21.64 54.00
C TRP F 187 -25.70 20.96 54.38
N VAL F 188 -24.92 21.64 55.22
CA VAL F 188 -23.66 21.12 55.74
C VAL F 188 -23.84 20.66 57.20
N GLY F 189 -24.19 19.38 57.35
CA GLY F 189 -24.57 18.75 58.62
C GLY F 189 -23.83 19.08 59.90
N THR F 190 -22.49 19.10 59.84
CA THR F 190 -21.63 19.42 61.00
C THR F 190 -21.84 20.85 61.53
N HIS F 191 -22.18 21.79 60.64
CA HIS F 191 -22.32 23.20 61.04
C HIS F 191 -23.70 23.84 60.80
N GLU F 192 -24.58 23.15 60.08
CA GLU F 192 -25.93 23.67 59.81
C GLU F 192 -27.02 22.61 60.01
N THR F 193 -28.12 23.04 60.64
CA THR F 193 -29.27 22.18 60.91
C THR F 193 -30.26 22.19 59.74
N PHE F 194 -30.54 21.00 59.21
CA PHE F 194 -31.46 20.85 58.08
C PHE F 194 -32.84 20.39 58.58
N PRO F 195 -33.92 20.68 57.82
CA PRO F 195 -35.26 20.22 58.21
C PRO F 195 -35.36 18.70 58.12
N ILE F 196 -35.28 18.03 59.27
CA ILE F 196 -35.21 16.56 59.36
C ILE F 196 -36.28 15.86 58.51
N GLU F 197 -37.53 15.96 58.96
CA GLU F 197 -38.69 15.32 58.33
C GLU F 197 -38.74 15.40 56.79
N ARG F 198 -38.06 16.38 56.21
CA ARG F 198 -38.01 16.54 54.75
C ARG F 198 -37.08 15.53 54.06
N GLU F 199 -36.40 14.71 54.87
CA GLU F 199 -35.48 13.70 54.35
C GLU F 199 -36.13 12.30 54.23
N ALA F 200 -35.61 11.51 53.30
CA ALA F 200 -36.02 10.13 53.17
C ALA F 200 -35.40 9.29 54.29
N ARG F 201 -36.08 8.21 54.66
CA ARG F 201 -35.56 7.28 55.64
C ARG F 201 -34.50 6.38 54.98
N GLY F 202 -33.49 6.00 55.74
CA GLY F 202 -32.49 5.04 55.28
C GLY F 202 -32.73 3.68 55.90
N TYR F 203 -32.47 2.62 55.13
CA TYR F 203 -32.72 1.26 55.62
C TYR F 203 -31.51 0.34 55.49
N MET F 204 -31.39 -0.58 56.44
CA MET F 204 -30.28 -1.56 56.47
C MET F 204 -30.82 -2.99 56.42
N HIS F 205 -30.10 -3.86 55.71
CA HIS F 205 -30.51 -5.26 55.57
C HIS F 205 -29.32 -6.19 55.76
N ASP F 229 -34.46 0.62 60.07
CA ASP F 229 -34.37 2.05 59.79
C ASP F 229 -33.25 2.71 60.59
N SER F 230 -32.32 3.34 59.87
CA SER F 230 -31.06 3.80 60.46
C SER F 230 -30.75 5.29 60.24
N THR F 231 -31.77 6.08 59.92
CA THR F 231 -31.59 7.49 59.53
C THR F 231 -30.81 8.31 60.57
N GLU F 232 -31.10 8.11 61.85
CA GLU F 232 -30.46 8.88 62.93
C GLU F 232 -29.55 8.02 63.81
N TRP F 233 -28.83 7.10 63.17
CA TRP F 233 -27.81 6.28 63.83
C TRP F 233 -26.53 7.08 64.01
N PHE F 234 -25.85 7.33 62.90
CA PHE F 234 -24.54 8.00 62.83
C PHE F 234 -24.70 9.53 62.77
N PRO F 235 -23.96 10.28 63.63
CA PRO F 235 -24.01 11.74 63.64
C PRO F 235 -23.29 12.34 62.44
N LEU F 236 -23.83 13.42 61.88
CA LEU F 236 -23.23 14.05 60.70
C LEU F 236 -21.83 14.63 60.97
N SER F 237 -21.68 15.26 62.15
CA SER F 237 -20.39 15.79 62.61
C SER F 237 -19.30 14.73 62.69
N GLY F 238 -19.72 13.48 62.89
CA GLY F 238 -18.82 12.33 62.90
C GLY F 238 -18.16 12.11 61.56
N ALA F 239 -18.85 12.55 60.50
CA ALA F 239 -18.34 12.49 59.15
C ALA F 239 -17.56 13.74 58.76
N ASN F 240 -18.12 14.91 59.08
CA ASN F 240 -17.50 16.21 58.74
C ASN F 240 -17.35 16.40 57.22
N ALA F 241 -16.34 17.17 56.80
CA ALA F 241 -16.07 17.51 55.38
C ALA F 241 -15.76 16.30 54.48
N ALA F 242 -15.54 15.14 55.09
CA ALA F 242 -15.47 13.87 54.39
C ALA F 242 -16.83 13.44 53.81
N GLY F 243 -17.90 13.63 54.59
CA GLY F 243 -19.25 13.23 54.16
C GLY F 243 -20.44 13.63 55.03
N ASP F 244 -20.54 14.91 55.38
CA ASP F 244 -21.63 15.40 56.23
C ASP F 244 -22.83 16.04 55.51
N MET F 245 -22.75 16.13 54.18
CA MET F 245 -23.74 16.94 53.43
C MET F 245 -25.08 16.27 53.17
N VAL F 246 -26.11 17.11 53.06
CA VAL F 246 -27.51 16.68 52.88
C VAL F 246 -28.14 17.44 51.70
N SER F 247 -28.79 16.71 50.79
CA SER F 247 -29.51 17.36 49.69
C SER F 247 -30.40 16.40 48.87
N THR F 248 -30.98 16.94 47.80
CA THR F 248 -31.71 16.17 46.80
C THR F 248 -30.84 16.01 45.53
N PRO F 249 -31.11 14.97 44.70
CA PRO F 249 -30.49 14.83 43.37
C PRO F 249 -30.61 16.07 42.45
N ARG F 250 -31.62 16.91 42.69
CA ARG F 250 -31.84 18.13 41.90
C ARG F 250 -30.68 19.12 42.05
N ASP F 251 -30.28 19.37 43.30
CA ASP F 251 -29.19 20.30 43.62
C ASP F 251 -27.82 19.77 43.21
N ILE F 252 -27.63 18.46 43.42
CA ILE F 252 -26.38 17.79 43.09
C ILE F 252 -26.08 17.95 41.60
N VAL F 253 -27.09 17.68 40.78
CA VAL F 253 -27.01 17.87 39.31
C VAL F 253 -26.94 19.35 38.94
N LYS F 254 -27.43 20.23 39.82
CA LYS F 254 -27.22 21.67 39.67
C LYS F 254 -25.73 22.00 39.74
N PHE F 255 -25.06 21.44 40.75
CA PHE F 255 -23.62 21.66 40.98
C PHE F 255 -22.76 21.10 39.84
N LEU F 256 -23.04 19.84 39.47
CA LEU F 256 -22.29 19.11 38.45
C LEU F 256 -22.19 19.92 37.16
N ASN F 257 -23.31 20.25 36.54
CA ASN F 257 -23.32 21.10 35.35
C ASN F 257 -22.55 22.41 35.56
N ALA F 258 -22.79 23.08 36.68
CA ALA F 258 -22.11 24.34 37.01
C ALA F 258 -20.58 24.25 36.92
N LEU F 259 -20.02 23.21 37.55
CA LEU F 259 -18.57 23.04 37.64
C LEU F 259 -17.89 22.74 36.30
N PHE F 260 -18.43 21.75 35.58
CA PHE F 260 -17.87 21.31 34.31
C PHE F 260 -17.99 22.36 33.21
N ASP F 261 -19.07 23.14 33.27
CA ASP F 261 -19.32 24.21 32.29
C ASP F 261 -18.34 25.38 32.40
N GLY F 262 -17.42 25.30 33.36
CA GLY F 262 -16.37 26.30 33.54
C GLY F 262 -16.77 27.54 34.33
N ARG F 263 -17.87 27.45 35.08
CA ARG F 263 -18.36 28.59 35.85
C ARG F 263 -17.59 28.82 37.16
N ILE F 264 -17.63 27.83 38.06
CA ILE F 264 -16.99 27.94 39.38
C ILE F 264 -15.45 28.03 39.28
N LEU F 265 -14.81 26.98 38.77
CA LEU F 265 -13.35 26.88 38.69
C LEU F 265 -12.78 27.28 37.33
N ASP F 266 -11.61 27.92 37.36
CA ASP F 266 -10.92 28.33 36.13
C ASP F 266 -10.27 27.14 35.38
N GLN F 267 -9.57 27.45 34.28
CA GLN F 267 -8.96 26.44 33.40
C GLN F 267 -8.11 25.38 34.14
N LYS F 268 -6.99 25.83 34.71
CA LYS F 268 -6.00 24.95 35.35
C LYS F 268 -6.50 24.15 36.57
N ARG F 269 -7.39 24.74 37.35
CA ARG F 269 -7.86 24.12 38.59
C ARG F 269 -8.91 23.07 38.32
N LEU F 270 -9.66 23.29 37.25
CA LEU F 270 -10.63 22.31 36.78
C LEU F 270 -9.87 21.13 36.16
N TRP F 271 -8.75 21.42 35.51
CA TRP F 271 -7.86 20.36 35.02
C TRP F 271 -7.30 19.53 36.17
N GLU F 272 -6.74 20.21 37.18
CA GLU F 272 -6.24 19.53 38.38
C GLU F 272 -7.31 18.63 38.97
N MET F 273 -8.53 19.16 39.01
CA MET F 273 -9.68 18.47 39.59
C MET F 273 -10.14 17.23 38.82
N LYS F 274 -10.29 17.37 37.49
CA LYS F 274 -10.89 16.31 36.66
C LYS F 274 -9.93 15.53 35.76
N ASP F 275 -8.88 16.20 35.27
CA ASP F 275 -7.99 15.64 34.25
C ASP F 275 -6.63 15.11 34.75
N ASN F 276 -6.14 15.65 35.87
CA ASN F 276 -4.88 15.20 36.44
C ASN F 276 -5.08 13.97 37.31
N ILE F 277 -5.35 12.85 36.65
CA ILE F 277 -5.82 11.62 37.28
C ILE F 277 -4.76 10.55 37.46
N LYS F 278 -5.00 9.68 38.44
CA LYS F 278 -4.25 8.45 38.64
C LYS F 278 -5.30 7.40 38.96
N PRO F 279 -4.95 6.11 38.84
CA PRO F 279 -5.91 5.05 39.20
C PRO F 279 -6.45 5.15 40.64
N ALA F 280 -7.76 4.90 40.78
CA ALA F 280 -8.45 4.91 42.08
C ALA F 280 -9.41 3.74 42.26
N PHE F 281 -9.47 3.23 43.49
CA PHE F 281 -10.41 2.18 43.88
C PHE F 281 -11.31 2.62 45.05
N PHE F 282 -12.58 2.23 44.98
CA PHE F 282 -13.55 2.43 46.07
C PHE F 282 -14.51 1.23 46.06
N PRO F 283 -14.44 0.37 47.11
CA PRO F 283 -15.25 -0.86 47.19
C PRO F 283 -16.72 -0.68 46.77
N GLY F 284 -17.24 -1.68 46.06
CA GLY F 284 -18.65 -1.72 45.66
C GLY F 284 -18.98 -0.67 44.62
N SER F 285 -17.95 -0.08 44.03
CA SER F 285 -18.12 1.00 43.06
C SER F 285 -17.55 0.69 41.67
N ASN F 286 -17.89 1.56 40.71
CA ASN F 286 -17.37 1.51 39.35
C ASN F 286 -16.20 2.50 39.13
N THR F 287 -15.62 2.94 40.24
CA THR F 287 -14.46 3.84 40.27
C THR F 287 -13.23 3.19 39.63
N VAL F 288 -12.60 3.91 38.73
CA VAL F 288 -11.37 3.44 38.12
C VAL F 288 -10.22 4.44 38.31
N ALA F 289 -10.57 5.70 38.55
CA ALA F 289 -9.61 6.78 38.67
C ALA F 289 -10.15 7.98 39.49
N ASN F 290 -9.27 8.90 39.85
CA ASN F 290 -9.67 10.16 40.45
C ASN F 290 -8.66 11.28 40.18
N GLY F 291 -9.16 12.51 40.16
CA GLY F 291 -8.32 13.70 40.09
C GLY F 291 -8.07 14.29 41.49
N HIS F 292 -8.47 15.54 41.66
CA HIS F 292 -8.38 16.21 42.95
C HIS F 292 -9.75 16.82 43.29
N GLY F 293 -10.72 15.96 43.58
CA GLY F 293 -12.11 16.38 43.74
C GLY F 293 -13.13 15.50 43.04
N LEU F 294 -12.73 14.90 41.92
CA LEU F 294 -13.61 14.08 41.10
C LEU F 294 -13.09 12.65 40.98
N LEU F 295 -14.00 11.69 41.02
CA LEU F 295 -13.65 10.30 40.70
C LEU F 295 -14.08 9.99 39.27
N LEU F 296 -13.41 9.02 38.65
CA LEU F 296 -13.82 8.49 37.35
C LEU F 296 -14.43 7.11 37.57
N MET F 297 -15.71 6.98 37.22
CA MET F 297 -16.44 5.74 37.41
C MET F 297 -16.90 5.23 36.04
N ARG F 298 -16.68 3.95 35.76
CA ARG F 298 -16.99 3.37 34.43
C ARG F 298 -18.22 2.48 34.35
N TYR F 299 -19.26 3.00 33.71
CA TYR F 299 -20.48 2.23 33.43
C TYR F 299 -20.55 1.86 31.95
N GLY F 300 -20.10 0.65 31.62
CA GLY F 300 -20.07 0.15 30.24
C GLY F 300 -19.12 0.90 29.32
N SER F 301 -19.69 1.65 28.38
CA SER F 301 -18.92 2.46 27.43
C SER F 301 -18.83 3.88 27.95
N SER F 302 -19.52 4.10 29.06
CA SER F 302 -19.74 5.43 29.62
C SER F 302 -18.98 5.58 30.93
N GLU F 303 -18.32 6.73 31.07
CA GLU F 303 -17.58 7.05 32.29
C GLU F 303 -17.95 8.38 32.92
N LEU F 304 -18.40 8.30 34.16
CA LEU F 304 -18.78 9.48 34.93
C LEU F 304 -17.60 10.07 35.68
N LYS F 305 -17.53 11.39 35.67
CA LYS F 305 -16.57 12.14 36.45
C LYS F 305 -17.31 12.78 37.64
N GLY F 306 -17.39 12.06 38.77
CA GLY F 306 -18.15 12.51 39.96
C GLY F 306 -17.90 11.78 41.29
N HIS F 307 -18.97 11.43 42.00
CA HIS F 307 -18.84 10.76 43.31
C HIS F 307 -19.89 9.69 43.68
N LEU F 308 -19.63 8.98 44.79
CA LEU F 308 -20.61 8.06 45.35
C LEU F 308 -20.79 8.21 46.87
N GLY F 309 -22.05 8.40 47.29
CA GLY F 309 -22.44 8.43 48.70
C GLY F 309 -22.60 7.04 49.30
N GLN F 310 -22.43 6.94 50.62
CA GLN F 310 -22.26 5.65 51.26
C GLN F 310 -22.09 5.74 52.81
N ILE F 311 -23.15 6.19 53.51
CA ILE F 311 -23.27 6.00 54.96
C ILE F 311 -24.65 5.40 55.30
N PRO F 312 -24.75 4.57 56.37
CA PRO F 312 -25.92 3.74 56.70
C PRO F 312 -27.31 4.22 56.22
N GLY F 313 -27.91 3.45 55.31
CA GLY F 313 -29.25 3.76 54.80
C GLY F 313 -29.35 4.48 53.45
N HIS F 314 -28.53 5.51 53.23
CA HIS F 314 -28.54 6.28 51.98
C HIS F 314 -27.33 5.98 51.13
N THR F 315 -27.56 5.59 49.88
CA THR F 315 -26.49 5.26 48.94
C THR F 315 -26.73 6.00 47.60
N SER F 316 -25.74 6.77 47.18
CA SER F 316 -25.88 7.66 46.02
C SER F 316 -24.73 7.57 45.00
N ILE F 317 -25.00 8.10 43.80
CA ILE F 317 -24.04 8.20 42.71
C ILE F 317 -24.28 9.50 41.96
N MET F 318 -23.31 10.41 42.02
CA MET F 318 -23.35 11.60 41.16
C MET F 318 -22.18 11.56 40.18
N GLY F 319 -22.33 12.27 39.05
CA GLY F 319 -21.27 12.34 38.05
C GLY F 319 -21.75 12.83 36.71
N ARG F 320 -20.83 13.38 35.92
CA ARG F 320 -21.11 13.80 34.54
C ARG F 320 -20.40 12.91 33.52
N ASP F 321 -21.12 12.54 32.46
CA ASP F 321 -20.57 11.85 31.31
C ASP F 321 -19.97 12.88 30.38
N GLU F 322 -18.65 12.93 30.30
CA GLU F 322 -17.97 13.89 29.44
C GLU F 322 -18.07 13.52 27.95
N GLU F 323 -18.52 12.30 27.67
CA GLU F 323 -18.75 11.86 26.30
C GLU F 323 -20.02 12.47 25.70
N THR F 324 -21.05 12.61 26.53
CA THR F 324 -22.36 13.09 26.09
C THR F 324 -22.69 14.49 26.64
N GLY F 325 -22.56 14.68 27.95
CA GLY F 325 -22.93 15.94 28.62
C GLY F 325 -23.94 15.74 29.75
N ALA F 326 -24.32 14.49 29.99
CA ALA F 326 -25.33 14.15 30.99
C ALA F 326 -24.79 14.09 32.44
N ALA F 327 -25.48 14.78 33.34
CA ALA F 327 -25.12 14.79 34.76
C ALA F 327 -26.23 14.15 35.58
N LEU F 328 -25.88 13.16 36.39
CA LEU F 328 -26.90 12.42 37.16
C LEU F 328 -26.68 12.43 38.70
N MET F 329 -27.77 12.19 39.44
CA MET F 329 -27.68 11.85 40.85
C MET F 329 -28.76 10.84 41.24
N LEU F 330 -28.41 9.56 41.16
CA LEU F 330 -29.30 8.47 41.55
C LEU F 330 -29.10 8.13 43.03
N ILE F 331 -30.09 8.49 43.85
CA ILE F 331 -30.03 8.21 45.28
C ILE F 331 -31.04 7.14 45.70
N GLN F 332 -30.54 6.09 46.34
CA GLN F 332 -31.39 5.04 46.91
C GLN F 332 -31.44 5.08 48.45
N ASN F 333 -32.55 4.62 49.02
CA ASN F 333 -32.81 4.74 50.46
C ASN F 333 -32.66 3.43 51.24
N SER F 334 -32.07 2.43 50.60
CA SER F 334 -31.67 1.18 51.27
C SER F 334 -30.14 1.06 51.25
N GLY F 335 -29.59 0.19 52.10
CA GLY F 335 -28.15 0.02 52.19
C GLY F 335 -27.70 -1.18 53.01
N ALA F 336 -26.38 -1.26 53.24
CA ALA F 336 -25.76 -2.36 53.97
C ALA F 336 -24.29 -2.03 54.20
N GLY F 337 -23.79 -2.42 55.37
CA GLY F 337 -22.36 -2.33 55.69
C GLY F 337 -21.64 -3.56 55.18
N ASP F 338 -21.72 -3.76 53.86
CA ASP F 338 -21.18 -4.92 53.17
C ASP F 338 -21.25 -4.69 51.66
N SER F 341 -22.58 -7.22 49.14
CA SER F 341 -24.03 -7.12 49.22
C SER F 341 -24.64 -6.26 48.11
N PHE F 342 -25.88 -6.59 47.76
CA PHE F 342 -26.68 -5.86 46.78
C PHE F 342 -27.02 -4.46 47.29
N TYR F 343 -27.60 -4.40 48.49
CA TYR F 343 -28.21 -3.19 49.05
C TYR F 343 -27.20 -2.09 49.34
N GLY F 346 -23.13 -2.20 43.23
CA GLY F 346 -24.21 -2.40 44.18
C GLY F 346 -25.36 -1.47 43.84
N VAL F 347 -25.19 -0.21 44.20
CA VAL F 347 -26.12 0.86 43.80
C VAL F 347 -25.93 1.16 42.29
N ASN F 348 -24.87 0.56 41.74
CA ASN F 348 -24.40 0.79 40.37
C ASN F 348 -25.18 0.06 39.26
N GLU F 349 -26.01 -0.90 39.64
CA GLU F 349 -26.88 -1.63 38.69
C GLU F 349 -27.78 -0.71 37.84
N PRO F 350 -28.63 0.13 38.48
CA PRO F 350 -29.50 1.01 37.71
C PRO F 350 -28.76 2.14 36.99
N VAL F 351 -27.59 2.51 37.51
CA VAL F 351 -26.78 3.57 36.92
C VAL F 351 -26.22 3.15 35.55
N ASP F 352 -25.82 1.88 35.45
CA ASP F 352 -25.35 1.33 34.18
C ASP F 352 -26.49 1.22 33.17
N ARG F 353 -27.66 0.76 33.63
CA ARG F 353 -28.86 0.67 32.80
C ARG F 353 -29.36 2.03 32.30
N VAL F 354 -29.33 3.05 33.17
CA VAL F 354 -29.73 4.41 32.82
C VAL F 354 -28.83 5.01 31.72
N LEU F 355 -27.51 4.89 31.92
CA LEU F 355 -26.51 5.37 30.95
C LEU F 355 -26.49 4.59 29.63
N GLU F 356 -26.69 3.27 29.70
CA GLU F 356 -26.82 2.45 28.49
C GLU F 356 -27.96 2.94 27.60
N ALA F 357 -29.08 3.31 28.23
CA ALA F 357 -30.26 3.80 27.52
C ALA F 357 -30.11 5.20 26.93
N ILE F 358 -29.06 5.92 27.35
CA ILE F 358 -28.86 7.30 26.89
C ILE F 358 -28.30 7.37 25.46
#